data_2C9Q
# 
_entry.id   2C9Q 
# 
_audit_conform.dict_name       mmcif_pdbx.dic 
_audit_conform.dict_version    5.382 
_audit_conform.dict_location   http://mmcif.pdb.org/dictionaries/ascii/mmcif_pdbx.dic 
# 
loop_
_database_2.database_id 
_database_2.database_code 
_database_2.pdbx_database_accession 
_database_2.pdbx_DOI 
PDB   2C9Q         pdb_00002c9q 10.2210/pdb2c9q/pdb 
PDBE  EBI-26836    ?            ?                   
WWPDB D_1290026836 ?            ?                   
# 
loop_
_pdbx_database_related.db_name 
_pdbx_database_related.db_id 
_pdbx_database_related.content_type 
_pdbx_database_related.details 
PDB 1M42 unspecified 'SOLUTION STRUCTURE OF APOCOPC FROM PSEUDOMONAS SYRINGAE'     
PDB 1NM4 unspecified 'SOLUTION STRUCTURE OF CU(I)-COPC FROM PSEUDOMONAS SYRINGAE'  
PDB 1OT4 unspecified 'SOLUTION STRUCTURE OF CU(II)-COPC FROM PSEUDOMONAS SYRINGAE' 
PDB 2C9P unspecified 'CU(I)CU(II)-COPC AT PH 4.5'                                  
PDB 2C9R unspecified 'APO-H91F COPC'                                               
# 
_pdbx_database_status.status_code                     REL 
_pdbx_database_status.entry_id                        2C9Q 
_pdbx_database_status.deposit_site                    PDBE 
_pdbx_database_status.process_site                    PDBE 
_pdbx_database_status.SG_entry                        . 
_pdbx_database_status.recvd_initial_deposition_date   2005-12-14 
_pdbx_database_status.pdb_format_compatible           Y 
_pdbx_database_status.status_code_sf                  REL 
_pdbx_database_status.status_code_mr                  ? 
_pdbx_database_status.status_code_cs                  ? 
_pdbx_database_status.methods_development_category    ? 
_pdbx_database_status.status_code_nmr_data            ? 
# 
loop_
_audit_author.name 
_audit_author.pdbx_ordinal 
'Zhang, L.'   1 
'Koay, M.'    2 
'Maher, M.J.' 3 
'Xiao, Z.'    4 
'Wedd, A.G.'  5 
# 
_citation.id                        primary 
_citation.title                     
;Intermolecular Transfer of Copper Ions from the Copc Protein of Pseudomonas Syringae. Crystal Structures of Fully Loaded Cu(I)Cu(II) Forms.
;
_citation.journal_abbrev            J.Am.Chem.Soc. 
_citation.journal_volume            128 
_citation.page_first                5834 
_citation.page_last                 ? 
_citation.year                      2006 
_citation.journal_id_ASTM           JACSAT 
_citation.country                   US 
_citation.journal_id_ISSN           0002-7863 
_citation.journal_id_CSD            0004 
_citation.book_publisher            ? 
_citation.pdbx_database_id_PubMed   16637653 
_citation.pdbx_database_id_DOI      10.1021/JA058528X 
# 
loop_
_citation_author.citation_id 
_citation_author.name 
_citation_author.ordinal 
_citation_author.identifier_ORCID 
primary 'Zhang, L.'   1 ? 
primary 'Koay, M.'    2 ? 
primary 'Maher, M.J.' 3 ? 
primary 'Xiao, Z.'    4 ? 
primary 'Wedd, A.G.'  5 ? 
# 
_cell.entry_id           2C9Q 
_cell.length_a           55.781 
_cell.length_b           55.781 
_cell.length_c           60.261 
_cell.angle_alpha        90.00 
_cell.angle_beta         90.00 
_cell.angle_gamma        90.00 
_cell.Z_PDB              8 
_cell.pdbx_unique_axis   ? 
# 
_symmetry.entry_id                         2C9Q 
_symmetry.space_group_name_H-M             'P 43 21 2' 
_symmetry.pdbx_full_space_group_name_H-M   ? 
_symmetry.cell_setting                     ? 
_symmetry.Int_Tables_number                96 
# 
loop_
_entity.id 
_entity.type 
_entity.src_method 
_entity.pdbx_description 
_entity.formula_weight 
_entity.pdbx_number_of_molecules 
_entity.pdbx_ec 
_entity.pdbx_mutation 
_entity.pdbx_fragment 
_entity.details 
1 polymer     man 'COPPER RESISTANCE PROTEIN C' 10547.078 1  ? ? ? ? 
2 non-polymer syn 'COPPER (II) ION'             63.546    2  ? ? ? ? 
3 water       nat water                         18.015    83 ? ? ? ? 
# 
_entity_name_com.entity_id   1 
_entity_name_com.name        COPC 
# 
_entity_poly.entity_id                      1 
_entity_poly.type                           'polypeptide(L)' 
_entity_poly.nstd_linkage                   no 
_entity_poly.nstd_monomer                   no 
_entity_poly.pdbx_seq_one_letter_code       
;HPKLVSSTPAEGSEGAAPAKIELHFSENLVTQFSGAKLVMTAMPGMEHSPMAVKAAVSGGGDPKTMVITPASPLTAGTYK
VDWRAVSSDTHPITGSVTFKVK
;
_entity_poly.pdbx_seq_one_letter_code_can   
;HPKLVSSTPAEGSEGAAPAKIELHFSENLVTQFSGAKLVMTAMPGMEHSPMAVKAAVSGGGDPKTMVITPASPLTAGTYK
VDWRAVSSDTHPITGSVTFKVK
;
_entity_poly.pdbx_strand_id                 A 
_entity_poly.pdbx_target_identifier         ? 
# 
loop_
_entity_poly_seq.entity_id 
_entity_poly_seq.num 
_entity_poly_seq.mon_id 
_entity_poly_seq.hetero 
1 1   HIS n 
1 2   PRO n 
1 3   LYS n 
1 4   LEU n 
1 5   VAL n 
1 6   SER n 
1 7   SER n 
1 8   THR n 
1 9   PRO n 
1 10  ALA n 
1 11  GLU n 
1 12  GLY n 
1 13  SER n 
1 14  GLU n 
1 15  GLY n 
1 16  ALA n 
1 17  ALA n 
1 18  PRO n 
1 19  ALA n 
1 20  LYS n 
1 21  ILE n 
1 22  GLU n 
1 23  LEU n 
1 24  HIS n 
1 25  PHE n 
1 26  SER n 
1 27  GLU n 
1 28  ASN n 
1 29  LEU n 
1 30  VAL n 
1 31  THR n 
1 32  GLN n 
1 33  PHE n 
1 34  SER n 
1 35  GLY n 
1 36  ALA n 
1 37  LYS n 
1 38  LEU n 
1 39  VAL n 
1 40  MET n 
1 41  THR n 
1 42  ALA n 
1 43  MET n 
1 44  PRO n 
1 45  GLY n 
1 46  MET n 
1 47  GLU n 
1 48  HIS n 
1 49  SER n 
1 50  PRO n 
1 51  MET n 
1 52  ALA n 
1 53  VAL n 
1 54  LYS n 
1 55  ALA n 
1 56  ALA n 
1 57  VAL n 
1 58  SER n 
1 59  GLY n 
1 60  GLY n 
1 61  GLY n 
1 62  ASP n 
1 63  PRO n 
1 64  LYS n 
1 65  THR n 
1 66  MET n 
1 67  VAL n 
1 68  ILE n 
1 69  THR n 
1 70  PRO n 
1 71  ALA n 
1 72  SER n 
1 73  PRO n 
1 74  LEU n 
1 75  THR n 
1 76  ALA n 
1 77  GLY n 
1 78  THR n 
1 79  TYR n 
1 80  LYS n 
1 81  VAL n 
1 82  ASP n 
1 83  TRP n 
1 84  ARG n 
1 85  ALA n 
1 86  VAL n 
1 87  SER n 
1 88  SER n 
1 89  ASP n 
1 90  THR n 
1 91  HIS n 
1 92  PRO n 
1 93  ILE n 
1 94  THR n 
1 95  GLY n 
1 96  SER n 
1 97  VAL n 
1 98  THR n 
1 99  PHE n 
1 100 LYS n 
1 101 VAL n 
1 102 LYS n 
# 
_entity_src_gen.entity_id                          1 
_entity_src_gen.pdbx_src_id                        1 
_entity_src_gen.pdbx_alt_source_flag               sample 
_entity_src_gen.pdbx_seq_type                      ? 
_entity_src_gen.pdbx_beg_seq_num                   ? 
_entity_src_gen.pdbx_end_seq_num                   ? 
_entity_src_gen.gene_src_common_name               ? 
_entity_src_gen.gene_src_genus                     ? 
_entity_src_gen.pdbx_gene_src_gene                 ? 
_entity_src_gen.gene_src_species                   ? 
_entity_src_gen.gene_src_strain                    ? 
_entity_src_gen.gene_src_tissue                    ? 
_entity_src_gen.gene_src_tissue_fraction           ? 
_entity_src_gen.gene_src_details                   ? 
_entity_src_gen.pdbx_gene_src_fragment             ? 
_entity_src_gen.pdbx_gene_src_scientific_name      'PSEUDOMONAS SYRINGAE PV. TOMATO' 
_entity_src_gen.pdbx_gene_src_ncbi_taxonomy_id     323 
_entity_src_gen.pdbx_gene_src_variant              ? 
_entity_src_gen.pdbx_gene_src_cell_line            ? 
_entity_src_gen.pdbx_gene_src_atcc                 ? 
_entity_src_gen.pdbx_gene_src_organ                ? 
_entity_src_gen.pdbx_gene_src_organelle            ? 
_entity_src_gen.pdbx_gene_src_cell                 ? 
_entity_src_gen.pdbx_gene_src_cellular_location    ? 
_entity_src_gen.host_org_common_name               ? 
_entity_src_gen.pdbx_host_org_scientific_name      'ESCHERICHIA COLI' 
_entity_src_gen.pdbx_host_org_ncbi_taxonomy_id     562 
_entity_src_gen.host_org_genus                     ? 
_entity_src_gen.pdbx_host_org_gene                 ? 
_entity_src_gen.pdbx_host_org_organ                ? 
_entity_src_gen.host_org_species                   ? 
_entity_src_gen.pdbx_host_org_tissue               ? 
_entity_src_gen.pdbx_host_org_tissue_fraction      ? 
_entity_src_gen.pdbx_host_org_strain               ? 
_entity_src_gen.pdbx_host_org_variant              ? 
_entity_src_gen.pdbx_host_org_cell_line            ? 
_entity_src_gen.pdbx_host_org_atcc                 ? 
_entity_src_gen.pdbx_host_org_culture_collection   ? 
_entity_src_gen.pdbx_host_org_cell                 ? 
_entity_src_gen.pdbx_host_org_organelle            ? 
_entity_src_gen.pdbx_host_org_cellular_location    ? 
_entity_src_gen.pdbx_host_org_vector_type          ? 
_entity_src_gen.pdbx_host_org_vector               ? 
_entity_src_gen.host_org_details                   ? 
_entity_src_gen.expression_system_id               ? 
_entity_src_gen.plasmid_name                       ? 
_entity_src_gen.plasmid_details                    ? 
_entity_src_gen.pdbx_description                   ? 
# 
_struct_ref.id                         1 
_struct_ref.db_name                    UNP 
_struct_ref.db_code                    COPC_PSESM 
_struct_ref.entity_id                  1 
_struct_ref.pdbx_seq_one_letter_code   ? 
_struct_ref.pdbx_align_begin           ? 
_struct_ref.pdbx_db_accession          P12376 
_struct_ref.pdbx_db_isoform            ? 
# 
_struct_ref_seq.align_id                      1 
_struct_ref_seq.ref_id                        1 
_struct_ref_seq.pdbx_PDB_id_code              2C9Q 
_struct_ref_seq.pdbx_strand_id                A 
_struct_ref_seq.seq_align_beg                 1 
_struct_ref_seq.pdbx_seq_align_beg_ins_code   ? 
_struct_ref_seq.seq_align_end                 102 
_struct_ref_seq.pdbx_seq_align_end_ins_code   ? 
_struct_ref_seq.pdbx_db_accession             P12376 
_struct_ref_seq.db_align_beg                  25 
_struct_ref_seq.pdbx_db_align_beg_ins_code    ? 
_struct_ref_seq.db_align_end                  126 
_struct_ref_seq.pdbx_db_align_end_ins_code    ? 
_struct_ref_seq.pdbx_auth_seq_align_beg       1 
_struct_ref_seq.pdbx_auth_seq_align_end       102 
# 
loop_
_chem_comp.id 
_chem_comp.type 
_chem_comp.mon_nstd_flag 
_chem_comp.name 
_chem_comp.pdbx_synonyms 
_chem_comp.formula 
_chem_comp.formula_weight 
ALA 'L-peptide linking' y ALANINE           ? 'C3 H7 N O2'     89.093  
ARG 'L-peptide linking' y ARGININE          ? 'C6 H15 N4 O2 1' 175.209 
ASN 'L-peptide linking' y ASPARAGINE        ? 'C4 H8 N2 O3'    132.118 
ASP 'L-peptide linking' y 'ASPARTIC ACID'   ? 'C4 H7 N O4'     133.103 
CU  non-polymer         . 'COPPER (II) ION' ? 'Cu 2'           63.546  
GLN 'L-peptide linking' y GLUTAMINE         ? 'C5 H10 N2 O3'   146.144 
GLU 'L-peptide linking' y 'GLUTAMIC ACID'   ? 'C5 H9 N O4'     147.129 
GLY 'peptide linking'   y GLYCINE           ? 'C2 H5 N O2'     75.067  
HIS 'L-peptide linking' y HISTIDINE         ? 'C6 H10 N3 O2 1' 156.162 
HOH non-polymer         . WATER             ? 'H2 O'           18.015  
ILE 'L-peptide linking' y ISOLEUCINE        ? 'C6 H13 N O2'    131.173 
LEU 'L-peptide linking' y LEUCINE           ? 'C6 H13 N O2'    131.173 
LYS 'L-peptide linking' y LYSINE            ? 'C6 H15 N2 O2 1' 147.195 
MET 'L-peptide linking' y METHIONINE        ? 'C5 H11 N O2 S'  149.211 
PHE 'L-peptide linking' y PHENYLALANINE     ? 'C9 H11 N O2'    165.189 
PRO 'L-peptide linking' y PROLINE           ? 'C5 H9 N O2'     115.130 
SER 'L-peptide linking' y SERINE            ? 'C3 H7 N O3'     105.093 
THR 'L-peptide linking' y THREONINE         ? 'C4 H9 N O3'     119.119 
TRP 'L-peptide linking' y TRYPTOPHAN        ? 'C11 H12 N2 O2'  204.225 
TYR 'L-peptide linking' y TYROSINE          ? 'C9 H11 N O3'    181.189 
VAL 'L-peptide linking' y VALINE            ? 'C5 H11 N O2'    117.146 
# 
_exptl.entry_id          2C9Q 
_exptl.method            'X-RAY DIFFRACTION' 
_exptl.crystals_number   1 
# 
_exptl_crystal.id                    1 
_exptl_crystal.density_meas          ? 
_exptl_crystal.density_Matthews      1.95 
_exptl_crystal.density_percent_sol   36.32 
_exptl_crystal.description           ? 
# 
_exptl_crystal_grow.crystal_id      1 
_exptl_crystal_grow.method          ? 
_exptl_crystal_grow.temp            ? 
_exptl_crystal_grow.temp_details    ? 
_exptl_crystal_grow.pH              7.50 
_exptl_crystal_grow.pdbx_pH_range   ? 
_exptl_crystal_grow.pdbx_details    '2.0 M AMMONIUM SULFATE, 0.1 M SODIUM HEPES, PH 7.5, 2% (W/V) PEG 400' 
# 
_diffrn.id                     1 
_diffrn.ambient_temp           100.0 
_diffrn.ambient_temp_details   ? 
_diffrn.crystal_id             1 
# 
_diffrn_detector.diffrn_id              1 
_diffrn_detector.detector               'IMAGE PLATE' 
_diffrn_detector.type                   MARRESEARCH 
_diffrn_detector.pdbx_collection_date   ? 
_diffrn_detector.details                'OSMIC MIRRORS' 
# 
_diffrn_radiation.diffrn_id                        1 
_diffrn_radiation.wavelength_id                    1 
_diffrn_radiation.pdbx_monochromatic_or_laue_m_l   M 
_diffrn_radiation.monochromator                    'NI FILTER' 
_diffrn_radiation.pdbx_diffrn_protocol             'SINGLE WAVELENGTH' 
_diffrn_radiation.pdbx_scattering_type             x-ray 
# 
_diffrn_radiation_wavelength.id           1 
_diffrn_radiation_wavelength.wavelength   1.5412 
_diffrn_radiation_wavelength.wt           1.0 
# 
_diffrn_source.diffrn_id                   1 
_diffrn_source.source                      'ROTATING ANODE' 
_diffrn_source.type                        'RIGAKU RU200' 
_diffrn_source.pdbx_synchrotron_site       ? 
_diffrn_source.pdbx_synchrotron_beamline   ? 
_diffrn_source.pdbx_wavelength             1.5412 
_diffrn_source.pdbx_wavelength_list        ? 
# 
_reflns.pdbx_diffrn_id               1 
_reflns.pdbx_ordinal                 1 
_reflns.entry_id                     2C9Q 
_reflns.observed_criterion_sigma_I   0.000 
_reflns.observed_criterion_sigma_F   ? 
_reflns.d_resolution_low             50.000 
_reflns.d_resolution_high            1.600 
_reflns.number_obs                   13027 
_reflns.number_all                   ? 
_reflns.percent_possible_obs         99.6 
_reflns.pdbx_Rmerge_I_obs            0.07000 
_reflns.pdbx_Rsym_value              ? 
_reflns.pdbx_netI_over_sigmaI        33.0000 
_reflns.B_iso_Wilson_estimate        ? 
_reflns.pdbx_redundancy              13.200 
# 
_reflns_shell.pdbx_diffrn_id         1 
_reflns_shell.pdbx_ordinal           1 
_reflns_shell.d_res_high             1.60 
_reflns_shell.d_res_low              1.66 
_reflns_shell.percent_possible_all   100.0 
_reflns_shell.Rmerge_I_obs           0.32000 
_reflns_shell.pdbx_Rsym_value        ? 
_reflns_shell.meanI_over_sigI_obs    7.900 
_reflns_shell.pdbx_redundancy        11.00 
# 
_refine.pdbx_refine_id                           'X-RAY DIFFRACTION' 
_refine.entry_id                                 2C9Q 
_refine.pdbx_diffrn_id                           1 
_refine.pdbx_TLS_residual_ADP_flag               ? 
_refine.ls_number_reflns_obs                     12349 
_refine.ls_number_reflns_all                     ? 
_refine.pdbx_ls_sigma_I                          ? 
_refine.pdbx_ls_sigma_F                          ? 
_refine.pdbx_data_cutoff_high_absF               ? 
_refine.pdbx_data_cutoff_low_absF                ? 
_refine.pdbx_data_cutoff_high_rms_absF           ? 
_refine.ls_d_res_low                             40.00 
_refine.ls_d_res_high                            1.60 
_refine.ls_percent_reflns_obs                    99.4 
_refine.ls_R_factor_obs                          0.189 
_refine.ls_R_factor_all                          ? 
_refine.ls_R_factor_R_work                       0.187 
_refine.ls_R_factor_R_free                       0.225 
_refine.ls_R_factor_R_free_error                 ? 
_refine.ls_R_factor_R_free_error_details         ? 
_refine.ls_percent_reflns_R_free                 4.900 
_refine.ls_number_reflns_R_free                  633 
_refine.ls_number_parameters                     ? 
_refine.ls_number_restraints                     ? 
_refine.occupancy_min                            ? 
_refine.occupancy_max                            ? 
_refine.correlation_coeff_Fo_to_Fc               0.958 
_refine.correlation_coeff_Fo_to_Fc_free          0.954 
_refine.B_iso_mean                               21.23 
_refine.aniso_B[1][1]                            0.58000 
_refine.aniso_B[2][2]                            0.58000 
_refine.aniso_B[3][3]                            -1.15000 
_refine.aniso_B[1][2]                            0.00000 
_refine.aniso_B[1][3]                            0.00000 
_refine.aniso_B[2][3]                            0.00000 
_refine.solvent_model_details                    'BABINET MODEL WITH MASK' 
_refine.solvent_model_param_ksol                 ? 
_refine.solvent_model_param_bsol                 ? 
_refine.pdbx_solvent_vdw_probe_radii             1.20 
_refine.pdbx_solvent_ion_probe_radii             0.80 
_refine.pdbx_solvent_shrinkage_radii             0.80 
_refine.pdbx_ls_cross_valid_method               THROUGHOUT 
_refine.details                                  'HYDROGENS HAVE BEEN ADDED IN THE RIDING POSITIONS.' 
_refine.pdbx_starting_model                      'PDB ENTRY 2C9P' 
_refine.pdbx_method_to_determine_struct          'MOLECULAR REPLACEMENT' 
_refine.pdbx_isotropic_thermal_model             ? 
_refine.pdbx_stereochemistry_target_values       'MAXIMUM LIKELIHOOD' 
_refine.pdbx_stereochem_target_val_spec_case     ? 
_refine.pdbx_R_Free_selection_details            RANDOM 
_refine.pdbx_overall_ESU_R                       0.095 
_refine.pdbx_overall_ESU_R_Free                  0.097 
_refine.overall_SU_ML                            0.059 
_refine.pdbx_overall_phase_error                 ? 
_refine.overall_SU_B                             3.297 
_refine.overall_SU_R_Cruickshank_DPI             ? 
_refine.pdbx_overall_SU_R_free_Cruickshank_DPI   ? 
_refine.pdbx_overall_SU_R_Blow_DPI               ? 
_refine.pdbx_overall_SU_R_free_Blow_DPI          ? 
# 
_refine_hist.pdbx_refine_id                   'X-RAY DIFFRACTION' 
_refine_hist.cycle_id                         LAST 
_refine_hist.pdbx_number_atoms_protein        738 
_refine_hist.pdbx_number_atoms_nucleic_acid   0 
_refine_hist.pdbx_number_atoms_ligand         2 
_refine_hist.number_atoms_solvent             83 
_refine_hist.number_atoms_total               823 
_refine_hist.d_res_high                       1.60 
_refine_hist.d_res_low                        40.00 
# 
loop_
_refine_ls_restr.type 
_refine_ls_restr.dev_ideal 
_refine_ls_restr.dev_ideal_target 
_refine_ls_restr.weight 
_refine_ls_restr.number 
_refine_ls_restr.pdbx_refine_id 
_refine_ls_restr.pdbx_restraint_function 
r_bond_refined_d             0.012  0.022  ? 793  'X-RAY DIFFRACTION' ? 
r_bond_other_d               0.001  0.020  ? 741  'X-RAY DIFFRACTION' ? 
r_angle_refined_deg          1.539  1.974  ? 1084 'X-RAY DIFFRACTION' ? 
r_angle_other_deg            0.808  3.000  ? 1752 'X-RAY DIFFRACTION' ? 
r_dihedral_angle_1_deg       5.705  5.000  ? 102  'X-RAY DIFFRACTION' ? 
r_dihedral_angle_2_deg       26.300 24.500 ? 20   'X-RAY DIFFRACTION' ? 
r_dihedral_angle_3_deg       14.207 15.000 ? 138  'X-RAY DIFFRACTION' ? 
r_dihedral_angle_4_deg       31.797 15.000 ? 1    'X-RAY DIFFRACTION' ? 
r_chiral_restr               0.091  0.200  ? 139  'X-RAY DIFFRACTION' ? 
r_gen_planes_refined         0.007  0.020  ? 839  'X-RAY DIFFRACTION' ? 
r_gen_planes_other           0.001  0.020  ? 129  'X-RAY DIFFRACTION' ? 
r_nbd_refined                0.206  0.200  ? 162  'X-RAY DIFFRACTION' ? 
r_nbd_other                  0.191  0.200  ? 705  'X-RAY DIFFRACTION' ? 
r_nbtor_refined              0.171  0.200  ? 383  'X-RAY DIFFRACTION' ? 
r_nbtor_other                0.085  0.200  ? 514  'X-RAY DIFFRACTION' ? 
r_xyhbond_nbd_refined        0.185  0.200  ? 56   'X-RAY DIFFRACTION' ? 
r_xyhbond_nbd_other          ?      ?      ? ?    'X-RAY DIFFRACTION' ? 
r_metal_ion_refined          ?      ?      ? ?    'X-RAY DIFFRACTION' ? 
r_metal_ion_other            ?      ?      ? ?    'X-RAY DIFFRACTION' ? 
r_symmetry_vdw_refined       0.161  0.200  ? 9    'X-RAY DIFFRACTION' ? 
r_symmetry_vdw_other         0.211  0.200  ? 48   'X-RAY DIFFRACTION' ? 
r_symmetry_hbond_refined     0.212  0.200  ? 5    'X-RAY DIFFRACTION' ? 
r_symmetry_hbond_other       ?      ?      ? ?    'X-RAY DIFFRACTION' ? 
r_symmetry_metal_ion_refined ?      ?      ? ?    'X-RAY DIFFRACTION' ? 
r_symmetry_metal_ion_other   ?      ?      ? ?    'X-RAY DIFFRACTION' ? 
r_mcbond_it                  3.816  2.000  ? 664  'X-RAY DIFFRACTION' ? 
r_mcbond_other               ?      ?      ? ?    'X-RAY DIFFRACTION' ? 
r_mcangle_it                 4.468  3.000  ? 871  'X-RAY DIFFRACTION' ? 
r_mcangle_other              ?      ?      ? ?    'X-RAY DIFFRACTION' ? 
r_scbond_it                  8.202  4.000  ? 300  'X-RAY DIFFRACTION' ? 
r_scbond_other               ?      ?      ? ?    'X-RAY DIFFRACTION' ? 
r_scangle_it                 8.841  6.000  ? 213  'X-RAY DIFFRACTION' ? 
r_scangle_other              ?      ?      ? ?    'X-RAY DIFFRACTION' ? 
r_long_range_B_refined       ?      ?      ? ?    'X-RAY DIFFRACTION' ? 
r_long_range_B_other         ?      ?      ? ?    'X-RAY DIFFRACTION' ? 
r_rigid_bond_restr           ?      ?      ? ?    'X-RAY DIFFRACTION' ? 
r_sphericity_free            ?      ?      ? ?    'X-RAY DIFFRACTION' ? 
r_sphericity_bonded          ?      ?      ? ?    'X-RAY DIFFRACTION' ? 
# 
_refine_ls_shell.pdbx_refine_id                   'X-RAY DIFFRACTION' 
_refine_ls_shell.pdbx_total_number_of_bins_used   20 
_refine_ls_shell.d_res_high                       1.60 
_refine_ls_shell.d_res_low                        1.64 
_refine_ls_shell.number_reflns_R_work             871 
_refine_ls_shell.R_factor_R_work                  0.2200 
_refine_ls_shell.percent_reflns_obs               ? 
_refine_ls_shell.R_factor_R_free                  0.2820 
_refine_ls_shell.R_factor_R_free_error            ? 
_refine_ls_shell.percent_reflns_R_free            ? 
_refine_ls_shell.number_reflns_R_free             55 
_refine_ls_shell.number_reflns_all                ? 
_refine_ls_shell.R_factor_all                     ? 
# 
_struct.entry_id                  2C9Q 
_struct.title                     'Cu(I)Cu(II)-CopC at pH 7.5' 
_struct.pdbx_model_details        ? 
_struct.pdbx_CASP_flag            ? 
_struct.pdbx_model_type_details   ? 
# 
_struct_keywords.entry_id        2C9Q 
_struct_keywords.pdbx_keywords   'ELECTRON TRANSPORT(COPPER BINDING)' 
_struct_keywords.text            
;ELECTRON TRANSPORT(COPPER BINDING), COPPER TRANSPORT, COPPER PROTEINS, COPPER DISSOCIATION CONSTANTS, METAL-BINDING, ELECTRON TRANSPORT
;
# 
loop_
_struct_asym.id 
_struct_asym.pdbx_blank_PDB_chainid_flag 
_struct_asym.pdbx_modified 
_struct_asym.entity_id 
_struct_asym.details 
A N N 1 ? 
B N N 2 ? 
C N N 2 ? 
D N N 3 ? 
# 
_struct_biol.id   1 
# 
loop_
_struct_conn.id 
_struct_conn.conn_type_id 
_struct_conn.pdbx_leaving_atom_flag 
_struct_conn.pdbx_PDB_id 
_struct_conn.ptnr1_label_asym_id 
_struct_conn.ptnr1_label_comp_id 
_struct_conn.ptnr1_label_seq_id 
_struct_conn.ptnr1_label_atom_id 
_struct_conn.pdbx_ptnr1_label_alt_id 
_struct_conn.pdbx_ptnr1_PDB_ins_code 
_struct_conn.pdbx_ptnr1_standard_comp_id 
_struct_conn.ptnr1_symmetry 
_struct_conn.ptnr2_label_asym_id 
_struct_conn.ptnr2_label_comp_id 
_struct_conn.ptnr2_label_seq_id 
_struct_conn.ptnr2_label_atom_id 
_struct_conn.pdbx_ptnr2_label_alt_id 
_struct_conn.pdbx_ptnr2_PDB_ins_code 
_struct_conn.ptnr1_auth_asym_id 
_struct_conn.ptnr1_auth_comp_id 
_struct_conn.ptnr1_auth_seq_id 
_struct_conn.ptnr2_auth_asym_id 
_struct_conn.ptnr2_auth_comp_id 
_struct_conn.ptnr2_auth_seq_id 
_struct_conn.ptnr2_symmetry 
_struct_conn.pdbx_ptnr3_label_atom_id 
_struct_conn.pdbx_ptnr3_label_seq_id 
_struct_conn.pdbx_ptnr3_label_comp_id 
_struct_conn.pdbx_ptnr3_label_asym_id 
_struct_conn.pdbx_ptnr3_label_alt_id 
_struct_conn.pdbx_ptnr3_PDB_ins_code 
_struct_conn.details 
_struct_conn.pdbx_dist_value 
_struct_conn.pdbx_value_order 
_struct_conn.pdbx_role 
metalc1 metalc ? ? A HIS 1  ND1 ? ? ? 1_555 C CU  . CU ? ? A HIS 1    A CU  1104 1_555 ? ? ? ? ? ? ? 1.959 ? ? 
metalc2 metalc ? ? A HIS 1  N   ? ? ? 1_555 C CU  . CU ? ? A HIS 1    A CU  1104 1_555 ? ? ? ? ? ? ? 2.181 ? ? 
metalc3 metalc ? ? A MET 40 SD  ? ? ? 1_555 B CU  . CU ? ? A MET 40   A CU  1103 1_555 ? ? ? ? ? ? ? 2.395 ? ? 
metalc4 metalc ? ? A HIS 48 NE2 ? ? ? 1_555 B CU  . CU ? ? A HIS 48   A CU  1103 1_555 ? ? ? ? ? ? ? 2.039 ? ? 
metalc5 metalc ? ? A HIS 91 ND1 ? ? ? 1_555 C CU  . CU ? ? A HIS 91   A CU  1104 1_555 ? ? ? ? ? ? ? 1.946 ? ? 
metalc6 metalc ? ? B CU  .  CU  ? ? ? 1_555 D HOH . O  ? ? A CU  1103 A HOH 2049 1_555 ? ? ? ? ? ? ? 2.469 ? ? 
metalc7 metalc ? ? B CU  .  CU  ? ? ? 1_555 D HOH . O  ? ? A CU  1103 A HOH 2049 8_555 ? ? ? ? ? ? ? 2.469 ? ? 
metalc8 metalc ? ? C CU  .  CU  ? ? ? 1_555 D HOH . O  ? ? A CU  1104 A HOH 2075 1_555 ? ? ? ? ? ? ? 1.819 ? ? 
# 
_struct_conn_type.id          metalc 
_struct_conn_type.criteria    ? 
_struct_conn_type.reference   ? 
# 
_struct_mon_prot_cis.pdbx_id                1 
_struct_mon_prot_cis.label_comp_id          THR 
_struct_mon_prot_cis.label_seq_id           8 
_struct_mon_prot_cis.label_asym_id          A 
_struct_mon_prot_cis.label_alt_id           . 
_struct_mon_prot_cis.pdbx_PDB_ins_code      ? 
_struct_mon_prot_cis.auth_comp_id           THR 
_struct_mon_prot_cis.auth_seq_id            8 
_struct_mon_prot_cis.auth_asym_id           A 
_struct_mon_prot_cis.pdbx_label_comp_id_2   PRO 
_struct_mon_prot_cis.pdbx_label_seq_id_2    9 
_struct_mon_prot_cis.pdbx_label_asym_id_2   A 
_struct_mon_prot_cis.pdbx_PDB_ins_code_2    ? 
_struct_mon_prot_cis.pdbx_auth_comp_id_2    PRO 
_struct_mon_prot_cis.pdbx_auth_seq_id_2     9 
_struct_mon_prot_cis.pdbx_auth_asym_id_2    A 
_struct_mon_prot_cis.pdbx_PDB_model_num     1 
_struct_mon_prot_cis.pdbx_omega_angle       -5.55 
# 
loop_
_struct_sheet.id 
_struct_sheet.type 
_struct_sheet.number_strands 
_struct_sheet.details 
AA ? 4 ? 
AB ? 5 ? 
# 
loop_
_struct_sheet_order.sheet_id 
_struct_sheet_order.range_id_1 
_struct_sheet_order.range_id_2 
_struct_sheet_order.offset 
_struct_sheet_order.sense 
AA 1 2 ? anti-parallel 
AA 2 3 ? anti-parallel 
AA 3 4 ? anti-parallel 
AB 1 2 ? parallel      
AB 2 3 ? anti-parallel 
AB 3 4 ? anti-parallel 
AB 4 5 ? anti-parallel 
# 
loop_
_struct_sheet_range.sheet_id 
_struct_sheet_range.id 
_struct_sheet_range.beg_label_comp_id 
_struct_sheet_range.beg_label_asym_id 
_struct_sheet_range.beg_label_seq_id 
_struct_sheet_range.pdbx_beg_PDB_ins_code 
_struct_sheet_range.end_label_comp_id 
_struct_sheet_range.end_label_asym_id 
_struct_sheet_range.end_label_seq_id 
_struct_sheet_range.pdbx_end_PDB_ins_code 
_struct_sheet_range.beg_auth_comp_id 
_struct_sheet_range.beg_auth_asym_id 
_struct_sheet_range.beg_auth_seq_id 
_struct_sheet_range.end_auth_comp_id 
_struct_sheet_range.end_auth_asym_id 
_struct_sheet_range.end_auth_seq_id 
AA 1 LEU A 4  ? THR A 8   ? LEU A 4  THR A 8   
AA 2 ILE A 21 ? PHE A 25  ? ILE A 21 PHE A 25  
AA 3 THR A 65 ? PRO A 70  ? THR A 65 PRO A 70  
AA 4 ALA A 55 ? GLY A 59  ? ALA A 55 GLY A 59  
AB 1 GLU A 14 ? GLY A 15  ? GLU A 14 GLY A 15  
AB 2 ILE A 93 ? VAL A 101 ? ILE A 93 VAL A 101 
AB 3 GLY A 77 ? ALA A 85  ? GLY A 77 ALA A 85  
AB 4 GLY A 35 ? MET A 43  ? GLY A 35 MET A 43  
AB 5 MET A 46 ? VAL A 53  ? MET A 46 VAL A 53  
# 
loop_
_pdbx_struct_sheet_hbond.sheet_id 
_pdbx_struct_sheet_hbond.range_id_1 
_pdbx_struct_sheet_hbond.range_id_2 
_pdbx_struct_sheet_hbond.range_1_label_atom_id 
_pdbx_struct_sheet_hbond.range_1_label_comp_id 
_pdbx_struct_sheet_hbond.range_1_label_asym_id 
_pdbx_struct_sheet_hbond.range_1_label_seq_id 
_pdbx_struct_sheet_hbond.range_1_PDB_ins_code 
_pdbx_struct_sheet_hbond.range_1_auth_atom_id 
_pdbx_struct_sheet_hbond.range_1_auth_comp_id 
_pdbx_struct_sheet_hbond.range_1_auth_asym_id 
_pdbx_struct_sheet_hbond.range_1_auth_seq_id 
_pdbx_struct_sheet_hbond.range_2_label_atom_id 
_pdbx_struct_sheet_hbond.range_2_label_comp_id 
_pdbx_struct_sheet_hbond.range_2_label_asym_id 
_pdbx_struct_sheet_hbond.range_2_label_seq_id 
_pdbx_struct_sheet_hbond.range_2_PDB_ins_code 
_pdbx_struct_sheet_hbond.range_2_auth_atom_id 
_pdbx_struct_sheet_hbond.range_2_auth_comp_id 
_pdbx_struct_sheet_hbond.range_2_auth_asym_id 
_pdbx_struct_sheet_hbond.range_2_auth_seq_id 
AA 1 2 N THR A 8   ? N THR A 8   O GLU A 22  ? O GLU A 22  
AA 2 3 N LEU A 23  ? N LEU A 23  O MET A 66  ? O MET A 66  
AA 3 4 N THR A 69  ? N THR A 69  O ALA A 56  ? O ALA A 56  
AB 1 2 N GLY A 15  ? N GLY A 15  O LYS A 100 ? O LYS A 100 
AB 2 3 N VAL A 101 ? N VAL A 101 O GLY A 77  ? O GLY A 77  
AB 3 4 N ARG A 84  ? N ARG A 84  O GLY A 35  ? O GLY A 35  
AB 4 5 N MET A 43  ? N MET A 43  O MET A 46  ? O MET A 46  
# 
loop_
_struct_site.id 
_struct_site.pdbx_evidence_code 
_struct_site.pdbx_auth_asym_id 
_struct_site.pdbx_auth_comp_id 
_struct_site.pdbx_auth_seq_id 
_struct_site.pdbx_auth_ins_code 
_struct_site.pdbx_num_residues 
_struct_site.details 
AC1 Software ? ? ? ? 3 'BINDING SITE FOR RESIDUE CU A1103' 
AC2 Software ? ? ? ? 4 'BINDING SITE FOR RESIDUE CU A1104' 
# 
loop_
_struct_site_gen.id 
_struct_site_gen.site_id 
_struct_site_gen.pdbx_num_res 
_struct_site_gen.label_comp_id 
_struct_site_gen.label_asym_id 
_struct_site_gen.label_seq_id 
_struct_site_gen.pdbx_auth_ins_code 
_struct_site_gen.auth_comp_id 
_struct_site_gen.auth_asym_id 
_struct_site_gen.auth_seq_id 
_struct_site_gen.label_atom_id 
_struct_site_gen.label_alt_id 
_struct_site_gen.symmetry 
_struct_site_gen.details 
1 AC1 3 MET A 40 ? MET A 40   . ? 1_555 ? 
2 AC1 3 HIS A 48 ? HIS A 48   . ? 1_555 ? 
3 AC1 3 HOH D .  ? HOH A 2049 . ? 1_555 ? 
4 AC2 4 HIS A 1  ? HIS A 1    . ? 1_555 ? 
5 AC2 4 ASP A 89 ? ASP A 89   . ? 1_555 ? 
6 AC2 4 HIS A 91 ? HIS A 91   . ? 1_555 ? 
7 AC2 4 HOH D .  ? HOH A 2075 . ? 1_555 ? 
# 
_atom_sites.entry_id                    2C9Q 
_atom_sites.fract_transf_matrix[1][1]   -0.01709180 
_atom_sites.fract_transf_matrix[1][2]   0.00523606 
_atom_sites.fract_transf_matrix[1][3]   -0.00135330 
_atom_sites.fract_transf_matrix[2][1]   0.00493093 
_atom_sites.fract_transf_matrix[2][2]   0.01324548 
_atom_sites.fract_transf_matrix[2][3]   -0.01102817 
_atom_sites.fract_transf_matrix[3][1]   -0.00205602 
_atom_sites.fract_transf_matrix[3][2]   -0.01007711 
_atom_sites.fract_transf_matrix[3][3]   -0.01302250 
_atom_sites.fract_transf_vector[1]      0.156363 
_atom_sites.fract_transf_vector[2]      -0.322774 
_atom_sites.fract_transf_vector[3]      0.050482 
# 
loop_
_atom_type.symbol 
C  
CU 
N  
O  
S  
# 
loop_
_atom_site.group_PDB 
_atom_site.id 
_atom_site.type_symbol 
_atom_site.label_atom_id 
_atom_site.label_alt_id 
_atom_site.label_comp_id 
_atom_site.label_asym_id 
_atom_site.label_entity_id 
_atom_site.label_seq_id 
_atom_site.pdbx_PDB_ins_code 
_atom_site.Cartn_x 
_atom_site.Cartn_y 
_atom_site.Cartn_z 
_atom_site.occupancy 
_atom_site.B_iso_or_equiv 
_atom_site.pdbx_formal_charge 
_atom_site.auth_seq_id 
_atom_site.auth_comp_id 
_atom_site.auth_asym_id 
_atom_site.auth_atom_id 
_atom_site.pdbx_PDB_model_num 
ATOM   1   N  N   . HIS A 1 1   ? -8.125  7.881   15.277  1.00  25.84 ? 1    HIS A N   1 
ATOM   2   C  CA  . HIS A 1 1   ? -7.229  8.293   14.178  1.00  27.15 ? 1    HIS A CA  1 
ATOM   3   C  C   . HIS A 1 1   ? -6.026  7.369   14.181  1.00  28.84 ? 1    HIS A C   1 
ATOM   4   O  O   . HIS A 1 1   ? -4.978  7.709   14.750  1.00  35.19 ? 1    HIS A O   1 
ATOM   5   C  CB  . HIS A 1 1   ? -6.793  9.738   14.335  1.00  28.98 ? 1    HIS A CB  1 
ATOM   6   C  CG  . HIS A 1 1   ? -7.805  10.713  13.841  1.00  33.91 ? 1    HIS A CG  1 
ATOM   7   N  ND1 . HIS A 1 1   ? -9.144  10.610  14.153  1.00  26.56 ? 1    HIS A ND1 1 
ATOM   8   C  CD2 . HIS A 1 1   ? -7.685  11.794  13.034  1.00  29.46 ? 1    HIS A CD2 1 
ATOM   9   C  CE1 . HIS A 1 1   ? -9.801  11.597  13.571  1.00  33.56 ? 1    HIS A CE1 1 
ATOM   10  N  NE2 . HIS A 1 1   ? -8.938  12.328  12.887  1.00  30.93 ? 1    HIS A NE2 1 
ATOM   11  N  N   . PRO A 1 2   ? -6.192  6.171   13.609  1.00  29.48 ? 2    PRO A N   1 
ATOM   12  C  CA  . PRO A 1 2   ? -5.065  5.245   13.514  1.00  30.64 ? 2    PRO A CA  1 
ATOM   13  C  C   . PRO A 1 2   ? -3.916  5.826   12.707  1.00  31.00 ? 2    PRO A C   1 
ATOM   14  O  O   . PRO A 1 2   ? -4.116  6.728   11.866  1.00  27.60 ? 2    PRO A O   1 
ATOM   15  C  CB  . PRO A 1 2   ? -5.660  4.031   12.803  1.00  35.43 ? 2    PRO A CB  1 
ATOM   16  C  CG  . PRO A 1 2   ? -6.894  4.500   12.183  1.00  30.58 ? 2    PRO A CG  1 
ATOM   17  C  CD  . PRO A 1 2   ? -7.423  5.575   13.055  1.00  28.69 ? 2    PRO A CD  1 
ATOM   18  N  N   . LYS A 1 3   ? -2.716  5.339   12.996  1.00  26.66 ? 3    LYS A N   1 
ATOM   19  C  CA  . LYS A 1 3   ? -1.515  5.830   12.340  1.00  29.26 ? 3    LYS A CA  1 
ATOM   20  C  C   . LYS A 1 3   ? -0.869  4.681   11.619  1.00  22.69 ? 3    LYS A C   1 
ATOM   21  O  O   . LYS A 1 3   ? -0.917  3.575   12.128  1.00  25.05 ? 3    LYS A O   1 
ATOM   22  C  CB  . LYS A 1 3   ? -0.542  6.361   13.392  1.00  28.21 ? 3    LYS A CB  1 
ATOM   23  C  CG  . LYS A 1 3   ? -1.169  7.331   14.396  1.00  35.59 ? 3    LYS A CG  1 
ATOM   24  C  CD  . LYS A 1 3   ? -1.359  8.718   13.803  1.00  54.41 ? 3    LYS A CD  1 
ATOM   25  C  CE  . LYS A 1 3   ? -2.484  9.516   14.504  1.00  56.82 ? 3    LYS A CE  1 
ATOM   26  N  NZ  . LYS A 1 3   ? -2.854  9.018   15.872  1.00  47.10 ? 3    LYS A NZ  1 
ATOM   27  N  N   . LEU A 1 4   ? -0.253  4.934   10.463  1.00  23.08 ? 4    LEU A N   1 
ATOM   28  C  CA  . LEU A 1 4   ? 0.612   3.936   9.837   1.00  24.55 ? 4    LEU A CA  1 
ATOM   29  C  C   . LEU A 1 4   ? 1.930   3.865   10.623  1.00  27.86 ? 4    LEU A C   1 
ATOM   30  O  O   . LEU A 1 4   ? 2.705   4.848   10.651  1.00  24.55 ? 4    LEU A O   1 
ATOM   31  C  CB  . LEU A 1 4   ? 0.922   4.278   8.385   1.00  22.57 ? 4    LEU A CB  1 
ATOM   32  C  CG  . LEU A 1 4   ? 1.729   3.253   7.599   1.00  24.99 ? 4    LEU A CG  1 
ATOM   33  C  CD1 . LEU A 1 4   ? 0.910   1.989   7.384   1.00  24.07 ? 4    LEU A CD1 1 
ATOM   34  C  CD2 . LEU A 1 4   ? 2.209   3.818   6.278   1.00  29.10 ? 4    LEU A CD2 1 
ATOM   35  N  N   . VAL A 1 5   ? 2.176   2.708   11.257  1.00  22.25 ? 5    VAL A N   1 
ATOM   36  C  CA  . VAL A 1 5   ? 3.373   2.473   12.060  1.00  21.97 ? 5    VAL A CA  1 
ATOM   37  C  C   . VAL A 1 5   ? 4.555   2.031   11.224  1.00  21.13 ? 5    VAL A C   1 
ATOM   38  O  O   . VAL A 1 5   ? 5.669   2.502   11.439  1.00  25.45 ? 5    VAL A O   1 
ATOM   39  C  CB  . VAL A 1 5   ? 3.107   1.418   13.147  1.00  23.70 ? 5    VAL A CB  1 
ATOM   40  C  CG1 . VAL A 1 5   ? 4.403   1.093   13.939  1.00  29.72 ? 5    VAL A CG1 1 
ATOM   41  C  CG2 . VAL A 1 5   ? 2.041   1.925   14.067  1.00  25.42 ? 5    VAL A CG2 1 
ATOM   42  N  N   . SER A 1 6   ? 4.306   1.147   10.253  1.00  18.56 ? 6    SER A N   1 
ATOM   43  C  CA  . SER A 1 6   ? 5.352   0.733   9.321   1.00  22.26 ? 6    SER A CA  1 
ATOM   44  C  C   . SER A 1 6   ? 4.732   0.034   8.113   1.00  18.90 ? 6    SER A C   1 
ATOM   45  O  O   . SER A 1 6   ? 3.528   -0.179  8.065   1.00  20.88 ? 6    SER A O   1 
ATOM   46  C  CB  . SER A 1 6   ? 6.360   -0.187  10.005  1.00  22.24 ? 6    SER A CB  1 
ATOM   47  O  OG  . SER A 1 6   ? 5.755   -1.396  10.442  1.00  26.45 ? 6    SER A OG  1 
ATOM   48  N  N   . SER A 1 7   ? 5.578   -0.333  7.168   1.00  21.54 ? 7    SER A N   1 
ATOM   49  C  CA  . SER A 1 7   ? 5.121   -1.055  6.004   1.00  20.82 ? 7    SER A CA  1 
ATOM   50  C  C   . SER A 1 7   ? 6.268   -1.825  5.367   1.00  20.59 ? 7    SER A C   1 
ATOM   51  O  O   . SER A 1 7   ? 7.463   -1.527  5.588   1.00  20.42 ? 7    SER A O   1 
ATOM   52  C  CB  . SER A 1 7   ? 4.509   -0.057  5.017   1.00  21.09 ? 7    SER A CB  1 
ATOM   53  O  OG  . SER A 1 7   ? 5.488   0.788   4.426   1.00  20.11 ? 7    SER A OG  1 
ATOM   54  N  N   . THR A 1 8   ? 5.908   -2.842  4.586   1.00  21.67 ? 8    THR A N   1 
ATOM   55  C  CA  . THR A 1 8   ? 6.860   -3.548  3.749   1.00  22.03 ? 8    THR A CA  1 
ATOM   56  C  C   . THR A 1 8   ? 6.233   -3.722  2.353   1.00  23.46 ? 8    THR A C   1 
ATOM   57  O  O   . THR A 1 8   ? 5.150   -4.298  2.240   1.00  26.32 ? 8    THR A O   1 
ATOM   58  C  CB  A THR A 1 8   ? 7.275   -4.913  4.298   0.50  25.01 ? 8    THR A CB  1 
ATOM   59  C  CB  B THR A 1 8   ? 7.191   -4.922  4.391   0.50  26.89 ? 8    THR A CB  1 
ATOM   60  O  OG1 A THR A 1 8   ? 6.109   -5.643  4.673   0.50  21.03 ? 8    THR A OG1 1 
ATOM   61  O  OG1 B THR A 1 8   ? 6.993   -4.854  5.818   0.50  23.53 ? 8    THR A OG1 1 
ATOM   62  C  CG2 A THR A 1 8   ? 8.197   -4.745  5.483   0.50  15.39 ? 8    THR A CG2 1 
ATOM   63  C  CG2 B THR A 1 8   ? 8.620   -5.324  4.088   0.50  39.23 ? 8    THR A CG2 1 
ATOM   64  N  N   . PRO A 1 9   ? 6.856   -3.155  1.300   1.00  21.90 ? 9    PRO A N   1 
ATOM   65  C  CA  . PRO A 1 9   ? 8.021   -2.280  1.263   1.00  21.93 ? 9    PRO A CA  1 
ATOM   66  C  C   . PRO A 1 9   ? 7.873   -1.051  2.130   1.00  22.88 ? 9    PRO A C   1 
ATOM   67  O  O   . PRO A 1 9   ? 6.780   -0.514  2.303   1.00  23.14 ? 9    PRO A O   1 
ATOM   68  C  CB  . PRO A 1 9   ? 8.079   -1.841  -0.196  1.00  26.86 ? 9    PRO A CB  1 
ATOM   69  C  CG  . PRO A 1 9   ? 7.437   -2.961  -0.946  1.00  23.99 ? 9    PRO A CG  1 
ATOM   70  C  CD  . PRO A 1 9   ? 6.311   -3.348  -0.063  1.00  19.98 ? 9    PRO A CD  1 
ATOM   71  N  N   . ALA A 1 10  ? 8.987   -0.604  2.678   1.00  21.02 ? 10   ALA A N   1 
ATOM   72  C  CA  . ALA A 1 10  ? 8.999   0.560   3.513   1.00  19.36 ? 10   ALA A CA  1 
ATOM   73  C  C   . ALA A 1 10  ? 8.961   1.774   2.634   1.00  17.15 ? 10   ALA A C   1 
ATOM   74  O  O   . ALA A 1 10  ? 9.409   1.721   1.484   1.00  20.17 ? 10   ALA A O   1 
ATOM   75  C  CB  . ALA A 1 10  ? 10.250  0.563   4.361   1.00  18.21 ? 10   ALA A CB  1 
ATOM   76  N  N   . GLU A 1 11  ? 8.447   2.863   3.204   1.00  20.15 ? 11   GLU A N   1 
ATOM   77  C  CA  . GLU A 1 11  ? 8.404   4.178   2.545   1.00  22.21 ? 11   GLU A CA  1 
ATOM   78  C  C   . GLU A 1 11  ? 9.808   4.520   2.046   1.00  27.05 ? 11   GLU A C   1 
ATOM   79  O  O   . GLU A 1 11  ? 10.787  4.422   2.809   1.00  21.66 ? 11   GLU A O   1 
ATOM   80  C  CB  . GLU A 1 11  ? 7.919   5.246   3.516   1.00  23.80 ? 11   GLU A CB  1 
ATOM   81  C  CG  . GLU A 1 11  ? 7.962   6.683   2.982   1.00  22.00 ? 11   GLU A CG  1 
ATOM   82  C  CD  . GLU A 1 11  ? 6.956   6.968   1.886   1.00  22.69 ? 11   GLU A CD  1 
ATOM   83  O  OE1 . GLU A 1 11  ? 5.908   6.319   1.854   1.00  23.63 ? 11   GLU A OE1 1 
ATOM   84  O  OE2 . GLU A 1 11  ? 7.197   7.882   1.066   1.00  31.75 ? 11   GLU A OE2 1 
ATOM   85  N  N   . GLY A 1 12  ? 9.899   4.883   0.762   1.00  21.24 ? 12   GLY A N   1 
ATOM   86  C  CA  . GLY A 1 12  ? 11.166  5.248   0.128   1.00  24.72 ? 12   GLY A CA  1 
ATOM   87  C  C   . GLY A 1 12  ? 12.117  4.112   -0.151  1.00  24.40 ? 12   GLY A C   1 
ATOM   88  O  O   . GLY A 1 12  ? 13.255  4.356   -0.573  1.00  34.48 ? 12   GLY A O   1 
ATOM   89  N  N   . SER A 1 13  ? 11.694  2.878   0.095   1.00  24.05 ? 13   SER A N   1 
ATOM   90  C  CA  . SER A 1 13  ? 12.531  1.752   -0.239  1.00  19.74 ? 13   SER A CA  1 
ATOM   91  C  C   . SER A 1 13  ? 12.648  1.617   -1.744  1.00  22.57 ? 13   SER A C   1 
ATOM   92  O  O   . SER A 1 13  ? 11.754  1.988   -2.474  1.00  21.53 ? 13   SER A O   1 
ATOM   93  C  CB  . SER A 1 13  ? 12.076  0.453   0.438   1.00  24.06 ? 13   SER A CB  1 
ATOM   94  O  OG  . SER A 1 13  ? 10.867  -0.072  -0.043  1.00  21.66 ? 13   SER A OG  1 
ATOM   95  N  N   . GLU A 1 14  ? 13.806  1.163   -2.206  1.00  28.80 ? 14   GLU A N   1 
ATOM   96  C  CA  . GLU A 1 14  ? 14.003  0.830   -3.612  1.00  22.92 ? 14   GLU A CA  1 
ATOM   97  C  C   . GLU A 1 14  ? 14.621  -0.552  -3.605  1.00  29.91 ? 14   GLU A C   1 
ATOM   98  O  O   . GLU A 1 14  ? 15.668  -0.773  -2.999  1.00  31.56 ? 14   GLU A O   1 
ATOM   99  C  CB  . GLU A 1 14  ? 14.896  1.854   -4.317  1.00  25.28 ? 14   GLU A CB  1 
ATOM   100 C  CG  . GLU A 1 14  ? 14.583  3.320   -3.988  1.00  38.65 ? 14   GLU A CG  1 
ATOM   101 C  CD  . GLU A 1 14  ? 15.492  4.319   -4.719  1.00  40.90 ? 14   GLU A CD  1 
ATOM   102 O  OE1 . GLU A 1 14  ? 16.302  3.900   -5.579  1.00  41.93 ? 14   GLU A OE1 1 
ATOM   103 O  OE2 . GLU A 1 14  ? 15.382  5.534   -4.433  1.00  51.74 ? 14   GLU A OE2 1 
ATOM   104 N  N   . GLY A 1 15  ? 13.922  -1.514  -4.175  1.00  26.41 ? 15   GLY A N   1 
ATOM   105 C  CA  . GLY A 1 15  ? 14.450  -2.874  -4.246  1.00  22.30 ? 15   GLY A CA  1 
ATOM   106 C  C   . GLY A 1 15  ? 13.567  -3.800  -5.067  1.00  29.35 ? 15   GLY A C   1 
ATOM   107 O  O   . GLY A 1 15  ? 12.917  -3.362  -6.005  1.00  24.38 ? 15   GLY A O   1 
ATOM   108 N  N   . ALA A 1 16  ? 13.532  -5.074  -4.689  1.00  27.48 ? 16   ALA A N   1 
ATOM   109 C  CA  . ALA A 1 16  ? 12.837  -6.107  -5.448  1.00  32.56 ? 16   ALA A CA  1 
ATOM   110 C  C   . ALA A 1 16  ? 11.346  -5.892  -5.539  1.00  30.36 ? 16   ALA A C   1 
ATOM   111 O  O   . ALA A 1 16  ? 10.744  -5.261  -4.665  1.00  29.91 ? 16   ALA A O   1 
ATOM   112 C  CB  . ALA A 1 16  ? 13.110  -7.479  -4.830  1.00  42.65 ? 16   ALA A CB  1 
ATOM   113 N  N   . ALA A 1 17  ? 10.742  -6.458  -6.574  1.00  31.27 ? 17   ALA A N   1 
ATOM   114 C  CA  . ALA A 1 17  ? 9.295   -6.399  -6.730  1.00  25.82 ? 17   ALA A CA  1 
ATOM   115 C  C   . ALA A 1 17  ? 8.627   -7.234  -5.628  1.00  33.34 ? 17   ALA A C   1 
ATOM   116 O  O   . ALA A 1 17  ? 8.950   -8.418  -5.465  1.00  28.68 ? 17   ALA A O   1 
ATOM   117 C  CB  . ALA A 1 17  ? 8.883   -6.905  -8.099  1.00  30.46 ? 17   ALA A CB  1 
ATOM   118 N  N   . PRO A 1 18  ? 7.715   -6.620  -4.856  1.00  26.43 ? 18   PRO A N   1 
ATOM   119 C  CA  . PRO A 1 18  ? 7.012   -7.318  -3.789  1.00  25.14 ? 18   PRO A CA  1 
ATOM   120 C  C   . PRO A 1 18  ? 5.877   -8.208  -4.281  1.00  21.85 ? 18   PRO A C   1 
ATOM   121 O  O   . PRO A 1 18  ? 5.117   -7.820  -5.162  1.00  30.58 ? 18   PRO A O   1 
ATOM   122 C  CB  . PRO A 1 18  ? 6.472   -6.172  -2.929  1.00  26.52 ? 18   PRO A CB  1 
ATOM   123 C  CG  . PRO A 1 18  ? 6.198   -5.097  -3.918  1.00  25.26 ? 18   PRO A CG  1 
ATOM   124 C  CD  . PRO A 1 18  ? 7.312   -5.202  -4.931  1.00  22.94 ? 18   PRO A CD  1 
ATOM   125 N  N   . ALA A 1 19  ? 5.775   -9.410  -3.720  1.00  23.29 ? 19   ALA A N   1 
ATOM   126 C  CA  . ALA A 1 19  ? 4.625   -10.267 -3.956  1.00  25.30 ? 19   ALA A CA  1 
ATOM   127 C  C   . ALA A 1 19  ? 3.360   -9.779  -3.259  1.00  26.73 ? 19   ALA A C   1 
ATOM   128 O  O   . ALA A 1 19  ? 2.252   -10.029 -3.732  1.00  27.43 ? 19   ALA A O   1 
ATOM   129 C  CB  . ALA A 1 19  ? 4.946   -11.704 -3.518  1.00  31.53 ? 19   ALA A CB  1 
ATOM   130 N  N   . LYS A 1 20  ? 3.519   -9.134  -2.108  1.00  22.85 ? 20   LYS A N   1 
ATOM   131 C  CA  . LYS A 1 20  ? 2.413   -8.490  -1.406  1.00  20.64 ? 20   LYS A CA  1 
ATOM   132 C  C   . LYS A 1 20  ? 2.986   -7.301  -0.642  1.00  21.77 ? 20   LYS A C   1 
ATOM   133 O  O   . LYS A 1 20  ? 4.183   -7.265  -0.337  1.00  22.61 ? 20   LYS A O   1 
ATOM   134 C  CB  . LYS A 1 20  ? 1.744   -9.457  -0.455  1.00  30.60 ? 20   LYS A CB  1 
ATOM   135 C  CG  . LYS A 1 20  ? 2.685   -10.068 0.551   1.00  26.39 ? 20   LYS A CG  1 
ATOM   136 C  CD  . LYS A 1 20  ? 1.947   -10.804 1.649   1.00  47.95 ? 20   LYS A CD  1 
ATOM   137 C  CE  . LYS A 1 20  ? 2.923   -11.348 2.674   1.00  41.63 ? 20   LYS A CE  1 
ATOM   138 N  NZ  . LYS A 1 20  ? 2.254   -11.654 3.967   1.00  54.29 ? 20   LYS A NZ  1 
ATOM   139 N  N   . ILE A 1 21  ? 2.124   -6.334  -0.370  1.00  25.55 ? 21   ILE A N   1 
ATOM   140 C  CA  . ILE A 1 21  ? 2.507   -5.107  0.331   1.00  22.79 ? 21   ILE A CA  1 
ATOM   141 C  C   . ILE A 1 21  ? 1.759   -5.106  1.636   1.00  25.15 ? 21   ILE A C   1 
ATOM   142 O  O   . ILE A 1 21  ? 0.549   -5.254  1.647   1.00  21.31 ? 21   ILE A O   1 
ATOM   143 C  CB  . ILE A 1 21  ? 2.137   -3.883  -0.506  1.00  23.20 ? 21   ILE A CB  1 
ATOM   144 C  CG1 . ILE A 1 21  ? 2.927   -3.903  -1.826  1.00  22.43 ? 21   ILE A CG1 1 
ATOM   145 C  CG2 . ILE A 1 21  ? 2.394   -2.596  0.265   1.00  24.10 ? 21   ILE A CG2 1 
ATOM   146 C  CD1 . ILE A 1 21  ? 2.172   -3.283  -2.974  1.00  27.17 ? 21   ILE A CD1 1 
ATOM   147 N  N   . GLU A 1 22  ? 2.484   -4.979  2.736   1.00  23.61 ? 22   GLU A N   1 
ATOM   148 C  CA  . GLU A 1 22  ? 1.881   -4.998  4.049   1.00  23.92 ? 22   GLU A CA  1 
ATOM   149 C  C   . GLU A 1 22  ? 1.986   -3.627  4.671   1.00  22.00 ? 22   GLU A C   1 
ATOM   150 O  O   . GLU A 1 22  ? 3.084   -3.052  4.739   1.00  21.73 ? 22   GLU A O   1 
ATOM   151 C  CB  . GLU A 1 22  ? 2.609   -5.997  4.946   1.00  22.82 ? 22   GLU A CB  1 
ATOM   152 C  CG  . GLU A 1 22  ? 2.616   -7.423  4.413   1.00  23.41 ? 22   GLU A CG  1 
ATOM   153 C  CD  . GLU A 1 22  ? 2.614   -8.423  5.567   1.00  34.65 ? 22   GLU A CD  1 
ATOM   154 O  OE1 . GLU A 1 22  ? 3.210   -8.111  6.623   1.00  39.05 ? 22   GLU A OE1 1 
ATOM   155 O  OE2 . GLU A 1 22  ? 1.994   -9.497  5.445   1.00  44.42 ? 22   GLU A OE2 1 
ATOM   156 N  N   . LEU A 1 23  ? 0.844   -3.135  5.128   1.00  20.06 ? 23   LEU A N   1 
ATOM   157 C  CA  . LEU A 1 23  ? 0.718   -1.863  5.885   1.00  22.16 ? 23   LEU A CA  1 
ATOM   158 C  C   . LEU A 1 23  ? 0.317   -2.172  7.321   1.00  22.56 ? 23   LEU A C   1 
ATOM   159 O  O   . LEU A 1 23  ? -0.668  -2.861  7.566   1.00  22.79 ? 23   LEU A O   1 
ATOM   160 C  CB  . LEU A 1 23  ? -0.367  -0.984  5.285   1.00  25.20 ? 23   LEU A CB  1 
ATOM   161 C  CG  . LEU A 1 23  ? -0.272  -0.694  3.798   1.00  23.61 ? 23   LEU A CG  1 
ATOM   162 C  CD1 . LEU A 1 23  ? -1.432  0.224   3.337   1.00  26.02 ? 23   LEU A CD1 1 
ATOM   163 C  CD2 . LEU A 1 23  ? 1.084   -0.094  3.446   1.00  33.84 ? 23   LEU A CD2 1 
ATOM   164 N  N   . HIS A 1 24  ? 1.101   -1.683  8.268   1.00  23.77 ? 24   HIS A N   1 
ATOM   165 C  CA  . HIS A 1 24  ? 0.889   -1.980  9.680   1.00  23.19 ? 24   HIS A CA  1 
ATOM   166 C  C   . HIS A 1 24  ? 0.481   -0.714  10.411  1.00  20.52 ? 24   HIS A C   1 
ATOM   167 O  O   . HIS A 1 24  ? 1.207   0.273   10.367  1.00  21.49 ? 24   HIS A O   1 
ATOM   168 C  CB  . HIS A 1 24  ? 2.175   -2.530  10.293  1.00  21.64 ? 24   HIS A CB  1 
ATOM   169 C  CG  . HIS A 1 24  ? 2.783   -3.659  9.516   1.00  21.99 ? 24   HIS A CG  1 
ATOM   170 N  ND1 . HIS A 1 24  ? 2.179   -4.891  9.405   1.00  31.71 ? 24   HIS A ND1 1 
ATOM   171 C  CD2 . HIS A 1 24  ? 3.953   -3.747  8.844   1.00  25.70 ? 24   HIS A CD2 1 
ATOM   172 C  CE1 . HIS A 1 24  ? 2.949   -5.690  8.688   1.00  23.92 ? 24   HIS A CE1 1 
ATOM   173 N  NE2 . HIS A 1 24  ? 4.029   -5.017  8.328   1.00  27.05 ? 24   HIS A NE2 1 
ATOM   174 N  N   . PHE A 1 25  ? -0.684  -0.749  11.063  1.00  17.78 ? 25   PHE A N   1 
ATOM   175 C  CA  . PHE A 1 25  ? -1.262  0.411   11.749  1.00  21.03 ? 25   PHE A CA  1 
ATOM   176 C  C   . PHE A 1 25  ? -1.232  0.274   13.266  1.00  24.68 ? 25   PHE A C   1 
ATOM   177 O  O   . PHE A 1 25  ? -0.888  -0.801  13.832  1.00  22.32 ? 25   PHE A O   1 
ATOM   178 C  CB  . PHE A 1 25  ? -2.709  0.651   11.233  1.00  22.29 ? 25   PHE A CB  1 
ATOM   179 C  CG  . PHE A 1 25  ? -2.770  0.974   9.766   1.00  22.98 ? 25   PHE A CG  1 
ATOM   180 C  CD1 . PHE A 1 25  ? -2.680  2.294   9.314   1.00  27.05 ? 25   PHE A CD1 1 
ATOM   181 C  CD2 . PHE A 1 25  ? -2.899  -0.035  8.823   1.00  23.69 ? 25   PHE A CD2 1 
ATOM   182 C  CE1 . PHE A 1 25  ? -2.706  2.577   7.943   1.00  24.66 ? 25   PHE A CE1 1 
ATOM   183 C  CE2 . PHE A 1 25  ? -2.907  0.242   7.470   1.00  24.71 ? 25   PHE A CE2 1 
ATOM   184 C  CZ  . PHE A 1 25  ? -2.789  1.531   7.030   1.00  22.26 ? 25   PHE A CZ  1 
ATOM   185 N  N   . SER A 1 26  ? -1.534  1.392   13.932  1.00  23.23 ? 26   SER A N   1 
ATOM   186 C  CA  . SER A 1 26  ? -1.444  1.466   15.381  1.00  20.46 ? 26   SER A CA  1 
ATOM   187 C  C   . SER A 1 26  ? -2.662  0.856   16.080  1.00  20.68 ? 26   SER A C   1 
ATOM   188 O  O   . SER A 1 26  ? -2.626  0.604   17.276  1.00  23.51 ? 26   SER A O   1 
ATOM   189 C  CB  . SER A 1 26  ? -1.243  2.914   15.817  1.00  23.98 ? 26   SER A CB  1 
ATOM   190 O  OG  . SER A 1 26  ? -2.340  3.726   15.426  1.00  24.95 ? 26   SER A OG  1 
ATOM   191 N  N   . GLU A 1 27  ? -3.743  0.652   15.321  1.00  23.71 ? 27   GLU A N   1 
ATOM   192 C  CA  . GLU A 1 27  ? -5.023  0.134   15.851  1.00  20.06 ? 27   GLU A CA  1 
ATOM   193 C  C   . GLU A 1 27  ? -5.571  -0.953  14.936  1.00  21.11 ? 27   GLU A C   1 
ATOM   194 O  O   . GLU A 1 27  ? -5.224  -0.986  13.756  1.00  20.04 ? 27   GLU A O   1 
ATOM   195 C  CB  . GLU A 1 27  ? -6.045  1.270   15.940  1.00  24.76 ? 27   GLU A CB  1 
ATOM   196 C  CG  . GLU A 1 27  ? -5.530  2.491   16.702  1.00  25.67 ? 27   GLU A CG  1 
ATOM   197 C  CD  . GLU A 1 27  ? -6.571  3.592   16.891  1.00  46.43 ? 27   GLU A CD  1 
ATOM   198 O  OE1 . GLU A 1 27  ? -7.429  3.796   16.001  1.00  59.47 ? 27   GLU A OE1 1 
ATOM   199 O  OE2 . GLU A 1 27  ? -6.512  4.270   17.943  1.00  58.50 ? 27   GLU A OE2 1 
ATOM   200 N  N   . ASN A 1 28  ? -6.388  -1.841  15.509  1.00  20.94 ? 28   ASN A N   1 
ATOM   201 C  CA  . ASN A 1 28  ? -7.070  -2.870  14.746  1.00  24.12 ? 28   ASN A CA  1 
ATOM   202 C  C   . ASN A 1 28  ? -7.979  -2.246  13.710  1.00  21.98 ? 28   ASN A C   1 
ATOM   203 O  O   . ASN A 1 28  ? -8.749  -1.313  14.011  1.00  20.98 ? 28   ASN A O   1 
ATOM   204 C  CB  . ASN A 1 28  ? -7.897  -3.786  15.647  1.00  20.33 ? 28   ASN A CB  1 
ATOM   205 C  CG  . ASN A 1 28  ? -7.044  -4.706  16.520  1.00  22.60 ? 28   ASN A CG  1 
ATOM   206 O  OD1 . ASN A 1 28  ? -5.833  -4.774  16.370  1.00  23.14 ? 28   ASN A OD1 1 
ATOM   207 N  ND2 . ASN A 1 28  ? -7.693  -5.389  17.450  1.00  34.56 ? 28   ASN A ND2 1 
ATOM   208 N  N   . LEU A 1 29  ? -7.853  -2.736  12.486  1.00  21.12 ? 29   LEU A N   1 
ATOM   209 C  CA  . LEU A 1 29  ? -8.664  -2.219  11.388  1.00  20.08 ? 29   LEU A CA  1 
ATOM   210 C  C   . LEU A 1 29  ? -9.987  -2.942  11.293  1.00  24.04 ? 29   LEU A C   1 
ATOM   211 O  O   . LEU A 1 29  ? -10.080 -4.172  11.567  1.00  25.01 ? 29   LEU A O   1 
ATOM   212 C  CB  . LEU A 1 29  ? -7.910  -2.346  10.083  1.00  19.30 ? 29   LEU A CB  1 
ATOM   213 C  CG  . LEU A 1 29  ? -6.506  -1.789  9.935   1.00  23.68 ? 29   LEU A CG  1 
ATOM   214 C  CD1 . LEU A 1 29  ? -5.970  -2.036  8.530   1.00  33.42 ? 29   LEU A CD1 1 
ATOM   215 C  CD2 . LEU A 1 29  ? -6.518  -0.303  10.246  1.00  29.00 ? 29   LEU A CD2 1 
ATOM   216 N  N   . VAL A 1 30  ? -11.017 -2.187  10.918  1.00  22.76 ? 30   VAL A N   1 
ATOM   217 C  CA  . VAL A 1 30  ? -12.310 -2.740  10.531  1.00  20.60 ? 30   VAL A CA  1 
ATOM   218 C  C   . VAL A 1 30  ? -12.289 -2.982  9.008   1.00  21.98 ? 30   VAL A C   1 
ATOM   219 O  O   . VAL A 1 30  ? -12.208 -2.055  8.189   1.00  23.40 ? 30   VAL A O   1 
ATOM   220 C  CB  . VAL A 1 30  ? -13.468 -1.809  10.939  1.00  25.73 ? 30   VAL A CB  1 
ATOM   221 C  CG1 . VAL A 1 30  ? -14.803 -2.328  10.453  1.00  25.93 ? 30   VAL A CG1 1 
ATOM   222 C  CG2 . VAL A 1 30  ? -13.461 -1.658  12.449  1.00  25.23 ? 30   VAL A CG2 1 
ATOM   223 N  N   . THR A 1 31  ? -12.333 -4.252  8.624   1.00  21.63 ? 31   THR A N   1 
ATOM   224 C  CA  . THR A 1 31  ? -12.012 -4.620  7.254   1.00  22.77 ? 31   THR A CA  1 
ATOM   225 C  C   . THR A 1 31  ? -12.967 -4.068  6.215   1.00  19.09 ? 31   THR A C   1 
ATOM   226 O  O   . THR A 1 31  ? -12.551 -3.760  5.098   1.00  22.83 ? 31   THR A O   1 
ATOM   227 C  CB  A THR A 1 31  ? -11.949 -6.144  7.090   0.50  21.87 ? 31   THR A CB  1 
ATOM   228 C  CB  B THR A 1 31  ? -11.984 -6.158  7.095   0.50  24.93 ? 31   THR A CB  1 
ATOM   229 O  OG1 A THR A 1 31  ? -13.132 -6.728  7.652   0.50  22.57 ? 31   THR A OG1 1 
ATOM   230 O  OG1 B THR A 1 31  ? -11.321 -6.748  8.225   0.50  30.67 ? 31   THR A OG1 1 
ATOM   231 C  CG2 A THR A 1 31  ? -10.701 -6.695  7.789   0.50  23.73 ? 31   THR A CG2 1 
ATOM   232 C  CG2 B THR A 1 31  ? -11.276 -6.556  5.799   0.50  28.96 ? 31   THR A CG2 1 
ATOM   233 N  N   . GLN A 1 32  ? -14.243 -3.937  6.560   1.00  19.83 ? 32   GLN A N   1 
ATOM   234 C  CA  . GLN A 1 32  ? -15.222 -3.517  5.565   1.00  19.39 ? 32   GLN A CA  1 
ATOM   235 C  C   . GLN A 1 32  ? -14.959 -2.113  5.062   1.00  18.23 ? 32   GLN A C   1 
ATOM   236 O  O   . GLN A 1 32  ? -15.321 -1.779  3.922   1.00  19.57 ? 32   GLN A O   1 
ATOM   237 C  CB  . GLN A 1 32  ? -16.690 -3.619  6.041   1.00  24.31 ? 32   GLN A CB  1 
ATOM   238 C  CG  . GLN A 1 32  ? -16.932 -3.447  7.530   1.00  49.45 ? 32   GLN A CG  1 
ATOM   239 C  CD  . GLN A 1 32  ? -16.615 -4.701  8.336   1.00  21.91 ? 32   GLN A CD  1 
ATOM   240 O  OE1 . GLN A 1 32  ? -16.140 -4.632  9.465   1.00  71.36 ? 32   GLN A OE1 1 
ATOM   241 N  NE2 . GLN A 1 32  ? -16.911 -5.868  7.758   1.00  52.93 ? 32   GLN A NE2 1 
ATOM   242 N  N   . PHE A 1 33  ? -14.287 -1.307  5.884   1.00  16.96 ? 33   PHE A N   1 
ATOM   243 C  CA  . PHE A 1 33  ? -14.091 0.110   5.551   1.00  15.89 ? 33   PHE A CA  1 
ATOM   244 C  C   . PHE A 1 33  ? -12.676 0.462   5.154   1.00  19.06 ? 33   PHE A C   1 
ATOM   245 O  O   . PHE A 1 33  ? -12.425 1.562   4.651   1.00  21.93 ? 33   PHE A O   1 
ATOM   246 C  CB  . PHE A 1 33  ? -14.476 0.990   6.735   1.00  20.31 ? 33   PHE A CB  1 
ATOM   247 C  CG  . PHE A 1 33  ? -15.866 0.732   7.245   1.00  16.95 ? 33   PHE A CG  1 
ATOM   248 C  CD1 . PHE A 1 33  ? -16.088 0.354   8.542   1.00  18.00 ? 33   PHE A CD1 1 
ATOM   249 C  CD2 . PHE A 1 33  ? -16.934 0.822   6.385   1.00  17.75 ? 33   PHE A CD2 1 
ATOM   250 C  CE1 . PHE A 1 33  ? -17.372 0.109   9.001   1.00  22.02 ? 33   PHE A CE1 1 
ATOM   251 C  CE2 . PHE A 1 33  ? -18.246 0.566   6.838   1.00  20.05 ? 33   PHE A CE2 1 
ATOM   252 C  CZ  . PHE A 1 33  ? -18.444 0.195   8.126   1.00  24.99 ? 33   PHE A CZ  1 
ATOM   253 N  N   . SER A 1 34  ? -11.727 -0.457  5.358   1.00  19.66 ? 34   SER A N   1 
ATOM   254 C  CA  . SER A 1 34  ? -10.343 -0.082  5.150   1.00  20.37 ? 34   SER A CA  1 
ATOM   255 C  C   . SER A 1 34  ? -10.029 -0.564  3.754   1.00  28.46 ? 34   SER A C   1 
ATOM   256 O  O   . SER A 1 34  ? -10.488 -1.630  3.350   1.00  33.93 ? 34   SER A O   1 
ATOM   257 C  CB  A SER A 1 34  ? -9.439  -0.730  6.199   0.50  29.44 ? 34   SER A CB  1 
ATOM   258 C  CB  B SER A 1 34  ? -9.472  -0.712  6.282   0.50  16.64 ? 34   SER A CB  1 
ATOM   259 O  OG  A SER A 1 34  ? -9.422  -2.134  6.050   0.50  26.31 ? 34   SER A OG  1 
ATOM   260 O  OG  B SER A 1 34  ? -9.848  -0.291  7.614   0.50  12.33 ? 34   SER A OG  1 
ATOM   261 N  N   . GLY A 1 35  ? -9.314  0.251   2.973   1.00  24.07 ? 35   GLY A N   1 
ATOM   262 C  CA  . GLY A 1 35  ? -9.037  -0.099  1.597   1.00  27.90 ? 35   GLY A CA  1 
ATOM   263 C  C   . GLY A 1 35  ? -7.721  0.490   1.124   1.00  27.12 ? 35   GLY A C   1 
ATOM   264 O  O   . GLY A 1 35  ? -7.097  1.253   1.828   1.00  24.36 ? 35   GLY A O   1 
ATOM   265 N  N   . ALA A 1 36  ? -7.329  0.149   -0.099  1.00  27.61 ? 36   ALA A N   1 
ATOM   266 C  CA  . ALA A 1 36  ? -6.106  0.710   -0.689  1.00  21.69 ? 36   ALA A CA  1 
ATOM   267 C  C   . ALA A 1 36  ? -6.184  0.620   -2.207  1.00  26.34 ? 36   ALA A C   1 
ATOM   268 O  O   . ALA A 1 36  ? -6.861  -0.262  -2.729  1.00  25.33 ? 36   ALA A O   1 
ATOM   269 C  CB  . ALA A 1 36  ? -4.951  -0.004  -0.196  1.00  23.97 ? 36   ALA A CB  1 
ATOM   270 N  N   . LYS A 1 37  ? -5.533  1.553   -2.894  1.00  23.05 ? 37   LYS A N   1 
ATOM   271 C  CA  . LYS A 1 37  ? -5.378  1.513   -4.346  1.00  24.75 ? 37   LYS A CA  1 
ATOM   272 C  C   . LYS A 1 37  ? -3.880  1.573   -4.628  1.00  24.67 ? 37   LYS A C   1 
ATOM   273 O  O   . LYS A 1 37  ? -3.144  2.303   -3.942  1.00  26.28 ? 37   LYS A O   1 
ATOM   274 C  CB  . LYS A 1 37  ? -6.110  2.670   -5.006  1.00  29.53 ? 37   LYS A CB  1 
ATOM   275 C  CG  . LYS A 1 37  ? -5.761  4.064   -4.566  1.00  46.25 ? 37   LYS A CG  1 
ATOM   276 C  CD  . LYS A 1 37  ? -6.768  5.082   -5.127  1.00  46.33 ? 37   LYS A CD  1 
ATOM   277 C  CE  . LYS A 1 37  ? -6.751  6.421   -4.385  1.00  62.23 ? 37   LYS A CE  1 
ATOM   278 N  NZ  . LYS A 1 37  ? -5.794  7.406   -4.964  1.00  67.09 ? 37   LYS A NZ  1 
ATOM   279 N  N   . LEU A 1 38  ? -3.435  0.784   -5.597  1.00  20.62 ? 38   LEU A N   1 
ATOM   280 C  CA  . LEU A 1 38  ? -2.037  0.772   -6.000  1.00  18.07 ? 38   LEU A CA  1 
ATOM   281 C  C   . LEU A 1 38  ? -1.900  1.434   -7.349  1.00  17.49 ? 38   LEU A C   1 
ATOM   282 O  O   . LEU A 1 38  ? -2.611  1.074   -8.288  1.00  18.13 ? 38   LEU A O   1 
ATOM   283 C  CB  . LEU A 1 38  ? -1.554  -0.659  -6.096  1.00  20.03 ? 38   LEU A CB  1 
ATOM   284 C  CG  . LEU A 1 38  ? -0.166  -0.965  -6.635  1.00  20.89 ? 38   LEU A CG  1 
ATOM   285 C  CD1 . LEU A 1 38  ? 0.868   -0.385  -5.679  1.00  22.61 ? 38   LEU A CD1 1 
ATOM   286 C  CD2 . LEU A 1 38  ? 0.012   -2.445  -6.774  1.00  24.28 ? 38   LEU A CD2 1 
ATOM   287 N  N   . VAL A 1 39  ? -1.029  2.436   -7.429  1.00  18.54 ? 39   VAL A N   1 
ATOM   288 C  CA  . VAL A 1 39  ? -0.801  3.120   -8.683  1.00  17.34 ? 39   VAL A CA  1 
ATOM   289 C  C   . VAL A 1 39  ? 0.676   3.121   -8.980  1.00  17.57 ? 39   VAL A C   1 
ATOM   290 O  O   . VAL A 1 39  ? 1.513   3.135   -8.064  1.00  18.87 ? 39   VAL A O   1 
ATOM   291 C  CB  . VAL A 1 39  ? -1.326  4.554   -8.671  1.00  18.95 ? 39   VAL A CB  1 
ATOM   292 C  CG1 . VAL A 1 39  ? -2.842  4.563   -8.473  1.00  21.98 ? 39   VAL A CG1 1 
ATOM   293 C  CG2 . VAL A 1 39  ? -0.690  5.376   -7.575  1.00  23.08 ? 39   VAL A CG2 1 
ATOM   294 N  N   . MET A 1 40  ? 1.007   3.176   -10.261 1.00  16.73 ? 40   MET A N   1 
ATOM   295 C  CA  . MET A 1 40  ? 2.381   3.415   -10.697 1.00  16.59 ? 40   MET A CA  1 
ATOM   296 C  C   . MET A 1 40  ? 2.486   4.854   -11.138 1.00  16.87 ? 40   MET A C   1 
ATOM   297 O  O   . MET A 1 40  ? 1.679   5.300   -11.964 1.00  16.27 ? 40   MET A O   1 
ATOM   298 C  CB  . MET A 1 40  ? 2.718   2.495   -11.869 1.00  16.87 ? 40   MET A CB  1 
ATOM   299 C  CG  . MET A 1 40  ? 4.210   2.406   -12.184 1.00  18.24 ? 40   MET A CG  1 
ATOM   300 S  SD  . MET A 1 40  ? 4.426   1.505   -13.753 1.00  16.75 ? 40   MET A SD  1 
ATOM   301 C  CE  . MET A 1 40  ? 6.169   1.143   -13.665 1.00  20.23 ? 40   MET A CE  1 
ATOM   302 N  N   . THR A 1 41  ? 3.504   5.544   -10.625 1.00  16.75 ? 41   THR A N   1 
ATOM   303 C  CA  . THR A 1 41  ? 3.693   6.964   -10.863 1.00  15.34 ? 41   THR A CA  1 
ATOM   304 C  C   . THR A 1 41  ? 4.939   7.267   -11.729 1.00  16.76 ? 41   THR A C   1 
ATOM   305 O  O   . THR A 1 41  ? 5.144   8.391   -12.158 1.00  16.43 ? 41   THR A O   1 
ATOM   306 C  CB  . THR A 1 41  ? 3.788   7.722   -9.517  1.00  16.80 ? 41   THR A CB  1 
ATOM   307 O  OG1 . THR A 1 41  ? 4.948   7.275   -8.801  1.00  19.48 ? 41   THR A OG1 1 
ATOM   308 C  CG2 . THR A 1 41  ? 2.515   7.493   -8.715  1.00  18.38 ? 41   THR A CG2 1 
ATOM   309 N  N   . ALA A 1 42  ? 5.732   6.242   -12.033 1.00  16.49 ? 42   ALA A N   1 
ATOM   310 C  CA  . ALA A 1 42  ? 6.875   6.419   -12.919 1.00  16.57 ? 42   ALA A CA  1 
ATOM   311 C  C   . ALA A 1 42  ? 7.377   5.093   -13.395 1.00  17.14 ? 42   ALA A C   1 
ATOM   312 O  O   . ALA A 1 42  ? 7.291   4.102   -12.688 1.00  17.13 ? 42   ALA A O   1 
ATOM   313 C  CB  . ALA A 1 42  ? 8.008   7.145   -12.235 1.00  17.31 ? 42   ALA A CB  1 
ATOM   314 N  N   . MET A 1 43  ? 7.902   5.085   -14.609 1.00  15.23 ? 43   MET A N   1 
ATOM   315 C  CA  . MET A 1 43  ? 8.789   4.018   -15.067 1.00  16.27 ? 43   MET A CA  1 
ATOM   316 C  C   . MET A 1 43  ? 10.225  4.557   -14.922 1.00  14.52 ? 43   MET A C   1 
ATOM   317 O  O   . MET A 1 43  ? 10.461  5.773   -14.823 1.00  15.73 ? 43   MET A O   1 
ATOM   318 C  CB  . MET A 1 43  ? 8.497   3.664   -16.532 1.00  14.50 ? 43   MET A CB  1 
ATOM   319 C  CG  . MET A 1 43  ? 8.689   4.814   -17.503 1.00  16.26 ? 43   MET A CG  1 
ATOM   320 S  SD  . MET A 1 43  ? 8.300   4.471   -19.234 1.00  17.79 ? 43   MET A SD  1 
ATOM   321 C  CE  . MET A 1 43  ? 6.516   4.265   -19.186 1.00  22.49 ? 43   MET A CE  1 
ATOM   322 N  N   . PRO A 1 44  ? 11.244  3.674   -14.976 1.00  15.20 ? 44   PRO A N   1 
ATOM   323 C  CA  . PRO A 1 44  ? 12.606  4.179   -14.947 1.00  16.47 ? 44   PRO A CA  1 
ATOM   324 C  C   . PRO A 1 44  ? 12.820  5.178   -16.077 1.00  17.04 ? 44   PRO A C   1 
ATOM   325 O  O   . PRO A 1 44  ? 12.516  4.889   -17.222 1.00  18.13 ? 44   PRO A O   1 
ATOM   326 C  CB  . PRO A 1 44  ? 13.461  2.906   -15.077 1.00  18.17 ? 44   PRO A CB  1 
ATOM   327 C  CG  . PRO A 1 44  ? 12.535  1.773   -14.684 1.00  18.00 ? 44   PRO A CG  1 
ATOM   328 C  CD  . PRO A 1 44  ? 11.199  2.223   -15.140 1.00  17.57 ? 44   PRO A CD  1 
ATOM   329 N  N   . GLY A 1 45  ? 13.237  6.396   -15.738 1.00  15.94 ? 45   GLY A N   1 
ATOM   330 C  CA  . GLY A 1 45  ? 13.553  7.387   -16.779 1.00  15.78 ? 45   GLY A CA  1 
ATOM   331 C  C   . GLY A 1 45  ? 12.391  8.301   -17.110 1.00  17.38 ? 45   GLY A C   1 
ATOM   332 O  O   . GLY A 1 45  ? 12.592  9.315   -17.772 1.00  15.21 ? 45   GLY A O   1 
ATOM   333 N  N   . MET A 1 46  ? 11.173  7.984   -16.666 1.00  15.53 ? 46   MET A N   1 
ATOM   334 C  CA  . MET A 1 46  ? 10.051  8.852   -16.997 1.00  14.30 ? 46   MET A CA  1 
ATOM   335 C  C   . MET A 1 46  ? 8.884   8.800   -16.031 1.00  14.18 ? 46   MET A C   1 
ATOM   336 O  O   . MET A 1 46  ? 8.216   7.782   -15.901 1.00  16.02 ? 46   MET A O   1 
ATOM   337 C  CB  . MET A 1 46  ? 9.537   8.546   -18.433 1.00  17.75 ? 46   MET A CB  1 
ATOM   338 C  CG  . MET A 1 46  ? 8.421   9.492   -18.841 1.00  17.55 ? 46   MET A CG  1 
ATOM   339 S  SD  . MET A 1 46  ? 7.760   9.412   -20.559 1.00  18.08 ? 46   MET A SD  1 
ATOM   340 C  CE  . MET A 1 46  ? 6.696   7.993   -20.376 1.00  23.14 ? 46   MET A CE  1 
ATOM   341 N  N   . GLU A 1 47  ? 8.573   9.932   -15.421 1.00  14.79 ? 47   GLU A N   1 
ATOM   342 C  CA  . GLU A 1 47  ? 7.376   10.033  -14.575 1.00  15.02 ? 47   GLU A CA  1 
ATOM   343 C  C   . GLU A 1 47  ? 6.149   10.015  -15.441 1.00  17.97 ? 47   GLU A C   1 
ATOM   344 O  O   . GLU A 1 47  ? 6.213   10.356  -16.591 1.00  17.40 ? 47   GLU A O   1 
ATOM   345 C  CB  . GLU A 1 47  ? 7.414   11.270  -13.746 1.00  17.73 ? 47   GLU A CB  1 
ATOM   346 C  CG  . GLU A 1 47  ? 8.563   11.290  -12.820 1.00  24.97 ? 47   GLU A CG  1 
ATOM   347 C  CD  . GLU A 1 47  ? 8.485   12.417  -11.843 1.00  29.86 ? 47   GLU A CD  1 
ATOM   348 O  OE1 . GLU A 1 47  ? 9.255   12.342  -10.860 1.00  37.31 ? 47   GLU A OE1 1 
ATOM   349 O  OE2 . GLU A 1 47  ? 7.668   13.360  -12.055 1.00  27.29 ? 47   GLU A OE2 1 
ATOM   350 N  N   . HIS A 1 48  ? 5.061   9.489   -14.923 1.00  15.45 ? 48   HIS A N   1 
ATOM   351 C  CA  . HIS A 1 48  ? 3.797   9.558   -15.665 1.00  15.60 ? 48   HIS A CA  1 
ATOM   352 C  C   . HIS A 1 48  ? 2.595   9.710   -14.733 1.00  18.99 ? 48   HIS A C   1 
ATOM   353 O  O   . HIS A 1 48  ? 2.688   9.439   -13.534 1.00  17.69 ? 48   HIS A O   1 
ATOM   354 C  CB  . HIS A 1 48  ? 3.636   8.341   -16.579 1.00  16.56 ? 48   HIS A CB  1 
ATOM   355 C  CG  . HIS A 1 48  ? 3.730   7.014   -15.905 1.00  15.96 ? 48   HIS A CG  1 
ATOM   356 N  ND1 . HIS A 1 48  ? 2.764   6.529   -15.039 1.00  15.42 ? 48   HIS A ND1 1 
ATOM   357 C  CD2 . HIS A 1 48  ? 4.624   6.009   -16.071 1.00  14.97 ? 48   HIS A CD2 1 
ATOM   358 C  CE1 . HIS A 1 48  ? 3.062   5.278   -14.728 1.00  19.02 ? 48   HIS A CE1 1 
ATOM   359 N  NE2 . HIS A 1 48  ? 4.190   4.951   -15.322 1.00  18.75 ? 48   HIS A NE2 1 
ATOM   360 N  N   . SER A 1 49  ? 1.463   10.179  -15.284 1.00  16.58 ? 49   SER A N   1 
ATOM   361 C  CA  . SER A 1 49  ? 0.250   10.255  -14.514 1.00  16.48 ? 49   SER A CA  1 
ATOM   362 C  C   . SER A 1 49  ? 0.020   8.908   -13.836 1.00  17.04 ? 49   SER A C   1 
ATOM   363 O  O   . SER A 1 49  ? 0.299   7.848   -14.425 1.00  18.73 ? 49   SER A O   1 
ATOM   364 C  CB  A SER A 1 49  ? -0.930  10.607  -15.417 0.50  22.88 ? 49   SER A CB  1 
ATOM   365 C  CB  B SER A 1 49  ? -0.935  10.538  -15.428 0.50  22.55 ? 49   SER A CB  1 
ATOM   366 O  OG  A SER A 1 49  ? -2.070  10.897  -14.630 0.50  24.67 ? 49   SER A OG  1 
ATOM   367 O  OG  B SER A 1 49  ? -0.724  11.719  -16.152 0.50  19.76 ? 49   SER A OG  1 
ATOM   368 N  N   . PRO A 1 50  ? -0.481  8.917   -12.590 1.00  18.59 ? 50   PRO A N   1 
ATOM   369 C  CA  . PRO A 1 50  ? -0.670  7.659   -11.881 1.00  17.92 ? 50   PRO A CA  1 
ATOM   370 C  C   . PRO A 1 50  ? -1.537  6.678   -12.657 1.00  17.85 ? 50   PRO A C   1 
ATOM   371 O  O   . PRO A 1 50  ? -2.627  7.038   -13.123 1.00  19.22 ? 50   PRO A O   1 
ATOM   372 C  CB  . PRO A 1 50  ? -1.345  8.072   -10.583 1.00  19.28 ? 50   PRO A CB  1 
ATOM   373 C  CG  . PRO A 1 50  ? -0.845  9.453   -10.373 1.00  20.64 ? 50   PRO A CG  1 
ATOM   374 C  CD  . PRO A 1 50  ? -0.819  10.078  -11.748 1.00  19.68 ? 50   PRO A CD  1 
ATOM   375 N  N   . MET A 1 51  ? -1.045  5.453   -12.798 1.00  17.23 ? 51   MET A N   1 
ATOM   376 C  CA  . MET A 1 51  ? -1.760  4.415   -13.541 1.00  17.72 ? 51   MET A CA  1 
ATOM   377 C  C   . MET A 1 51  ? -2.102  3.307   -12.579 1.00  18.11 ? 51   MET A C   1 
ATOM   378 O  O   . MET A 1 51  ? -1.221  2.679   -11.962 1.00  19.01 ? 51   MET A O   1 
ATOM   379 C  CB  . MET A 1 51  ? -0.899  3.876   -14.697 1.00  19.05 ? 51   MET A CB  1 
ATOM   380 C  CG  . MET A 1 51  ? -1.652  2.941   -15.610 1.00  21.81 ? 51   MET A CG  1 
ATOM   381 S  SD  . MET A 1 51  ? -0.728  2.472   -17.107 1.00  20.25 ? 51   MET A SD  1 
ATOM   382 C  CE  . MET A 1 51  ? 0.651   1.610   -16.357 1.00  21.24 ? 51   MET A CE  1 
ATOM   383 N  N   . ALA A 1 52  ? -3.402  3.060   -12.418 1.00  17.71 ? 52   ALA A N   1 
ATOM   384 C  CA  . ALA A 1 52  ? -3.873  2.111   -11.429 1.00  18.23 ? 52   ALA A CA  1 
ATOM   385 C  C   . ALA A 1 52  ? -3.567  0.690   -11.857 1.00  19.53 ? 52   ALA A C   1 
ATOM   386 O  O   . ALA A 1 52  ? -3.937  0.275   -12.965 1.00  17.98 ? 52   ALA A O   1 
ATOM   387 C  CB  . ALA A 1 52  ? -5.371  2.258   -11.200 1.00  22.51 ? 52   ALA A CB  1 
ATOM   388 N  N   . VAL A 1 53  ? -2.927  -0.024  -10.946 1.00  16.83 ? 53   VAL A N   1 
ATOM   389 C  CA  . VAL A 1 53  ? -2.509  -1.414  -11.133 1.00  18.49 ? 53   VAL A CA  1 
ATOM   390 C  C   . VAL A 1 53  ? -3.505  -2.309  -10.391 1.00  19.25 ? 53   VAL A C   1 
ATOM   391 O  O   . VAL A 1 53  ? -3.860  -2.047  -9.256  1.00  21.59 ? 53   VAL A O   1 
ATOM   392 C  CB  . VAL A 1 53  ? -1.089  -1.611  -10.599 1.00  20.02 ? 53   VAL A CB  1 
ATOM   393 C  CG1 . VAL A 1 53  ? -0.683  -3.095  -10.654 1.00  25.13 ? 53   VAL A CG1 1 
ATOM   394 C  CG2 . VAL A 1 53  ? -0.136  -0.768  -11.446 1.00  22.44 ? 53   VAL A CG2 1 
ATOM   395 N  N   . LYS A 1 54  ? -3.950  -3.375  -11.035 1.00  17.38 ? 54   LYS A N   1 
ATOM   396 C  CA  . LYS A 1 54  ? -4.924  -4.251  -10.439 1.00  19.05 ? 54   LYS A CA  1 
ATOM   397 C  C   . LYS A 1 54  ? -4.322  -4.918  -9.213  1.00  21.38 ? 54   LYS A C   1 
ATOM   398 O  O   . LYS A 1 54  ? -3.205  -5.443  -9.271  1.00  18.69 ? 54   LYS A O   1 
ATOM   399 C  CB  . LYS A 1 54  ? -5.334  -5.299  -11.447 1.00  21.75 ? 54   LYS A CB  1 
ATOM   400 C  CG  . LYS A 1 54  ? -6.405  -6.237  -10.969 1.00  21.83 ? 54   LYS A CG  1 
ATOM   401 C  CD  . LYS A 1 54  ? -6.750  -7.196  -12.090 1.00  26.66 ? 54   LYS A CD  1 
ATOM   402 C  CE  . LYS A 1 54  ? -7.656  -6.604  -13.144 0.010 22.81 ? 54   LYS A CE  1 
ATOM   403 N  NZ  . LYS A 1 54  ? -7.790  -7.495  -14.329 0.010 20.29 ? 54   LYS A NZ  1 
ATOM   404 N  N   . ALA A 1 55  ? -5.081  -4.912  -8.116  1.00  20.88 ? 55   ALA A N   1 
ATOM   405 C  CA  . ALA A 1 55  ? -4.623  -5.443  -6.831  1.00  20.50 ? 55   ALA A CA  1 
ATOM   406 C  C   . ALA A 1 55  ? -5.834  -5.795  -5.994  1.00  23.74 ? 55   ALA A C   1 
ATOM   407 O  O   . ALA A 1 55  ? -6.925  -5.273  -6.235  1.00  23.26 ? 55   ALA A O   1 
ATOM   408 C  CB  . ALA A 1 55  ? -3.748  -4.441  -6.121  1.00  21.18 ? 55   ALA A CB  1 
ATOM   409 N  N   . ALA A 1 56  ? -5.662  -6.745  -5.074  1.00  19.79 ? 56   ALA A N   1 
ATOM   410 C  CA  . ALA A 1 56  ? -6.688  -7.075  -4.106  1.00  21.10 ? 56   ALA A CA  1 
ATOM   411 C  C   . ALA A 1 56  ? -6.197  -6.671  -2.730  1.00  20.11 ? 56   ALA A C   1 
ATOM   412 O  O   . ALA A 1 56  ? -4.994  -6.786  -2.433  1.00  22.95 ? 56   ALA A O   1 
ATOM   413 C  CB  . ALA A 1 56  ? -6.962  -8.585  -4.128  1.00  18.87 ? 56   ALA A CB  1 
ATOM   414 N  N   . VAL A 1 57  ? -7.121  -6.224  -1.896  1.00  21.49 ? 57   VAL A N   1 
ATOM   415 C  CA  . VAL A 1 57  ? -6.786  -5.773  -0.566  1.00  18.94 ? 57   VAL A CA  1 
ATOM   416 C  C   . VAL A 1 57  ? -7.543  -6.597  0.461   1.00  25.74 ? 57   VAL A C   1 
ATOM   417 O  O   . VAL A 1 57  ? -8.730  -6.837  0.297   1.00  23.43 ? 57   VAL A O   1 
ATOM   418 C  CB  A VAL A 1 57  ? -7.129  -4.272  -0.387  0.50  25.95 ? 57   VAL A CB  1 
ATOM   419 C  CB  B VAL A 1 57  ? -7.077  -4.273  -0.362  0.50  27.01 ? 57   VAL A CB  1 
ATOM   420 C  CG1 A VAL A 1 57  ? -6.525  -3.741  0.903   0.50  25.21 ? 57   VAL A CG1 1 
ATOM   421 C  CG1 B VAL A 1 57  ? -8.527  -3.955  -0.646  0.50  26.54 ? 57   VAL A CG1 1 
ATOM   422 C  CG2 A VAL A 1 57  ? -6.642  -3.440  -1.609  0.50  20.76 ? 57   VAL A CG2 1 
ATOM   423 C  CG2 B VAL A 1 57  ? -6.670  -3.828  1.042   0.50  30.03 ? 57   VAL A CG2 1 
ATOM   424 N  N   . SER A 1 58  ? -6.846  -7.038  1.490   1.00  22.39 ? 58   SER A N   1 
ATOM   425 C  CA  . SER A 1 58  ? -7.464  -7.833  2.564   1.00  23.69 ? 58   SER A CA  1 
ATOM   426 C  C   . SER A 1 58  ? -6.704  -7.654  3.862   1.00  26.84 ? 58   SER A C   1 
ATOM   427 O  O   . SER A 1 58  ? -5.736  -6.896  3.926   1.00  25.12 ? 58   SER A O   1 
ATOM   428 C  CB  . SER A 1 58  ? -7.506  -9.324  2.177   1.00  31.56 ? 58   SER A CB  1 
ATOM   429 O  OG  . SER A 1 58  ? -6.204  -9.813  1.859   1.00  37.11 ? 58   SER A OG  1 
ATOM   430 N  N   . GLY A 1 59  ? -7.168  -8.333  4.905   1.00  31.33 ? 59   GLY A N   1 
ATOM   431 C  CA  . GLY A 1 59  ? -6.494  -8.326  6.197   1.00  26.73 ? 59   GLY A CA  1 
ATOM   432 C  C   . GLY A 1 59  ? -5.413  -9.392  6.273   1.00  33.68 ? 59   GLY A C   1 
ATOM   433 O  O   . GLY A 1 59  ? -5.525  -10.439 5.636   1.00  31.05 ? 59   GLY A O   1 
ATOM   434 N  N   . GLY A 1 60  ? -4.373  -9.141  7.071   1.00  25.64 ? 60   GLY A N   1 
ATOM   435 C  CA  . GLY A 1 60  ? -3.241  -10.046 7.185   1.00  22.49 ? 60   GLY A CA  1 
ATOM   436 C  C   . GLY A 1 60  ? -3.424  -10.960 8.390   1.00  24.59 ? 60   GLY A C   1 
ATOM   437 O  O   . GLY A 1 60  ? -4.546  -11.194 8.825   1.00  34.38 ? 60   GLY A O   1 
ATOM   438 N  N   . GLY A 1 61  ? -2.318  -11.437 8.949   1.00  26.38 ? 61   GLY A N   1 
ATOM   439 C  CA  . GLY A 1 61  ? -2.382  -12.350 10.099  1.00  28.56 ? 61   GLY A CA  1 
ATOM   440 C  C   . GLY A 1 61  ? -2.760  -11.680 11.416  1.00  31.40 ? 61   GLY A C   1 
ATOM   441 O  O   . GLY A 1 61  ? -3.234  -12.328 12.354  1.00  42.28 ? 61   GLY A O   1 
ATOM   442 N  N   . ASP A 1 62  ? -2.540  -10.369 11.459  1.00  24.32 ? 62   ASP A N   1 
ATOM   443 C  CA  . ASP A 1 62  ? -2.727  -9.504  12.612  1.00  27.10 ? 62   ASP A CA  1 
ATOM   444 C  C   . ASP A 1 62  ? -3.837  -8.522  12.206  1.00  23.65 ? 62   ASP A C   1 
ATOM   445 O  O   . ASP A 1 62  ? -3.842  -8.096  11.068  1.00  21.50 ? 62   ASP A O   1 
ATOM   446 C  CB  . ASP A 1 62  ? -1.372  -8.802  12.829  1.00  28.66 ? 62   ASP A CB  1 
ATOM   447 C  CG  . ASP A 1 62  ? -1.463  -7.459  13.527  1.00  47.85 ? 62   ASP A CG  1 
ATOM   448 O  OD1 . ASP A 1 62  ? -0.555  -6.632  13.288  1.00  61.29 ? 62   ASP A OD1 1 
ATOM   449 O  OD2 . ASP A 1 62  ? -2.390  -7.218  14.313  1.00  39.35 ? 62   ASP A OD2 1 
ATOM   450 N  N   . PRO A 1 63  ? -4.803  -8.209  13.101  1.00  26.29 ? 63   PRO A N   1 
ATOM   451 C  CA  . PRO A 1 63  ? -5.867  -7.233  12.785  1.00  26.28 ? 63   PRO A CA  1 
ATOM   452 C  C   . PRO A 1 63  ? -5.374  -5.818  12.447  1.00  22.88 ? 63   PRO A C   1 
ATOM   453 O  O   . PRO A 1 63  ? -6.136  -5.034  11.893  1.00  22.71 ? 63   PRO A O   1 
ATOM   454 C  CB  . PRO A 1 63  ? -6.718  -7.193  14.059  1.00  31.40 ? 63   PRO A CB  1 
ATOM   455 C  CG  . PRO A 1 63  ? -6.364  -8.403  14.820  1.00  36.74 ? 63   PRO A CG  1 
ATOM   456 C  CD  . PRO A 1 63  ? -4.971  -8.783  14.447  1.00  23.83 ? 63   PRO A CD  1 
ATOM   457 N  N   . LYS A 1 64  ? -4.128  -5.507  12.787  1.00  23.21 ? 64   LYS A N   1 
ATOM   458 C  CA  . LYS A 1 64  ? -3.548  -4.181  12.530  1.00  19.33 ? 64   LYS A CA  1 
ATOM   459 C  C   . LYS A 1 64  ? -2.936  -4.075  11.140  1.00  18.81 ? 64   LYS A C   1 
ATOM   460 O  O   . LYS A 1 64  ? -2.472  -3.007  10.754  1.00  21.53 ? 64   LYS A O   1 
ATOM   461 C  CB  . LYS A 1 64  ? -2.488  -3.859  13.585  1.00  22.22 ? 64   LYS A CB  1 
ATOM   462 C  CG  . LYS A 1 64  ? -3.101  -3.732  14.971  1.00  23.04 ? 64   LYS A CG  1 
ATOM   463 C  CD  . LYS A 1 64  ? -2.109  -3.322  16.068  1.00  23.41 ? 64   LYS A CD  1 
ATOM   464 C  CE  . LYS A 1 64  ? -2.817  -3.236  17.425  1.00  29.14 ? 64   LYS A CE  1 
ATOM   465 N  NZ  . LYS A 1 64  ? -1.901  -3.522  18.554  1.00  44.92 ? 64   LYS A NZ  1 
ATOM   466 N  N   . THR A 1 65  ? -2.946  -5.175  10.384  1.00  18.45 ? 65   THR A N   1 
ATOM   467 C  CA  . THR A 1 65  ? -2.289  -5.220  9.095   1.00  20.39 ? 65   THR A CA  1 
ATOM   468 C  C   . THR A 1 65  ? -3.279  -5.299  7.931   1.00  20.83 ? 65   THR A C   1 
ATOM   469 O  O   . THR A 1 65  ? -4.265  -6.041  7.979   1.00  22.58 ? 65   THR A O   1 
ATOM   470 C  CB  . THR A 1 65  ? -1.356  -6.440  9.019   1.00  23.27 ? 65   THR A CB  1 
ATOM   471 O  OG1 . THR A 1 65  ? -0.406  -6.380  10.094  1.00  25.20 ? 65   THR A OG1 1 
ATOM   472 C  CG2 . THR A 1 65  ? -0.594  -6.480  7.681   1.00  24.18 ? 65   THR A CG2 1 
ATOM   473 N  N   . MET A 1 66  ? -2.983  -4.517  6.891   1.00  22.63 ? 66   MET A N   1 
ATOM   474 C  CA  . MET A 1 66  ? -3.736  -4.502  5.636   1.00  23.04 ? 66   MET A CA  1 
ATOM   475 C  C   . MET A 1 66  ? -2.776  -5.027  4.582   1.00  24.68 ? 66   MET A C   1 
ATOM   476 O  O   . MET A 1 66  ? -1.624  -4.590  4.524   1.00  22.76 ? 66   MET A O   1 
ATOM   477 C  CB  A MET A 1 66  ? -4.174  -3.086  5.308   0.50  22.99 ? 66   MET A CB  1 
ATOM   478 C  CB  B MET A 1 66  ? -4.207  -3.070  5.289   0.50  26.41 ? 66   MET A CB  1 
ATOM   479 C  CG  A MET A 1 66  ? -4.789  -2.910  3.921   0.50  15.26 ? 66   MET A CG  1 
ATOM   480 C  CG  B MET A 1 66  ? -5.641  -2.980  4.694   0.50  32.72 ? 66   MET A CG  1 
ATOM   481 S  SD  A MET A 1 66  ? -4.857  -1.153  3.523   0.50  28.60 ? 66   MET A SD  1 
ATOM   482 S  SD  B MET A 1 66  ? -6.118  -1.500  3.722   0.50  21.65 ? 66   MET A SD  1 
ATOM   483 C  CE  A MET A 1 66  ? -5.979  -0.588  4.792   0.50  29.93 ? 66   MET A CE  1 
ATOM   484 C  CE  B MET A 1 66  ? -5.547  -0.165  4.739   0.50  18.83 ? 66   MET A CE  1 
ATOM   485 N  N   . VAL A 1 67  ? -3.226  -5.981  3.756   1.00  24.30 ? 67   VAL A N   1 
ATOM   486 C  CA  . VAL A 1 67  ? -2.370  -6.579  2.742   1.00  25.32 ? 67   VAL A CA  1 
ATOM   487 C  C   . VAL A 1 67  ? -2.875  -6.215  1.343   1.00  25.39 ? 67   VAL A C   1 
ATOM   488 O  O   . VAL A 1 67  ? -4.054  -6.394  1.038   1.00  24.82 ? 67   VAL A O   1 
ATOM   489 C  CB  . VAL A 1 67  ? -2.301  -8.114  2.909   1.00  27.55 ? 67   VAL A CB  1 
ATOM   490 C  CG1 . VAL A 1 67  ? -1.365  -8.752  1.886   1.00  24.69 ? 67   VAL A CG1 1 
ATOM   491 C  CG2 . VAL A 1 67  ? -1.870  -8.461  4.330   1.00  25.32 ? 67   VAL A CG2 1 
ATOM   492 N  N   . ILE A 1 68  ? -1.984  -5.675  0.522   1.00  21.58 ? 68   ILE A N   1 
ATOM   493 C  CA  . ILE A 1 68  ? -2.290  -5.419  -0.901  1.00  23.04 ? 68   ILE A CA  1 
ATOM   494 C  C   . ILE A 1 68  ? -1.551  -6.422  -1.763  1.00  25.61 ? 68   ILE A C   1 
ATOM   495 O  O   . ILE A 1 68  ? -0.329  -6.473  -1.728  1.00  23.26 ? 68   ILE A O   1 
ATOM   496 C  CB  . ILE A 1 68  ? -1.872  -4.001  -1.322  1.00  25.26 ? 68   ILE A CB  1 
ATOM   497 C  CG1 . ILE A 1 68  ? -2.605  -2.973  -0.480  1.00  26.06 ? 68   ILE A CG1 1 
ATOM   498 C  CG2 . ILE A 1 68  ? -2.122  -3.783  -2.832  1.00  23.97 ? 68   ILE A CG2 1 
ATOM   499 C  CD1 . ILE A 1 68  ? -1.877  -2.618  0.826   1.00  31.28 ? 68   ILE A CD1 1 
ATOM   500 N  N   . THR A 1 69  ? -2.278  -7.199  -2.573  1.00  19.04 ? 69   THR A N   1 
ATOM   501 C  CA  . THR A 1 69  ? -1.673  -8.219  -3.395  1.00  19.82 ? 69   THR A CA  1 
ATOM   502 C  C   . THR A 1 69  ? -1.816  -7.806  -4.838  1.00  18.72 ? 69   THR A C   1 
ATOM   503 O  O   . THR A 1 69  ? -2.920  -7.845  -5.354  1.00  18.59 ? 69   THR A O   1 
ATOM   504 C  CB  . THR A 1 69  ? -2.350  -9.594  -3.200  1.00  19.10 ? 69   THR A CB  1 
ATOM   505 O  OG1 . THR A 1 69  ? -2.226  -10.013 -1.824  1.00  21.38 ? 69   THR A OG1 1 
ATOM   506 C  CG2 . THR A 1 69  ? -1.730  -10.610 -4.125  1.00  20.86 ? 69   THR A CG2 1 
ATOM   507 N  N   . PRO A 1 70  ? -0.726  -7.329  -5.476  1.00  18.18 ? 70   PRO A N   1 
ATOM   508 C  CA  . PRO A 1 70  ? -0.843  -7.065  -6.897  1.00  20.07 ? 70   PRO A CA  1 
ATOM   509 C  C   . PRO A 1 70  ? -1.274  -8.333  -7.646  1.00  18.67 ? 70   PRO A C   1 
ATOM   510 O  O   . PRO A 1 70  ? -0.824  -9.433  -7.299  1.00  19.10 ? 70   PRO A O   1 
ATOM   511 C  CB  . PRO A 1 70  ? 0.577   -6.641  -7.312  1.00  23.79 ? 70   PRO A CB  1 
ATOM   512 C  CG  . PRO A 1 70  ? 1.228   -6.175  -6.022  1.00  27.26 ? 70   PRO A CG  1 
ATOM   513 C  CD  . PRO A 1 70  ? 0.625   -7.029  -4.952  1.00  22.79 ? 70   PRO A CD  1 
ATOM   514 N  N   . ALA A 1 71  ? -2.131  -8.178  -8.654  1.00  18.03 ? 71   ALA A N   1 
ATOM   515 C  CA  . ALA A 1 71  ? -2.573  -9.289  -9.486  1.00  15.66 ? 71   ALA A CA  1 
ATOM   516 C  C   . ALA A 1 71  ? -1.516  -9.896  -10.378 1.00  19.95 ? 71   ALA A C   1 
ATOM   517 O  O   . ALA A 1 71  ? -1.731  -10.977 -10.955 1.00  22.16 ? 71   ALA A O   1 
ATOM   518 C  CB  . ALA A 1 71  ? -3.805  -8.891  -10.342 1.00  21.09 ? 71   ALA A CB  1 
ATOM   519 N  N   . SER A 1 72  ? -0.413  -9.169  -10.566 1.00  18.30 ? 72   SER A N   1 
ATOM   520 C  CA  . SER A 1 72  ? 0.617   -9.524  -11.517 1.00  19.41 ? 72   SER A CA  1 
ATOM   521 C  C   . SER A 1 72  ? 1.923   -8.996  -10.956 1.00  18.95 ? 72   SER A C   1 
ATOM   522 O  O   . SER A 1 72  ? 1.911   -8.199  -10.033 1.00  20.06 ? 72   SER A O   1 
ATOM   523 C  CB  A SER A 1 72  ? 0.354   -8.826  -12.863 0.50  24.91 ? 72   SER A CB  1 
ATOM   524 C  CB  B SER A 1 72  ? 0.314   -8.878  -12.864 0.50  23.69 ? 72   SER A CB  1 
ATOM   525 O  OG  A SER A 1 72  ? -0.838  -9.269  -13.488 0.50  32.28 ? 72   SER A OG  1 
ATOM   526 O  OG  B SER A 1 72  ? 0.297   -7.479  -12.721 0.50  14.35 ? 72   SER A OG  1 
ATOM   527 N  N   . PRO A 1 73  ? 3.057   -9.408  -11.544 1.00  20.36 ? 73   PRO A N   1 
ATOM   528 C  CA  . PRO A 1 73  ? 4.333   -8.877  -11.065 1.00  19.61 ? 73   PRO A CA  1 
ATOM   529 C  C   . PRO A 1 73  ? 4.513   -7.410  -11.372 1.00  17.79 ? 73   PRO A C   1 
ATOM   530 O  O   . PRO A 1 73  ? 4.246   -6.994  -12.491 1.00  20.17 ? 73   PRO A O   1 
ATOM   531 C  CB  . PRO A 1 73  ? 5.374   -9.689  -11.846 1.00  21.63 ? 73   PRO A CB  1 
ATOM   532 C  CG  . PRO A 1 73  ? 4.650   -10.808 -12.413 1.00  23.52 ? 73   PRO A CG  1 
ATOM   533 C  CD  . PRO A 1 73  ? 3.246   -10.372 -12.632 1.00  23.79 ? 73   PRO A CD  1 
ATOM   534 N  N   . LEU A 1 74  ? 4.998   -6.662  -10.391 1.00  17.75 ? 74   LEU A N   1 
ATOM   535 C  CA  . LEU A 1 74  ? 5.276   -5.233  -10.623 1.00  16.82 ? 74   LEU A CA  1 
ATOM   536 C  C   . LEU A 1 74  ? 6.602   -5.036  -11.356 1.00  20.42 ? 74   LEU A C   1 
ATOM   537 O  O   . LEU A 1 74  ? 7.637   -5.527  -10.907 1.00  21.96 ? 74   LEU A O   1 
ATOM   538 C  CB  . LEU A 1 74  ? 5.309   -4.443  -9.322  1.00  18.61 ? 74   LEU A CB  1 
ATOM   539 C  CG  . LEU A 1 74  ? 4.088   -4.496  -8.418  1.00  23.39 ? 74   LEU A CG  1 
ATOM   540 C  CD1 . LEU A 1 74  ? 4.206   -3.541  -7.246  1.00  22.22 ? 74   LEU A CD1 1 
ATOM   541 C  CD2 . LEU A 1 74  ? 2.833   -4.176  -9.246  1.00  20.09 ? 74   LEU A CD2 1 
ATOM   542 N  N   . THR A 1 75  ? 6.565   -4.286  -12.458 1.00  19.21 ? 75   THR A N   1 
ATOM   543 C  CA  . THR A 1 75  ? 7.795   -3.993  -13.201 1.00  19.24 ? 75   THR A CA  1 
ATOM   544 C  C   . THR A 1 75  ? 8.546   -2.884  -12.467 1.00  17.56 ? 75   THR A C   1 
ATOM   545 O  O   . THR A 1 75  ? 8.058   -2.275  -11.519 1.00  17.46 ? 75   THR A O   1 
ATOM   546 C  CB  A THR A 1 75  ? 7.570   -3.690  -14.711 0.50  15.80 ? 75   THR A CB  1 
ATOM   547 C  CB  B THR A 1 75  ? 7.488   -3.437  -14.614 0.50  20.77 ? 75   THR A CB  1 
ATOM   548 O  OG1 A THR A 1 75  ? 8.826   -3.662  -15.428 0.50  13.08 ? 75   THR A OG1 1 
ATOM   549 O  OG1 B THR A 1 75  ? 7.242   -2.025  -14.528 0.50  29.74 ? 75   THR A OG1 1 
ATOM   550 C  CG2 A THR A 1 75  ? 6.875   -2.401  -14.869 0.50  12.79 ? 75   THR A CG2 1 
ATOM   551 C  CG2 B THR A 1 75  ? 6.277   -4.100  -15.231 0.50  40.60 ? 75   THR A CG2 1 
ATOM   552 N  N   . ALA A 1 76  ? 9.742   -2.618  -12.929 1.00  19.38 ? 76   ALA A N   1 
ATOM   553 C  CA  . ALA A 1 76  ? 10.577  -1.569  -12.407 1.00  16.65 ? 76   ALA A CA  1 
ATOM   554 C  C   . ALA A 1 76  ? 9.873   -0.215  -12.519 1.00  15.65 ? 76   ALA A C   1 
ATOM   555 O  O   . ALA A 1 76  ? 9.215   0.060   -13.513 1.00  16.80 ? 76   ALA A O   1 
ATOM   556 C  CB  . ALA A 1 76  ? 11.885  -1.529  -13.217 1.00  19.60 ? 76   ALA A CB  1 
ATOM   557 N  N   . GLY A 1 77  ? 10.032  0.626   -11.498 1.00  14.72 ? 77   GLY A N   1 
ATOM   558 C  CA  . GLY A 1 77  ? 9.411   1.944   -11.492 1.00  16.58 ? 77   GLY A CA  1 
ATOM   559 C  C   . GLY A 1 77  ? 9.078   2.391   -10.104 1.00  17.81 ? 77   GLY A C   1 
ATOM   560 O  O   . GLY A 1 77  ? 9.535   1.800   -9.128  1.00  18.19 ? 77   GLY A O   1 
ATOM   561 N  N   . THR A 1 78  ? 8.234   3.420   -10.018 1.00  17.48 ? 78   THR A N   1 
ATOM   562 C  CA  . THR A 1 78  ? 7.788   3.952   -8.751  1.00  16.30 ? 78   THR A CA  1 
ATOM   563 C  C   . THR A 1 78  ? 6.289   3.695   -8.595  1.00  15.91 ? 78   THR A C   1 
ATOM   564 O  O   . THR A 1 78  ? 5.516   3.869   -9.544  1.00  15.53 ? 78   THR A O   1 
ATOM   565 C  CB  . THR A 1 78  ? 8.045   5.461   -8.673  1.00  16.71 ? 78   THR A CB  1 
ATOM   566 O  OG1 . THR A 1 78  ? 9.428   5.730   -8.946  1.00  18.76 ? 78   THR A OG1 1 
ATOM   567 C  CG2 . THR A 1 78  ? 7.711   5.974   -7.317  1.00  18.80 ? 78   THR A CG2 1 
ATOM   568 N  N   . TYR A 1 79  ? 5.927   3.292   -7.368  1.00  17.57 ? 79   TYR A N   1 
ATOM   569 C  CA  . TYR A 1 79  ? 4.542   2.974   -7.022  1.00  16.60 ? 79   TYR A CA  1 
ATOM   570 C  C   . TYR A 1 79  ? 4.125   3.750   -5.791  1.00  16.72 ? 79   TYR A C   1 
ATOM   571 O  O   . TYR A 1 79  ? 4.960   4.069   -4.928  1.00  17.52 ? 79   TYR A O   1 
ATOM   572 C  CB  . TYR A 1 79  ? 4.343   1.480   -6.788  1.00  19.35 ? 79   TYR A CB  1 
ATOM   573 C  CG  . TYR A 1 79  ? 4.659   0.651   -7.999  1.00  15.35 ? 79   TYR A CG  1 
ATOM   574 C  CD1 . TYR A 1 79  ? 5.965   0.313   -8.313  1.00  17.60 ? 79   TYR A CD1 1 
ATOM   575 C  CD2 . TYR A 1 79  ? 3.656   0.245   -8.863  1.00  18.76 ? 79   TYR A CD2 1 
ATOM   576 C  CE1 . TYR A 1 79  ? 6.255   -0.412  -9.457  1.00  16.12 ? 79   TYR A CE1 1 
ATOM   577 C  CE2 . TYR A 1 79  ? 3.930   -0.488  -9.983  1.00  16.45 ? 79   TYR A CE2 1 
ATOM   578 C  CZ  . TYR A 1 79  ? 5.240   -0.819  -10.280 1.00  15.69 ? 79   TYR A CZ  1 
ATOM   579 O  OH  . TYR A 1 79  ? 5.529   -1.583  -11.401 1.00  18.07 ? 79   TYR A OH  1 
ATOM   580 N  N   . LYS A 1 80  ? 2.827   4.005   -5.691  1.00  17.79 ? 80   LYS A N   1 
ATOM   581 C  CA  . LYS A 1 80  ? 2.246   4.496   -4.449  1.00  18.43 ? 80   LYS A CA  1 
ATOM   582 C  C   . LYS A 1 80  ? 1.018   3.690   -4.078  1.00  18.30 ? 80   LYS A C   1 
ATOM   583 O  O   . LYS A 1 80  ? 0.219   3.274   -4.943  1.00  20.61 ? 80   LYS A O   1 
ATOM   584 C  CB  . LYS A 1 80  ? 2.035   6.023   -4.435  1.00  28.55 ? 80   LYS A CB  1 
ATOM   585 C  CG  . LYS A 1 80  ? 0.966   6.665   -5.217  1.00  53.85 ? 80   LYS A CG  1 
ATOM   586 C  CD  . LYS A 1 80  ? 1.117   8.192   -5.061  1.00  41.01 ? 80   LYS A CD  1 
ATOM   587 C  CE  . LYS A 1 80  ? -0.193  8.941   -5.218  1.00  56.67 ? 80   LYS A CE  1 
ATOM   588 N  NZ  . LYS A 1 80  ? -0.862  9.232   -3.912  1.00  38.01 ? 80   LYS A NZ  1 
ATOM   589 N  N   . VAL A 1 81  ? 0.907   3.411   -2.786  1.00  19.58 ? 81   VAL A N   1 
ATOM   590 C  CA  . VAL A 1 81  ? -0.282  2.758   -2.222  1.00  21.94 ? 81   VAL A CA  1 
ATOM   591 C  C   . VAL A 1 81  ? -1.033  3.820   -1.457  1.00  19.34 ? 81   VAL A C   1 
ATOM   592 O  O   . VAL A 1 81  ? -0.518  4.325   -0.461  1.00  19.32 ? 81   VAL A O   1 
ATOM   593 C  CB  . VAL A 1 81  ? 0.068   1.622   -1.242  1.00  23.18 ? 81   VAL A CB  1 
ATOM   594 C  CG1 . VAL A 1 81  ? -1.207  1.033   -0.658  1.00  25.82 ? 81   VAL A CG1 1 
ATOM   595 C  CG2 . VAL A 1 81  ? 0.837   0.512   -1.964  1.00  25.38 ? 81   VAL A CG2 1 
ATOM   596 N  N   . ASP A 1 82  ? -2.192  4.210   -2.007  1.00  19.24 ? 82   ASP A N   1 
ATOM   597 C  CA  . ASP A 1 82  ? -3.102  5.161   -1.386  1.00  21.07 ? 82   ASP A CA  1 
ATOM   598 C  C   . ASP A 1 82  ? -4.038  4.348   -0.485  1.00  21.75 ? 82   ASP A C   1 
ATOM   599 O  O   . ASP A 1 82  ? -4.837  3.532   -0.966  1.00  23.31 ? 82   ASP A O   1 
ATOM   600 C  CB  . ASP A 1 82  ? -3.909  5.910   -2.439  1.00  22.01 ? 82   ASP A CB  1 
ATOM   601 C  CG  . ASP A 1 82  ? -3.029  6.714   -3.391  1.00  27.25 ? 82   ASP A CG  1 
ATOM   602 O  OD1 . ASP A 1 82  ? -1.983  7.181   -2.934  1.00  29.55 ? 82   ASP A OD1 1 
ATOM   603 O  OD2 . ASP A 1 82  ? -3.409  6.868   -4.576  1.00  37.97 ? 82   ASP A OD2 1 
ATOM   604 N  N   . TRP A 1 83  ? -3.954  4.573   0.812   1.00  20.31 ? 83   TRP A N   1 
ATOM   605 C  CA  . TRP A 1 83  ? -4.672  3.719   1.780   1.00  19.76 ? 83   TRP A CA  1 
ATOM   606 C  C   . TRP A 1 83  ? -5.762  4.509   2.538   1.00  19.29 ? 83   TRP A C   1 
ATOM   607 O  O   . TRP A 1 83  ? -5.637  5.717   2.735   1.00  18.33 ? 83   TRP A O   1 
ATOM   608 C  CB  . TRP A 1 83  ? -3.700  3.035   2.729   1.00  24.06 ? 83   TRP A CB  1 
ATOM   609 C  CG  . TRP A 1 83  ? -2.751  3.927   3.444   1.00  21.38 ? 83   TRP A CG  1 
ATOM   610 C  CD1 . TRP A 1 83  ? -1.471  4.228   3.072   1.00  20.41 ? 83   TRP A CD1 1 
ATOM   611 C  CD2 . TRP A 1 83  ? -3.011  4.669   4.643   1.00  18.46 ? 83   TRP A CD2 1 
ATOM   612 N  NE1 . TRP A 1 83  ? -0.901  5.067   3.991   1.00  21.85 ? 83   TRP A NE1 1 
ATOM   613 C  CE2 . TRP A 1 83  ? -1.829  5.363   4.962   1.00  20.65 ? 83   TRP A CE2 1 
ATOM   614 C  CE3 . TRP A 1 83  ? -4.122  4.794   5.480   1.00  19.17 ? 83   TRP A CE3 1 
ATOM   615 C  CZ2 . TRP A 1 83  ? -1.725  6.191   6.079   1.00  20.36 ? 83   TRP A CZ2 1 
ATOM   616 C  CZ3 . TRP A 1 83  ? -4.016  5.595   6.600   1.00  20.94 ? 83   TRP A CZ3 1 
ATOM   617 C  CH2 . TRP A 1 83  ? -2.837  6.287   6.891   1.00  20.11 ? 83   TRP A CH2 1 
ATOM   618 N  N   . ARG A 1 84  ? -6.814  3.797   2.954   1.00  22.49 ? 84   ARG A N   1 
ATOM   619 C  CA  . ARG A 1 84  ? -7.805  4.302   3.899   1.00  20.07 ? 84   ARG A CA  1 
ATOM   620 C  C   . ARG A 1 84  ? -7.907  3.300   5.045   1.00  20.38 ? 84   ARG A C   1 
ATOM   621 O  O   . ARG A 1 84  ? -8.183  2.127   4.789   1.00  19.16 ? 84   ARG A O   1 
ATOM   622 C  CB  . ARG A 1 84  ? -9.186  4.514   3.246   1.00  20.06 ? 84   ARG A CB  1 
ATOM   623 C  CG  . ARG A 1 84  ? -10.186 5.104   4.230   1.00  21.38 ? 84   ARG A CG  1 
ATOM   624 C  CD  . ARG A 1 84  ? -11.556 5.284   3.606   1.00  22.28 ? 84   ARG A CD  1 
ATOM   625 N  NE  . ARG A 1 84  ? -12.181 4.025   3.278   1.00  23.12 ? 84   ARG A NE  1 
ATOM   626 C  CZ  . ARG A 1 84  ? -12.584 3.665   2.068   1.00  28.71 ? 84   ARG A CZ  1 
ATOM   627 N  NH1 . ARG A 1 84  ? -12.468 4.491   1.035   1.00  35.27 ? 84   ARG A NH1 1 
ATOM   628 N  NH2 . ARG A 1 84  ? -13.121 2.476   1.900   1.00  29.36 ? 84   ARG A NH2 1 
ATOM   629 N  N   . ALA A 1 85  ? -7.668  3.765   6.281   1.00  22.71 ? 85   ALA A N   1 
ATOM   630 C  CA  . ALA A 1 85  ? -7.689  2.905   7.492   1.00  19.40 ? 85   ALA A CA  1 
ATOM   631 C  C   . ALA A 1 85  ? -8.835  3.392   8.388   1.00  21.59 ? 85   ALA A C   1 
ATOM   632 O  O   . ALA A 1 85  ? -8.963  4.577   8.618   1.00  21.77 ? 85   ALA A O   1 
ATOM   633 C  CB  . ALA A 1 85  ? -6.388  2.977   8.198   1.00  25.05 ? 85   ALA A CB  1 
ATOM   634 N  N   . VAL A 1 86  ? -9.648  2.462   8.875   1.00  18.78 ? 86   VAL A N   1 
ATOM   635 C  CA  . VAL A 1 86  ? -10.708 2.777   9.819   1.00  19.40 ? 86   VAL A CA  1 
ATOM   636 C  C   . VAL A 1 86  ? -10.686 1.766   10.933  1.00  19.15 ? 86   VAL A C   1 
ATOM   637 O  O   . VAL A 1 86  ? -10.751 0.568   10.658  1.00  19.48 ? 86   VAL A O   1 
ATOM   638 C  CB  . VAL A 1 86  ? -12.070 2.733   9.141   1.00  19.46 ? 86   VAL A CB  1 
ATOM   639 C  CG1 . VAL A 1 86  ? -13.119 3.225   10.047  1.00  21.71 ? 86   VAL A CG1 1 
ATOM   640 C  CG2 . VAL A 1 86  ? -12.041 3.555   7.856   1.00  20.30 ? 86   VAL A CG2 1 
ATOM   641 N  N   . SER A 1 87  ? -10.582 2.262   12.162  1.00  19.03 ? 87   SER A N   1 
ATOM   642 C  CA  . SER A 1 87  ? -10.653 1.463   13.352  1.00  20.67 ? 87   SER A CA  1 
ATOM   643 C  C   . SER A 1 87  ? -12.038 1.555   13.979  1.00  20.82 ? 87   SER A C   1 
ATOM   644 O  O   . SER A 1 87  ? -12.986 2.124   13.397  1.00  20.22 ? 87   SER A O   1 
ATOM   645 C  CB  . SER A 1 87  ? -9.629  1.976   14.363  1.00  20.78 ? 87   SER A CB  1 
ATOM   646 O  OG  . SER A 1 87  ? -10.035 3.226   14.888  1.00  25.79 ? 87   SER A OG  1 
ATOM   647 N  N   . SER A 1 88  ? -12.162 1.015   15.185  1.00  22.36 ? 88   SER A N   1 
ATOM   648 C  CA  . SER A 1 88  ? -13.431 1.039   15.885  1.00  22.98 ? 88   SER A CA  1 
ATOM   649 C  C   . SER A 1 88  ? -13.908 2.465   16.191  1.00  23.37 ? 88   SER A C   1 
ATOM   650 O  O   . SER A 1 88  ? -15.091 2.654   16.495  1.00  27.38 ? 88   SER A O   1 
ATOM   651 C  CB  . SER A 1 88  ? -13.329 0.215   17.173  1.00  27.24 ? 88   SER A CB  1 
ATOM   652 O  OG  . SER A 1 88  ? -12.467 0.862   18.072  1.00  29.66 ? 88   SER A OG  1 
ATOM   653 N  N   . ASP A 1 89  ? -13.024 3.473   16.093  1.00  21.67 ? 89   ASP A N   1 
ATOM   654 C  CA  . ASP A 1 89  ? -13.430 4.851   16.378  1.00  22.52 ? 89   ASP A CA  1 
ATOM   655 C  C   . ASP A 1 89  ? -14.150 5.517   15.229  1.00  21.90 ? 89   ASP A C   1 
ATOM   656 O  O   . ASP A 1 89  ? -14.649 6.636   15.378  1.00  23.82 ? 89   ASP A O   1 
ATOM   657 C  CB  . ASP A 1 89  ? -12.279 5.739   16.901  1.00  23.40 ? 89   ASP A CB  1 
ATOM   658 C  CG  . ASP A 1 89  ? -11.214 6.051   15.875  1.00  35.49 ? 89   ASP A CG  1 
ATOM   659 O  OD1 . ASP A 1 89  ? -11.483 6.071   14.680  1.00  27.17 ? 89   ASP A OD1 1 
ATOM   660 O  OD2 . ASP A 1 89  ? -10.067 6.352   16.294  1.00  40.89 ? 89   ASP A OD2 1 
ATOM   661 N  N   . THR A 1 90  ? -14.205 4.831   14.088  1.00  21.55 ? 90   THR A N   1 
ATOM   662 C  CA  . THR A 1 90  ? -14.980 5.283   12.898  1.00  20.29 ? 90   THR A CA  1 
ATOM   663 C  C   . THR A 1 90  ? -14.401 6.425   12.072  1.00  18.74 ? 90   THR A C   1 
ATOM   664 O  O   . THR A 1 90  ? -14.937 6.746   11.031  1.00  20.20 ? 90   THR A O   1 
ATOM   665 C  CB  . THR A 1 90  ? -16.470 5.634   13.203  1.00  24.28 ? 90   THR A CB  1 
ATOM   666 O  OG1 . THR A 1 90  ? -16.561 6.950   13.767  1.00  23.73 ? 90   THR A OG1 1 
ATOM   667 C  CG2 . THR A 1 90  ? -17.144 4.621   14.114  1.00  20.85 ? 90   THR A CG2 1 
ATOM   668 N  N   . HIS A 1 91  ? -13.258 6.997   12.452  1.00  20.50 ? 91   HIS A N   1 
ATOM   669 C  CA  . HIS A 1 91  ? -12.664 8.057   11.660  1.00  19.61 ? 91   HIS A CA  1 
ATOM   670 C  C   . HIS A 1 91  ? -11.859 7.557   10.478  1.00  20.25 ? 91   HIS A C   1 
ATOM   671 O  O   . HIS A 1 91  ? -10.851 6.863   10.700  1.00  27.36 ? 91   HIS A O   1 
ATOM   672 C  CB  . HIS A 1 91  ? -11.778 8.908   12.541  1.00  23.12 ? 91   HIS A CB  1 
ATOM   673 C  CG  . HIS A 1 91  ? -12.455 9.325   13.796  1.00  22.69 ? 91   HIS A CG  1 
ATOM   674 N  ND1 . HIS A 1 91  ? -11.804 9.433   15.004  1.00  29.86 ? 91   HIS A ND1 1 
ATOM   675 C  CD2 . HIS A 1 91  ? -13.748 9.649   14.030  1.00  27.98 ? 91   HIS A CD2 1 
ATOM   676 C  CE1 . HIS A 1 91  ? -12.669 9.808   15.929  1.00  29.23 ? 91   HIS A CE1 1 
ATOM   677 N  NE2 . HIS A 1 91  ? -13.857 9.944   15.364  1.00  29.94 ? 91   HIS A NE2 1 
ATOM   678 N  N   . PRO A 1 92  ? -12.223 7.932   9.257   1.00  20.53 ? 92   PRO A N   1 
ATOM   679 C  CA  . PRO A 1 92  ? -11.476 7.476   8.078   1.00  20.17 ? 92   PRO A CA  1 
ATOM   680 C  C   . PRO A 1 92  ? -10.174 8.233   7.854   1.00  27.47 ? 92   PRO A C   1 
ATOM   681 O  O   . PRO A 1 92  ? -10.204 9.440   7.565   1.00  27.21 ? 92   PRO A O   1 
ATOM   682 C  CB  . PRO A 1 92  ? -12.438 7.724   6.941   1.00  27.03 ? 92   PRO A CB  1 
ATOM   683 C  CG  . PRO A 1 92  ? -13.165 8.911   7.343   1.00  28.15 ? 92   PRO A CG  1 
ATOM   684 C  CD  . PRO A 1 92  ? -13.373 8.750   8.838   1.00  24.09 ? 92   PRO A CD  1 
ATOM   685 N  N   . ILE A 1 93  ? -9.051  7.533   7.990   1.00  23.17 ? 93   ILE A N   1 
ATOM   686 C  CA  . ILE A 1 93  ? -7.723  8.124   7.854   1.00  25.26 ? 93   ILE A CA  1 
ATOM   687 C  C   . ILE A 1 93  ? -7.141  7.666   6.530   1.00  22.19 ? 93   ILE A C   1 
ATOM   688 O  O   . ILE A 1 93  ? -7.308  6.509   6.161   1.00  21.13 ? 93   ILE A O   1 
ATOM   689 C  CB  . ILE A 1 93  ? -6.744  7.697   8.974   1.00  25.18 ? 93   ILE A CB  1 
ATOM   690 C  CG1 . ILE A 1 93  ? -7.359  7.940   10.356  1.00  24.85 ? 93   ILE A CG1 1 
ATOM   691 C  CG2 . ILE A 1 93  ? -5.427  8.459   8.845   1.00  29.96 ? 93   ILE A CG2 1 
ATOM   692 C  CD1 . ILE A 1 93  ? -8.062  9.257   10.465  1.00  23.15 ? 93   ILE A CD1 1 
ATOM   693 N  N   . THR A 1 94  ? -6.542  8.593   5.790   1.00  21.41 ? 94   THR A N   1 
ATOM   694 C  CA  . THR A 1 94  ? -5.933  8.284   4.496   1.00  19.77 ? 94   THR A CA  1 
ATOM   695 C  C   . THR A 1 94  ? -4.503  8.764   4.466   1.00  22.36 ? 94   THR A C   1 
ATOM   696 O  O   . THR A 1 94  ? -4.104  9.699   5.195   1.00  21.11 ? 94   THR A O   1 
ATOM   697 C  CB  . THR A 1 94  ? -6.706  8.876   3.298   1.00  22.08 ? 94   THR A CB  1 
ATOM   698 O  OG1 . THR A 1 94  ? -6.646  10.309  3.352   1.00  25.74 ? 94   THR A OG1 1 
ATOM   699 C  CG2 . THR A 1 94  ? -8.135  8.427   3.357   1.00  22.44 ? 94   THR A CG2 1 
ATOM   700 N  N   . GLY A 1 95  ? -3.705  8.084   3.657   1.00  19.75 ? 95   GLY A N   1 
ATOM   701 C  CA  . GLY A 1 95  ? -2.326  8.466   3.441   1.00  21.09 ? 95   GLY A CA  1 
ATOM   702 C  C   . GLY A 1 95  ? -1.794  7.696   2.256   1.00  20.61 ? 95   GLY A C   1 
ATOM   703 O  O   . GLY A 1 95  ? -2.562  7.009   1.566   1.00  22.01 ? 95   GLY A O   1 
ATOM   704 N  N   . SER A 1 96  ? -0.498  7.821   1.984   1.00  22.93 ? 96   SER A N   1 
ATOM   705 C  CA  . SER A 1 96  ? 0.090   7.105   0.848   1.00  21.47 ? 96   SER A CA  1 
ATOM   706 C  C   . SER A 1 96  ? 1.471   6.614   1.200   1.00  24.25 ? 96   SER A C   1 
ATOM   707 O  O   . SER A 1 96  ? 2.222   7.334   1.863   1.00  26.07 ? 96   SER A O   1 
ATOM   708 C  CB  A SER A 1 96  ? 0.217   8.024   -0.372  0.50  23.69 ? 96   SER A CB  1 
ATOM   709 C  CB  B SER A 1 96  ? 0.153   8.001   -0.376  0.50  23.37 ? 96   SER A CB  1 
ATOM   710 O  OG  A SER A 1 96  ? -1.023  8.584   -0.776  0.50  25.83 ? 96   SER A OG  1 
ATOM   711 O  OG  B SER A 1 96  ? 0.355   7.222   -1.536  0.50  30.52 ? 96   SER A OG  1 
ATOM   712 N  N   . VAL A 1 97  ? 1.823   5.417   0.733   1.00  20.55 ? 97   VAL A N   1 
ATOM   713 C  CA  . VAL A 1 97  ? 3.169   4.881   0.862   1.00  20.46 ? 97   VAL A CA  1 
ATOM   714 C  C   . VAL A 1 97  ? 3.791   4.818   -0.526  1.00  19.51 ? 97   VAL A C   1 
ATOM   715 O  O   . VAL A 1 97  ? 3.151   4.299   -1.447  1.00  19.71 ? 97   VAL A O   1 
ATOM   716 C  CB  . VAL A 1 97  ? 3.154   3.474   1.446   1.00  21.02 ? 97   VAL A CB  1 
ATOM   717 C  CG1 . VAL A 1 97  ? 4.548   2.887   1.409   1.00  23.25 ? 97   VAL A CG1 1 
ATOM   718 C  CG2 . VAL A 1 97  ? 2.647   3.518   2.875   1.00  22.18 ? 97   VAL A CG2 1 
ATOM   719 N  N   . THR A 1 98  ? 4.983   5.381   -0.691  1.00  19.54 ? 98   THR A N   1 
ATOM   720 C  CA  . THR A 1 98  ? 5.682   5.340   -1.965  1.00  18.22 ? 98   THR A CA  1 
ATOM   721 C  C   . THR A 1 98  ? 6.913   4.463   -1.865  1.00  20.94 ? 98   THR A C   1 
ATOM   722 O  O   . THR A 1 98  ? 7.656   4.512   -0.866  1.00  21.13 ? 98   THR A O   1 
ATOM   723 C  CB  A THR A 1 98  ? 6.144   6.760   -2.338  0.50  16.91 ? 98   THR A CB  1 
ATOM   724 C  CB  B THR A 1 98  ? 6.036   6.754   -2.499  0.50  23.65 ? 98   THR A CB  1 
ATOM   725 O  OG1 A THR A 1 98  ? 5.011   7.640   -2.397  0.50  14.40 ? 98   THR A OG1 1 
ATOM   726 O  OG1 B THR A 1 98  ? 6.205   6.693   -3.920  0.50  43.96 ? 98   THR A OG1 1 
ATOM   727 C  CG2 A THR A 1 98  ? 6.923   6.761   -3.666  0.50  17.81 ? 98   THR A CG2 1 
ATOM   728 C  CG2 B THR A 1 98  ? 7.310   7.298   -1.880  0.50  33.31 ? 98   THR A CG2 1 
ATOM   729 N  N   . PHE A 1 99  ? 7.121   3.658   -2.901  1.00  17.07 ? 99   PHE A N   1 
ATOM   730 C  CA  . PHE A 1 99  ? 8.285   2.815   -2.967  1.00  17.10 ? 99   PHE A CA  1 
ATOM   731 C  C   . PHE A 1 99  ? 8.672   2.579   -4.413  1.00  16.27 ? 99   PHE A C   1 
ATOM   732 O  O   . PHE A 1 99  ? 7.885   2.856   -5.329  1.00  18.54 ? 99   PHE A O   1 
ATOM   733 C  CB  . PHE A 1 99  ? 8.035   1.497   -2.223  1.00  21.63 ? 99   PHE A CB  1 
ATOM   734 C  CG  . PHE A 1 99  ? 7.022   0.600   -2.892  1.00  21.70 ? 99   PHE A CG  1 
ATOM   735 C  CD1 . PHE A 1 99  ? 5.674   0.717   -2.607  1.00  17.70 ? 99   PHE A CD1 1 
ATOM   736 C  CD2 . PHE A 1 99  ? 7.413   -0.359  -3.810  1.00  19.11 ? 99   PHE A CD2 1 
ATOM   737 C  CE1 . PHE A 1 99  ? 4.741   -0.114  -3.212  1.00  22.14 ? 99   PHE A CE1 1 
ATOM   738 C  CE2 . PHE A 1 99  ? 6.491   -1.166  -4.435  1.00  20.04 ? 99   PHE A CE2 1 
ATOM   739 C  CZ  . PHE A 1 99  ? 5.161   -1.058  -4.136  1.00  18.15 ? 99   PHE A CZ  1 
ATOM   740 N  N   . LYS A 1 100 ? 9.881   2.064   -4.613  1.00  18.71 ? 100  LYS A N   1 
ATOM   741 C  CA  . LYS A 1 100 ? 10.383  1.811   -5.958  1.00  19.51 ? 100  LYS A CA  1 
ATOM   742 C  C   . LYS A 1 100 ? 10.714  0.327   -6.119  1.00  24.46 ? 100  LYS A C   1 
ATOM   743 O  O   . LYS A 1 100 ? 11.078  -0.370  -5.155  1.00  23.28 ? 100  LYS A O   1 
ATOM   744 C  CB  . LYS A 1 100 ? 11.585  2.680   -6.279  1.00  21.95 ? 100  LYS A CB  1 
ATOM   745 C  CG  . LYS A 1 100 ? 11.212  4.141   -6.302  1.00  20.38 ? 100  LYS A CG  1 
ATOM   746 C  CD  . LYS A 1 100 ? 12.327  5.072   -6.689  1.00  26.60 ? 100  LYS A CD  1 
ATOM   747 C  CE  . LYS A 1 100 ? 12.752  4.918   -8.140  1.00  46.03 ? 100  LYS A CE  1 
ATOM   748 N  NZ  . LYS A 1 100 ? 13.620  6.066   -8.587  1.00  48.16 ? 100  LYS A NZ  1 
ATOM   749 N  N   . VAL A 1 101 ? 10.508  -0.162  -7.332  1.00  19.13 ? 101  VAL A N   1 
ATOM   750 C  CA  . VAL A 1 101 ? 10.981  -1.472  -7.742  1.00  23.11 ? 101  VAL A CA  1 
ATOM   751 C  C   . VAL A 1 101 ? 12.200  -1.260  -8.624  1.00  22.29 ? 101  VAL A C   1 
ATOM   752 O  O   . VAL A 1 101 ? 12.119  -0.556  -9.625  1.00  18.55 ? 101  VAL A O   1 
ATOM   753 C  CB  . VAL A 1 101 ? 9.908   -2.252  -8.496  1.00  20.46 ? 101  VAL A CB  1 
ATOM   754 C  CG1 . VAL A 1 101 ? 10.491  -3.541  -9.081  1.00  21.27 ? 101  VAL A CG1 1 
ATOM   755 C  CG2 . VAL A 1 101 ? 8.695   -2.526  -7.567  1.00  19.37 ? 101  VAL A CG2 1 
ATOM   756 N  N   A LYS A 1 102 ? 13.297  -1.895  -8.194  0.50  25.32 ? 102  LYS A N   1 
ATOM   757 N  N   B LYS A 1 102 ? 13.350  -1.795  -8.197  0.50  22.93 ? 102  LYS A N   1 
ATOM   758 C  CA  A LYS A 1 102 ? 14.551  -2.143  -8.936  0.50  29.14 ? 102  LYS A CA  1 
ATOM   759 C  CA  B LYS A 1 102 ? 14.650  -1.592  -8.874  0.50  25.87 ? 102  LYS A CA  1 
ATOM   760 C  C   A LYS A 1 102 ? 14.526  -1.893  -10.443 0.50  25.51 ? 102  LYS A C   1 
ATOM   761 C  C   B LYS A 1 102 ? 14.904  -2.697  -9.889  0.50  23.95 ? 102  LYS A C   1 
ATOM   762 O  O   A LYS A 1 102 ? 15.457  -1.347  -11.034 0.50  31.28 ? 102  LYS A O   1 
ATOM   763 O  O   B LYS A 1 102 ? 13.990  -3.157  -10.542 0.50  19.64 ? 102  LYS A O   1 
ATOM   764 C  CB  A LYS A 1 102 ? 14.963  -3.610  -8.698  0.50  30.50 ? 102  LYS A CB  1 
ATOM   765 C  CB  B LYS A 1 102 ? 15.804  -1.589  -7.848  0.50  24.81 ? 102  LYS A CB  1 
ATOM   766 C  CG  A LYS A 1 102 ? 14.118  -4.575  -9.527  0.50  35.58 ? 102  LYS A CG  1 
ATOM   767 C  CG  B LYS A 1 102 ? 16.090  -0.247  -7.167  0.50  19.98 ? 102  LYS A CG  1 
ATOM   768 C  CD  A LYS A 1 102 ? 14.023  -5.975  -9.003  0.50  28.14 ? 102  LYS A CD  1 
ATOM   769 C  CD  B LYS A 1 102 ? 17.070  0.639   -7.948  0.50  31.22 ? 102  LYS A CD  1 
ATOM   770 C  CE  A LYS A 1 102 ? 12.693  -6.589  -9.415  0.50  25.58 ? 102  LYS A CE  1 
ATOM   771 C  CE  B LYS A 1 102 ? 16.367  1.611   -8.887  0.50  36.42 ? 102  LYS A CE  1 
ATOM   772 N  NZ  A LYS A 1 102 ? 12.402  -7.859  -8.745  0.50  22.29 ? 102  LYS A NZ  1 
ATOM   773 N  NZ  B LYS A 1 102 ? 15.447  2.538   -8.165  0.50  21.06 ? 102  LYS A NZ  1 
ATOM   774 O  OXT A LYS A 1 102 ? 13.583  -2.261  -11.126 0.50  43.30 ? 102  LYS A OXT 1 
ATOM   775 O  OXT B LYS A 1 102 ? 16.036  -3.195  -10.053 0.50  31.22 ? 102  LYS A OXT 1 
HETATM 776 CU CU  . CU  B 2 .   ? 4.752   3.009   -15.589 1.00  18.58 ? 1103 CU  A CU  1 
HETATM 777 CU CU  . CU  C 2 .   ? -9.892  9.158   15.236  0.75  28.09 ? 1104 CU  A CU  1 
HETATM 778 O  O   . HOH D 3 .   ? 1.651   8.018   7.125   1.00  34.06 ? 2001 HOH A O   1 
HETATM 779 O  O   . HOH D 3 .   ? -11.024 14.926  10.987  1.00  40.50 ? 2002 HOH A O   1 
HETATM 780 O  O   . HOH D 3 .   ? -3.668  9.403   11.608  1.00  32.65 ? 2003 HOH A O   1 
HETATM 781 O  O   . HOH D 3 .   ? 5.848   5.106   6.382   1.00  31.83 ? 2004 HOH A O   1 
HETATM 782 O  O   . HOH D 3 .   ? 0.119   7.729   9.408   1.00  29.94 ? 2005 HOH A O   1 
HETATM 783 O  O   . HOH D 3 .   ? 6.926   2.563   5.735   1.00  27.68 ? 2006 HOH A O   1 
HETATM 784 O  O   . HOH D 3 .   ? 8.073   1.378   7.777   1.00  34.35 ? 2007 HOH A O   1 
HETATM 785 O  O   . HOH D 3 .   ? 5.820   -6.635  7.173   1.00  41.33 ? 2008 HOH A O   1 
HETATM 786 O  O   . HOH D 3 .   ? 11.392  -2.326  2.736   1.00  30.78 ? 2009 HOH A O   1 
HETATM 787 O  O   . HOH D 3 .   ? 4.523   8.609   0.466   1.00  36.79 ? 2010 HOH A O   1 
HETATM 788 O  O   . HOH D 3 .   ? 4.456   6.580   4.151   1.00  30.83 ? 2011 HOH A O   1 
HETATM 789 O  O   . HOH D 3 .   ? -11.984 -3.394  15.794  1.00  38.50 ? 2012 HOH A O   1 
HETATM 790 O  O   . HOH D 3 .   ? 11.445  -2.283  -1.263  1.00  36.99 ? 2013 HOH A O   1 
HETATM 791 O  O   . HOH D 3 .   ? 18.258  0.788   -1.404  1.00  62.72 ? 2014 HOH A O   1 
HETATM 792 O  O   . HOH D 3 .   ? 16.029  1.810   -0.087  1.00  33.68 ? 2015 HOH A O   1 
HETATM 793 O  O   . HOH D 3 .   ? 10.241  -6.815  -2.048  1.00  43.96 ? 2016 HOH A O   1 
HETATM 794 O  O   . HOH D 3 .   ? 15.184  -5.757  -2.156  1.00  44.67 ? 2017 HOH A O   1 
HETATM 795 O  O   . HOH D 3 .   ? 5.348   -8.092  -7.858  1.00  28.01 ? 2018 HOH A O   1 
HETATM 796 O  O   . HOH D 3 .   ? 3.871   13.061  -15.156 1.00  41.84 ? 2019 HOH A O   1 
HETATM 797 O  O   . HOH D 3 .   ? 1.547   -10.647 -6.204  1.00  35.44 ? 2020 HOH A O   1 
HETATM 798 O  O   . HOH D 3 .   ? 0.082   9.133   -18.986 1.00  34.04 ? 2021 HOH A O   1 
HETATM 799 O  O   . HOH D 3 .   ? -6.831  9.292   -12.992 1.00  43.57 ? 2022 HOH A O   1 
HETATM 800 O  O   . HOH D 3 .   ? 1.247   -2.564  13.706  1.00  36.63 ? 2023 HOH A O   1 
HETATM 801 O  O   . HOH D 3 .   ? -3.284  4.835   17.572  1.00  39.13 ? 2024 HOH A O   1 
HETATM 802 O  O   . HOH D 3 .   ? -6.686  -8.900  -8.115  1.00  24.20 ? 2025 HOH A O   1 
HETATM 803 O  O   . HOH D 3 .   ? -6.248  0.925   18.939  1.00  42.48 ? 2026 HOH A O   1 
HETATM 804 O  O   . HOH D 3 .   ? -4.653  2.872   19.369  1.00  43.93 ? 2027 HOH A O   1 
HETATM 805 O  O   . HOH D 3 .   ? -10.257 -0.873  16.205  1.00  27.29 ? 2028 HOH A O   1 
HETATM 806 O  O   . HOH D 3 .   ? -6.580  -1.432  18.456  1.00  31.50 ? 2029 HOH A O   1 
HETATM 807 O  O   . HOH D 3 .   ? -7.669  7.013   -0.527  1.00  51.71 ? 2030 HOH A O   1 
HETATM 808 O  O   . HOH D 3 .   ? -4.631  8.101   -8.785  1.00  32.13 ? 2031 HOH A O   1 
HETATM 809 O  O   . HOH D 3 .   ? -13.424 -6.087  10.589  1.00  44.55 ? 2032 HOH A O   1 
HETATM 810 O  O   . HOH D 3 .   ? -11.894 8.644   3.256   1.00  44.19 ? 2033 HOH A O   1 
HETATM 811 O  O   . HOH D 3 .   ? -16.876 -4.103  2.844   1.00  37.72 ? 2034 HOH A O   1 
HETATM 812 O  O   . HOH D 3 .   ? -12.432 -3.247  2.364   0.50  26.45 ? 2035 HOH A O   1 
HETATM 813 O  O   . HOH D 3 .   ? -8.468  -4.633  6.919   0.50  23.92 ? 2036 HOH A O   1 
HETATM 814 O  O   . HOH D 3 .   ? -1.117  12.304  2.612   1.00  51.14 ? 2037 HOH A O   1 
HETATM 815 O  O   . HOH D 3 .   ? -6.253  -2.160  -4.665  1.00  41.83 ? 2038 HOH A O   1 
HETATM 816 O  O   . HOH D 3 .   ? -9.649  -1.461  -1.355  1.00  33.08 ? 2039 HOH A O   1 
HETATM 817 O  O   . HOH D 3 .   ? 6.848   9.213   -8.924  1.00  31.46 ? 2040 HOH A O   1 
HETATM 818 O  O   . HOH D 3 .   ? 11.642  7.272   -12.781 1.00  22.80 ? 2041 HOH A O   1 
HETATM 819 O  O   . HOH D 3 .   ? 15.005  10.177  -18.573 1.00  25.77 ? 2042 HOH A O   1 
HETATM 820 O  O   . HOH D 3 .   ? 14.537  6.922   -12.859 1.00  33.27 ? 2043 HOH A O   1 
HETATM 821 O  O   . HOH D 3 .   ? 4.440   10.661  -19.383 1.00  46.92 ? 2044 HOH A O   1 
HETATM 822 O  O   . HOH D 3 .   ? 11.046  14.012  -10.101 1.00  29.63 ? 2045 HOH A O   1 
HETATM 823 O  O   . HOH D 3 .   ? 5.861   14.465  -13.751 1.00  33.33 ? 2046 HOH A O   1 
HETATM 824 O  O   . HOH D 3 .   ? 5.897   11.281  -10.255 1.00  37.39 ? 2047 HOH A O   1 
HETATM 825 O  O   . HOH D 3 .   ? 3.659   11.024  -11.435 1.00  29.19 ? 2048 HOH A O   1 
HETATM 826 O  O   . HOH D 3 .   ? 5.421   1.142   -17.060 0.50  18.46 ? 2049 HOH A O   1 
HETATM 827 O  O   . HOH D 3 .   ? 1.850   11.103  -18.157 1.00  27.45 ? 2050 HOH A O   1 
HETATM 828 O  O   . HOH D 3 .   ? -4.052  9.408   -12.946 1.00  26.83 ? 2051 HOH A O   1 
HETATM 829 O  O   . HOH D 3 .   ? -5.249  -0.736  -7.206  1.00  26.98 ? 2052 HOH A O   1 
HETATM 830 O  O   . HOH D 3 .   ? -6.206  -10.147 -12.839 1.00  46.06 ? 2053 HOH A O   1 
HETATM 831 O  O   . HOH D 3 .   ? -7.706  -3.495  -8.484  1.00  28.39 ? 2054 HOH A O   1 
HETATM 832 O  O   . HOH D 3 .   ? -9.690  -5.858  -3.136  1.00  40.70 ? 2055 HOH A O   1 
HETATM 833 O  O   . HOH D 3 .   ? -7.998  -4.819  4.941   1.00  56.23 ? 2056 HOH A O   1 
HETATM 834 O  O   . HOH D 3 .   ? -4.032  -11.265 3.782   1.00  42.62 ? 2057 HOH A O   1 
HETATM 835 O  O   . HOH D 3 .   ? -7.277  -5.916  8.974   1.00  41.58 ? 2058 HOH A O   1 
HETATM 836 O  O   . HOH D 3 .   ? -4.204  -9.124  -0.502  1.00  23.35 ? 2059 HOH A O   1 
HETATM 837 O  O   . HOH D 3 .   ? -1.310  -12.450 -1.223  1.00  29.80 ? 2060 HOH A O   1 
HETATM 838 O  O   . HOH D 3 .   ? -4.651  -9.925  -6.351  1.00  23.43 ? 2061 HOH A O   1 
HETATM 839 O  O   . HOH D 3 .   ? 1.845   -12.538 -9.649  1.00  43.80 ? 2062 HOH A O   1 
HETATM 840 O  O   . HOH D 3 .   ? -1.555  -6.079  -11.488 1.00  20.31 ? 2063 HOH A O   1 
HETATM 841 O  O   . HOH D 3 .   ? 5.828   -6.824  -14.731 1.00  19.34 ? 2064 HOH A O   1 
HETATM 842 O  O   . HOH D 3 .   ? 9.723   -6.908  -11.677 1.00  38.57 ? 2065 HOH A O   1 
HETATM 843 O  O   . HOH D 3 .   ? 10.244  -5.797  -15.153 1.00  30.25 ? 2066 HOH A O   1 
HETATM 844 O  O   . HOH D 3 .   ? 11.156  4.965   -11.071 1.00  26.75 ? 2067 HOH A O   1 
HETATM 845 O  O   . HOH D 3 .   ? 9.880   8.314   -8.693  1.00  43.19 ? 2068 HOH A O   1 
HETATM 846 O  O   . HOH D 3 .   ? -2.835  8.156   -6.752  1.00  32.57 ? 2069 HOH A O   1 
HETATM 847 O  O   . HOH D 3 .   ? -8.178  4.514   -1.229  1.00  57.17 ? 2070 HOH A O   1 
HETATM 848 O  O   . HOH D 3 .   ? -10.902 7.132   0.582   1.00  37.81 ? 2071 HOH A O   1 
HETATM 849 O  O   . HOH D 3 .   ? -14.376 7.358   0.142   1.00  45.51 ? 2072 HOH A O   1 
HETATM 850 O  O   . HOH D 3 .   ? -14.723 0.217   2.015   1.00  40.38 ? 2073 HOH A O   1 
HETATM 851 O  O   . HOH D 3 .   ? -8.979  0.240   18.311  1.00  43.70 ? 2074 HOH A O   1 
HETATM 852 O  O   . HOH D 3 .   ? -10.686 8.363   16.667  1.00  32.30 ? 2075 HOH A O   1 
HETATM 853 O  O   . HOH D 3 .   ? -19.288 7.710   13.771  1.00  32.84 ? 2076 HOH A O   1 
HETATM 854 O  O   . HOH D 3 .   ? -10.343 5.047   12.476  1.00  21.93 ? 2077 HOH A O   1 
HETATM 855 O  O   . HOH D 3 .   ? -10.712 10.617  5.310   1.00  34.43 ? 2078 HOH A O   1 
HETATM 856 O  O   . HOH D 3 .   ? -6.760  11.450  6.753   1.00  29.40 ? 2079 HOH A O   1 
HETATM 857 O  O   . HOH D 3 .   ? -2.213  10.286  7.082   1.00  33.49 ? 2080 HOH A O   1 
HETATM 858 O  O   . HOH D 3 .   ? 1.510   6.805   4.592   1.00  27.13 ? 2081 HOH A O   1 
HETATM 859 O  O   . HOH D 3 .   ? 0.781   9.702   3.673   1.00  28.58 ? 2082 HOH A O   1 
HETATM 860 O  O   . HOH D 3 .   ? 10.430  -2.668  -3.773  1.00  34.49 ? 2083 HOH A O   1 
# 
loop_
_atom_site_anisotrop.id 
_atom_site_anisotrop.type_symbol 
_atom_site_anisotrop.pdbx_label_atom_id 
_atom_site_anisotrop.pdbx_label_alt_id 
_atom_site_anisotrop.pdbx_label_comp_id 
_atom_site_anisotrop.pdbx_label_asym_id 
_atom_site_anisotrop.pdbx_label_seq_id 
_atom_site_anisotrop.pdbx_PDB_ins_code 
_atom_site_anisotrop.U[1][1] 
_atom_site_anisotrop.U[2][2] 
_atom_site_anisotrop.U[3][3] 
_atom_site_anisotrop.U[1][2] 
_atom_site_anisotrop.U[1][3] 
_atom_site_anisotrop.U[2][3] 
_atom_site_anisotrop.pdbx_auth_seq_id 
_atom_site_anisotrop.pdbx_auth_comp_id 
_atom_site_anisotrop.pdbx_auth_asym_id 
_atom_site_anisotrop.pdbx_auth_atom_id 
776 CU CU . CU B . ? 0.2217 0.2313 0.2531 0.0087 0.0101  0.0154  1103 CU A CU 
777 CU CU . CU C . ? 0.2833 0.4760 0.3077 0.0593 -0.0975 -0.0672 1104 CU A CU 
# 
loop_
_pdbx_poly_seq_scheme.asym_id 
_pdbx_poly_seq_scheme.entity_id 
_pdbx_poly_seq_scheme.seq_id 
_pdbx_poly_seq_scheme.mon_id 
_pdbx_poly_seq_scheme.ndb_seq_num 
_pdbx_poly_seq_scheme.pdb_seq_num 
_pdbx_poly_seq_scheme.auth_seq_num 
_pdbx_poly_seq_scheme.pdb_mon_id 
_pdbx_poly_seq_scheme.auth_mon_id 
_pdbx_poly_seq_scheme.pdb_strand_id 
_pdbx_poly_seq_scheme.pdb_ins_code 
_pdbx_poly_seq_scheme.hetero 
A 1 1   HIS 1   1   1   HIS HIS A . n 
A 1 2   PRO 2   2   2   PRO PRO A . n 
A 1 3   LYS 3   3   3   LYS LYS A . n 
A 1 4   LEU 4   4   4   LEU LEU A . n 
A 1 5   VAL 5   5   5   VAL VAL A . n 
A 1 6   SER 6   6   6   SER SER A . n 
A 1 7   SER 7   7   7   SER SER A . n 
A 1 8   THR 8   8   8   THR THR A . n 
A 1 9   PRO 9   9   9   PRO PRO A . n 
A 1 10  ALA 10  10  10  ALA ALA A . n 
A 1 11  GLU 11  11  11  GLU GLU A . n 
A 1 12  GLY 12  12  12  GLY GLY A . n 
A 1 13  SER 13  13  13  SER SER A . n 
A 1 14  GLU 14  14  14  GLU GLU A . n 
A 1 15  GLY 15  15  15  GLY GLY A . n 
A 1 16  ALA 16  16  16  ALA ALA A . n 
A 1 17  ALA 17  17  17  ALA ALA A . n 
A 1 18  PRO 18  18  18  PRO PRO A . n 
A 1 19  ALA 19  19  19  ALA ALA A . n 
A 1 20  LYS 20  20  20  LYS LYS A . n 
A 1 21  ILE 21  21  21  ILE ILE A . n 
A 1 22  GLU 22  22  22  GLU GLU A . n 
A 1 23  LEU 23  23  23  LEU LEU A . n 
A 1 24  HIS 24  24  24  HIS HIS A . n 
A 1 25  PHE 25  25  25  PHE PHE A . n 
A 1 26  SER 26  26  26  SER SER A . n 
A 1 27  GLU 27  27  27  GLU GLU A . n 
A 1 28  ASN 28  28  28  ASN ASN A . n 
A 1 29  LEU 29  29  29  LEU LEU A . n 
A 1 30  VAL 30  30  30  VAL VAL A . n 
A 1 31  THR 31  31  31  THR THR A . n 
A 1 32  GLN 32  32  32  GLN GLN A . n 
A 1 33  PHE 33  33  33  PHE PHE A . n 
A 1 34  SER 34  34  34  SER SER A . n 
A 1 35  GLY 35  35  35  GLY GLY A . n 
A 1 36  ALA 36  36  36  ALA ALA A . n 
A 1 37  LYS 37  37  37  LYS LYS A . n 
A 1 38  LEU 38  38  38  LEU LEU A . n 
A 1 39  VAL 39  39  39  VAL VAL A . n 
A 1 40  MET 40  40  40  MET MET A . n 
A 1 41  THR 41  41  41  THR THR A . n 
A 1 42  ALA 42  42  42  ALA ALA A . n 
A 1 43  MET 43  43  43  MET MET A . n 
A 1 44  PRO 44  44  44  PRO PRO A . n 
A 1 45  GLY 45  45  45  GLY GLY A . n 
A 1 46  MET 46  46  46  MET MET A . n 
A 1 47  GLU 47  47  47  GLU GLU A . n 
A 1 48  HIS 48  48  48  HIS HIS A . n 
A 1 49  SER 49  49  49  SER SER A . n 
A 1 50  PRO 50  50  50  PRO PRO A . n 
A 1 51  MET 51  51  51  MET MET A . n 
A 1 52  ALA 52  52  52  ALA ALA A . n 
A 1 53  VAL 53  53  53  VAL VAL A . n 
A 1 54  LYS 54  54  54  LYS LYS A . n 
A 1 55  ALA 55  55  55  ALA ALA A . n 
A 1 56  ALA 56  56  56  ALA ALA A . n 
A 1 57  VAL 57  57  57  VAL VAL A . n 
A 1 58  SER 58  58  58  SER SER A . n 
A 1 59  GLY 59  59  59  GLY GLY A . n 
A 1 60  GLY 60  60  60  GLY GLY A . n 
A 1 61  GLY 61  61  61  GLY GLY A . n 
A 1 62  ASP 62  62  62  ASP ASP A . n 
A 1 63  PRO 63  63  63  PRO PRO A . n 
A 1 64  LYS 64  64  64  LYS LYS A . n 
A 1 65  THR 65  65  65  THR THR A . n 
A 1 66  MET 66  66  66  MET MET A . n 
A 1 67  VAL 67  67  67  VAL VAL A . n 
A 1 68  ILE 68  68  68  ILE ILE A . n 
A 1 69  THR 69  69  69  THR THR A . n 
A 1 70  PRO 70  70  70  PRO PRO A . n 
A 1 71  ALA 71  71  71  ALA ALA A . n 
A 1 72  SER 72  72  72  SER SER A . n 
A 1 73  PRO 73  73  73  PRO PRO A . n 
A 1 74  LEU 74  74  74  LEU LEU A . n 
A 1 75  THR 75  75  75  THR THR A . n 
A 1 76  ALA 76  76  76  ALA ALA A . n 
A 1 77  GLY 77  77  77  GLY GLY A . n 
A 1 78  THR 78  78  78  THR THR A . n 
A 1 79  TYR 79  79  79  TYR TYR A . n 
A 1 80  LYS 80  80  80  LYS LYS A . n 
A 1 81  VAL 81  81  81  VAL VAL A . n 
A 1 82  ASP 82  82  82  ASP ASP A . n 
A 1 83  TRP 83  83  83  TRP TRP A . n 
A 1 84  ARG 84  84  84  ARG ARG A . n 
A 1 85  ALA 85  85  85  ALA ALA A . n 
A 1 86  VAL 86  86  86  VAL VAL A . n 
A 1 87  SER 87  87  87  SER SER A . n 
A 1 88  SER 88  88  88  SER SER A . n 
A 1 89  ASP 89  89  89  ASP ASP A . n 
A 1 90  THR 90  90  90  THR THR A . n 
A 1 91  HIS 91  91  91  HIS HIS A . n 
A 1 92  PRO 92  92  92  PRO PRO A . n 
A 1 93  ILE 93  93  93  ILE ILE A . n 
A 1 94  THR 94  94  94  THR THR A . n 
A 1 95  GLY 95  95  95  GLY GLY A . n 
A 1 96  SER 96  96  96  SER SER A . n 
A 1 97  VAL 97  97  97  VAL VAL A . n 
A 1 98  THR 98  98  98  THR THR A . n 
A 1 99  PHE 99  99  99  PHE PHE A . n 
A 1 100 LYS 100 100 100 LYS LYS A . n 
A 1 101 VAL 101 101 101 VAL VAL A . n 
A 1 102 LYS 102 102 102 LYS LYS A . n 
# 
loop_
_pdbx_nonpoly_scheme.asym_id 
_pdbx_nonpoly_scheme.entity_id 
_pdbx_nonpoly_scheme.mon_id 
_pdbx_nonpoly_scheme.ndb_seq_num 
_pdbx_nonpoly_scheme.pdb_seq_num 
_pdbx_nonpoly_scheme.auth_seq_num 
_pdbx_nonpoly_scheme.pdb_mon_id 
_pdbx_nonpoly_scheme.auth_mon_id 
_pdbx_nonpoly_scheme.pdb_strand_id 
_pdbx_nonpoly_scheme.pdb_ins_code 
B 2 CU  1  1103 1103 CU  CU  A . 
C 2 CU  1  1104 1104 CU  CU  A . 
D 3 HOH 1  2001 2001 HOH HOH A . 
D 3 HOH 2  2002 2002 HOH HOH A . 
D 3 HOH 3  2003 2003 HOH HOH A . 
D 3 HOH 4  2004 2004 HOH HOH A . 
D 3 HOH 5  2005 2005 HOH HOH A . 
D 3 HOH 6  2006 2006 HOH HOH A . 
D 3 HOH 7  2007 2007 HOH HOH A . 
D 3 HOH 8  2008 2008 HOH HOH A . 
D 3 HOH 9  2009 2009 HOH HOH A . 
D 3 HOH 10 2010 2010 HOH HOH A . 
D 3 HOH 11 2011 2011 HOH HOH A . 
D 3 HOH 12 2012 2012 HOH HOH A . 
D 3 HOH 13 2013 2013 HOH HOH A . 
D 3 HOH 14 2014 2014 HOH HOH A . 
D 3 HOH 15 2015 2015 HOH HOH A . 
D 3 HOH 16 2016 2016 HOH HOH A . 
D 3 HOH 17 2017 2017 HOH HOH A . 
D 3 HOH 18 2018 2018 HOH HOH A . 
D 3 HOH 19 2019 2019 HOH HOH A . 
D 3 HOH 20 2020 2020 HOH HOH A . 
D 3 HOH 21 2021 2021 HOH HOH A . 
D 3 HOH 22 2022 2022 HOH HOH A . 
D 3 HOH 23 2023 2023 HOH HOH A . 
D 3 HOH 24 2024 2024 HOH HOH A . 
D 3 HOH 25 2025 2025 HOH HOH A . 
D 3 HOH 26 2026 2026 HOH HOH A . 
D 3 HOH 27 2027 2027 HOH HOH A . 
D 3 HOH 28 2028 2028 HOH HOH A . 
D 3 HOH 29 2029 2029 HOH HOH A . 
D 3 HOH 30 2030 2030 HOH HOH A . 
D 3 HOH 31 2031 2031 HOH HOH A . 
D 3 HOH 32 2032 2032 HOH HOH A . 
D 3 HOH 33 2033 2033 HOH HOH A . 
D 3 HOH 34 2034 2034 HOH HOH A . 
D 3 HOH 35 2035 2035 HOH HOH A . 
D 3 HOH 36 2036 2036 HOH HOH A . 
D 3 HOH 37 2037 2037 HOH HOH A . 
D 3 HOH 38 2038 2038 HOH HOH A . 
D 3 HOH 39 2039 2039 HOH HOH A . 
D 3 HOH 40 2040 2040 HOH HOH A . 
D 3 HOH 41 2041 2041 HOH HOH A . 
D 3 HOH 42 2042 2042 HOH HOH A . 
D 3 HOH 43 2043 2043 HOH HOH A . 
D 3 HOH 44 2044 2044 HOH HOH A . 
D 3 HOH 45 2045 2045 HOH HOH A . 
D 3 HOH 46 2046 2046 HOH HOH A . 
D 3 HOH 47 2047 2047 HOH HOH A . 
D 3 HOH 48 2048 2048 HOH HOH A . 
D 3 HOH 49 2049 2049 HOH HOH A . 
D 3 HOH 50 2050 2050 HOH HOH A . 
D 3 HOH 51 2051 2051 HOH HOH A . 
D 3 HOH 52 2052 2052 HOH HOH A . 
D 3 HOH 53 2053 2053 HOH HOH A . 
D 3 HOH 54 2054 2054 HOH HOH A . 
D 3 HOH 55 2055 2055 HOH HOH A . 
D 3 HOH 56 2056 2056 HOH HOH A . 
D 3 HOH 57 2057 2057 HOH HOH A . 
D 3 HOH 58 2058 2058 HOH HOH A . 
D 3 HOH 59 2059 2059 HOH HOH A . 
D 3 HOH 60 2060 2060 HOH HOH A . 
D 3 HOH 61 2061 2061 HOH HOH A . 
D 3 HOH 62 2062 2062 HOH HOH A . 
D 3 HOH 63 2063 2063 HOH HOH A . 
D 3 HOH 64 2064 2064 HOH HOH A . 
D 3 HOH 65 2065 2065 HOH HOH A . 
D 3 HOH 66 2066 2066 HOH HOH A . 
D 3 HOH 67 2067 2067 HOH HOH A . 
D 3 HOH 68 2068 2068 HOH HOH A . 
D 3 HOH 69 2069 2069 HOH HOH A . 
D 3 HOH 70 2070 2070 HOH HOH A . 
D 3 HOH 71 2071 2071 HOH HOH A . 
D 3 HOH 72 2072 2072 HOH HOH A . 
D 3 HOH 73 2073 2073 HOH HOH A . 
D 3 HOH 74 2074 2074 HOH HOH A . 
D 3 HOH 75 2075 2075 HOH HOH A . 
D 3 HOH 76 2076 2076 HOH HOH A . 
D 3 HOH 77 2077 2077 HOH HOH A . 
D 3 HOH 78 2078 2078 HOH HOH A . 
D 3 HOH 79 2079 2079 HOH HOH A . 
D 3 HOH 80 2080 2080 HOH HOH A . 
D 3 HOH 81 2081 2081 HOH HOH A . 
D 3 HOH 82 2082 2082 HOH HOH A . 
D 3 HOH 83 2083 2083 HOH HOH A . 
# 
_pdbx_struct_assembly.id                   1 
_pdbx_struct_assembly.details              author_and_software_defined_assembly 
_pdbx_struct_assembly.method_details       PQS 
_pdbx_struct_assembly.oligomeric_details   dimeric 
_pdbx_struct_assembly.oligomeric_count     2 
# 
_pdbx_struct_assembly_gen.assembly_id       1 
_pdbx_struct_assembly_gen.oper_expression   1,2 
_pdbx_struct_assembly_gen.asym_id_list      A,B,C,D 
# 
loop_
_pdbx_struct_oper_list.id 
_pdbx_struct_oper_list.type 
_pdbx_struct_oper_list.name 
_pdbx_struct_oper_list.symmetry_operation 
_pdbx_struct_oper_list.matrix[1][1] 
_pdbx_struct_oper_list.matrix[1][2] 
_pdbx_struct_oper_list.matrix[1][3] 
_pdbx_struct_oper_list.vector[1] 
_pdbx_struct_oper_list.matrix[2][1] 
_pdbx_struct_oper_list.matrix[2][2] 
_pdbx_struct_oper_list.matrix[2][3] 
_pdbx_struct_oper_list.vector[2] 
_pdbx_struct_oper_list.matrix[3][1] 
_pdbx_struct_oper_list.matrix[3][2] 
_pdbx_struct_oper_list.matrix[3][3] 
_pdbx_struct_oper_list.vector[3] 
1 'identity operation'         1_555 x,y,z        1.0000000000 0.0000000000 0.0000000000  0.0000000000  0.0000000000 1.0000000000  0.0000000000  0.0000000000  0.0000000000  0.0000000000  1.0000000000  0.0000000000   
2 'crystal symmetry operation' 8_555 -y,-x,-z+1/2 0.5091316879 0.5488544894 -0.6629809001 -9.2763077253 0.5488544894 -0.8003876978 -0.2411188144 -5.0327587604 -0.6629809001 -0.2411188144 -0.7087439901 -25.2819080790 
# 
_pdbx_struct_special_symmetry.id              1 
_pdbx_struct_special_symmetry.PDB_model_num   1 
_pdbx_struct_special_symmetry.auth_asym_id    A 
_pdbx_struct_special_symmetry.auth_comp_id    HOH 
_pdbx_struct_special_symmetry.auth_seq_id     2049 
_pdbx_struct_special_symmetry.PDB_ins_code    ? 
_pdbx_struct_special_symmetry.label_asym_id   D 
_pdbx_struct_special_symmetry.label_comp_id   HOH 
_pdbx_struct_special_symmetry.label_seq_id    . 
# 
loop_
_pdbx_struct_conn_angle.id 
_pdbx_struct_conn_angle.ptnr1_label_atom_id 
_pdbx_struct_conn_angle.ptnr1_label_alt_id 
_pdbx_struct_conn_angle.ptnr1_label_asym_id 
_pdbx_struct_conn_angle.ptnr1_label_comp_id 
_pdbx_struct_conn_angle.ptnr1_label_seq_id 
_pdbx_struct_conn_angle.ptnr1_auth_atom_id 
_pdbx_struct_conn_angle.ptnr1_auth_asym_id 
_pdbx_struct_conn_angle.ptnr1_auth_comp_id 
_pdbx_struct_conn_angle.ptnr1_auth_seq_id 
_pdbx_struct_conn_angle.ptnr1_PDB_ins_code 
_pdbx_struct_conn_angle.ptnr1_symmetry 
_pdbx_struct_conn_angle.ptnr2_label_atom_id 
_pdbx_struct_conn_angle.ptnr2_label_alt_id 
_pdbx_struct_conn_angle.ptnr2_label_asym_id 
_pdbx_struct_conn_angle.ptnr2_label_comp_id 
_pdbx_struct_conn_angle.ptnr2_label_seq_id 
_pdbx_struct_conn_angle.ptnr2_auth_atom_id 
_pdbx_struct_conn_angle.ptnr2_auth_asym_id 
_pdbx_struct_conn_angle.ptnr2_auth_comp_id 
_pdbx_struct_conn_angle.ptnr2_auth_seq_id 
_pdbx_struct_conn_angle.ptnr2_PDB_ins_code 
_pdbx_struct_conn_angle.ptnr2_symmetry 
_pdbx_struct_conn_angle.ptnr3_label_atom_id 
_pdbx_struct_conn_angle.ptnr3_label_alt_id 
_pdbx_struct_conn_angle.ptnr3_label_asym_id 
_pdbx_struct_conn_angle.ptnr3_label_comp_id 
_pdbx_struct_conn_angle.ptnr3_label_seq_id 
_pdbx_struct_conn_angle.ptnr3_auth_atom_id 
_pdbx_struct_conn_angle.ptnr3_auth_asym_id 
_pdbx_struct_conn_angle.ptnr3_auth_comp_id 
_pdbx_struct_conn_angle.ptnr3_auth_seq_id 
_pdbx_struct_conn_angle.ptnr3_PDB_ins_code 
_pdbx_struct_conn_angle.ptnr3_symmetry 
_pdbx_struct_conn_angle.value 
_pdbx_struct_conn_angle.value_esd 
1  ND1 ? A HIS 1  ? A HIS 1    ? 1_555 CU ? C CU . ? A CU 1104 ? 1_555 N   ? A HIS 1  ? A HIS 1    ? 1_555 97.8  ? 
2  ND1 ? A HIS 1  ? A HIS 1    ? 1_555 CU ? C CU . ? A CU 1104 ? 1_555 ND1 ? A HIS 91 ? A HIS 91   ? 1_555 101.8 ? 
3  N   ? A HIS 1  ? A HIS 1    ? 1_555 CU ? C CU . ? A CU 1104 ? 1_555 ND1 ? A HIS 91 ? A HIS 91   ? 1_555 151.8 ? 
4  ND1 ? A HIS 1  ? A HIS 1    ? 1_555 CU ? C CU . ? A CU 1104 ? 1_555 O   ? D HOH .  ? A HOH 2075 ? 1_555 157.6 ? 
5  N   ? A HIS 1  ? A HIS 1    ? 1_555 CU ? C CU . ? A CU 1104 ? 1_555 O   ? D HOH .  ? A HOH 2075 ? 1_555 94.8  ? 
6  ND1 ? A HIS 91 ? A HIS 91   ? 1_555 CU ? C CU . ? A CU 1104 ? 1_555 O   ? D HOH .  ? A HOH 2075 ? 1_555 74.1  ? 
7  SD  ? A MET 40 ? A MET 40   ? 1_555 CU ? B CU . ? A CU 1103 ? 1_555 NE2 ? A HIS 48 ? A HIS 48   ? 1_555 117.4 ? 
8  SD  ? A MET 40 ? A MET 40   ? 1_555 CU ? B CU . ? A CU 1103 ? 1_555 O   ? D HOH .  ? A HOH 2049 ? 1_555 91.1  ? 
9  NE2 ? A HIS 48 ? A HIS 48   ? 1_555 CU ? B CU . ? A CU 1103 ? 1_555 O   ? D HOH .  ? A HOH 2049 ? 1_555 150.8 ? 
10 SD  ? A MET 40 ? A MET 40   ? 1_555 CU ? B CU . ? A CU 1103 ? 1_555 O   ? D HOH .  ? A HOH 2049 ? 8_555 91.1  ? 
11 NE2 ? A HIS 48 ? A HIS 48   ? 1_555 CU ? B CU . ? A CU 1103 ? 1_555 O   ? D HOH .  ? A HOH 2049 ? 8_555 150.8 ? 
12 O   ? D HOH .  ? A HOH 2049 ? 1_555 CU ? B CU . ? A CU 1103 ? 1_555 O   ? D HOH .  ? A HOH 2049 ? 8_555 0.0   ? 
# 
loop_
_pdbx_audit_revision_history.ordinal 
_pdbx_audit_revision_history.data_content_type 
_pdbx_audit_revision_history.major_revision 
_pdbx_audit_revision_history.minor_revision 
_pdbx_audit_revision_history.revision_date 
1 'Structure model' 1 0 2006-05-03 
2 'Structure model' 1 1 2011-05-08 
3 'Structure model' 1 2 2011-07-13 
4 'Structure model' 1 3 2023-12-13 
# 
_pdbx_audit_revision_details.ordinal             1 
_pdbx_audit_revision_details.revision_ordinal    1 
_pdbx_audit_revision_details.data_content_type   'Structure model' 
_pdbx_audit_revision_details.provider            repository 
_pdbx_audit_revision_details.type                'Initial release' 
_pdbx_audit_revision_details.description         ? 
_pdbx_audit_revision_details.details             ? 
# 
loop_
_pdbx_audit_revision_group.ordinal 
_pdbx_audit_revision_group.revision_ordinal 
_pdbx_audit_revision_group.data_content_type 
_pdbx_audit_revision_group.group 
1 2 'Structure model' 'Version format compliance' 
2 3 'Structure model' 'Version format compliance' 
3 4 'Structure model' 'Data collection'           
4 4 'Structure model' 'Database references'       
5 4 'Structure model' 'Derived calculations'      
6 4 'Structure model' Other                       
7 4 'Structure model' 'Refinement description'    
# 
loop_
_pdbx_audit_revision_category.ordinal 
_pdbx_audit_revision_category.revision_ordinal 
_pdbx_audit_revision_category.data_content_type 
_pdbx_audit_revision_category.category 
1 4 'Structure model' chem_comp_atom                
2 4 'Structure model' chem_comp_bond                
3 4 'Structure model' database_2                    
4 4 'Structure model' pdbx_database_status          
5 4 'Structure model' pdbx_initial_refinement_model 
6 4 'Structure model' pdbx_struct_conn_angle        
7 4 'Structure model' struct_conn                   
# 
loop_
_pdbx_audit_revision_item.ordinal 
_pdbx_audit_revision_item.revision_ordinal 
_pdbx_audit_revision_item.data_content_type 
_pdbx_audit_revision_item.item 
1  4 'Structure model' '_database_2.pdbx_DOI'                        
2  4 'Structure model' '_database_2.pdbx_database_accession'         
3  4 'Structure model' '_pdbx_database_status.status_code_sf'        
4  4 'Structure model' '_pdbx_struct_conn_angle.ptnr1_auth_comp_id'  
5  4 'Structure model' '_pdbx_struct_conn_angle.ptnr1_auth_seq_id'   
6  4 'Structure model' '_pdbx_struct_conn_angle.ptnr1_label_asym_id' 
7  4 'Structure model' '_pdbx_struct_conn_angle.ptnr1_label_atom_id' 
8  4 'Structure model' '_pdbx_struct_conn_angle.ptnr1_label_comp_id' 
9  4 'Structure model' '_pdbx_struct_conn_angle.ptnr1_label_seq_id'  
10 4 'Structure model' '_pdbx_struct_conn_angle.ptnr1_symmetry'      
11 4 'Structure model' '_pdbx_struct_conn_angle.ptnr2_auth_seq_id'   
12 4 'Structure model' '_pdbx_struct_conn_angle.ptnr2_label_asym_id' 
13 4 'Structure model' '_pdbx_struct_conn_angle.ptnr3_auth_comp_id'  
14 4 'Structure model' '_pdbx_struct_conn_angle.ptnr3_auth_seq_id'   
15 4 'Structure model' '_pdbx_struct_conn_angle.ptnr3_label_asym_id' 
16 4 'Structure model' '_pdbx_struct_conn_angle.ptnr3_label_atom_id' 
17 4 'Structure model' '_pdbx_struct_conn_angle.ptnr3_label_comp_id' 
18 4 'Structure model' '_pdbx_struct_conn_angle.ptnr3_label_seq_id'  
19 4 'Structure model' '_pdbx_struct_conn_angle.ptnr3_symmetry'      
20 4 'Structure model' '_pdbx_struct_conn_angle.value'               
21 4 'Structure model' '_struct_conn.pdbx_dist_value'                
22 4 'Structure model' '_struct_conn.ptnr1_auth_comp_id'             
23 4 'Structure model' '_struct_conn.ptnr1_auth_seq_id'              
24 4 'Structure model' '_struct_conn.ptnr1_label_asym_id'            
25 4 'Structure model' '_struct_conn.ptnr1_label_atom_id'            
26 4 'Structure model' '_struct_conn.ptnr1_label_comp_id'            
27 4 'Structure model' '_struct_conn.ptnr1_label_seq_id'             
28 4 'Structure model' '_struct_conn.ptnr2_auth_comp_id'             
29 4 'Structure model' '_struct_conn.ptnr2_auth_seq_id'              
30 4 'Structure model' '_struct_conn.ptnr2_label_asym_id'            
31 4 'Structure model' '_struct_conn.ptnr2_label_atom_id'            
32 4 'Structure model' '_struct_conn.ptnr2_label_comp_id'            
33 4 'Structure model' '_struct_conn.ptnr2_label_seq_id'             
34 4 'Structure model' '_struct_conn.ptnr2_symmetry'                 
# 
_pdbx_refine_tls.pdbx_refine_id   'X-RAY DIFFRACTION' 
_pdbx_refine_tls.id               1 
_pdbx_refine_tls.details          ? 
_pdbx_refine_tls.method           refined 
_pdbx_refine_tls.origin_x         -0.3599 
_pdbx_refine_tls.origin_y         0.4602 
_pdbx_refine_tls.origin_z         0.3546 
_pdbx_refine_tls.T[1][1]          -0.0167 
_pdbx_refine_tls.T[2][2]          0.0100 
_pdbx_refine_tls.T[3][3]          -0.0267 
_pdbx_refine_tls.T[1][2]          0.0121 
_pdbx_refine_tls.T[1][3]          -0.0337 
_pdbx_refine_tls.T[2][3]          -0.0005 
_pdbx_refine_tls.L[1][1]          0.6871 
_pdbx_refine_tls.L[2][2]          0.5200 
_pdbx_refine_tls.L[3][3]          1.9247 
_pdbx_refine_tls.L[1][2]          -0.5283 
_pdbx_refine_tls.L[1][3]          -1.0126 
_pdbx_refine_tls.L[2][3]          0.5570 
_pdbx_refine_tls.S[1][1]          -0.0692 
_pdbx_refine_tls.S[1][2]          -0.1182 
_pdbx_refine_tls.S[1][3]          0.1210 
_pdbx_refine_tls.S[2][1]          0.0816 
_pdbx_refine_tls.S[2][2]          0.1487 
_pdbx_refine_tls.S[2][3]          -0.0743 
_pdbx_refine_tls.S[3][1]          0.2312 
_pdbx_refine_tls.S[3][2]          0.1941 
_pdbx_refine_tls.S[3][3]          -0.0794 
# 
_pdbx_refine_tls_group.pdbx_refine_id      'X-RAY DIFFRACTION' 
_pdbx_refine_tls_group.id                  1 
_pdbx_refine_tls_group.refine_tls_id       1 
_pdbx_refine_tls_group.beg_auth_asym_id    A 
_pdbx_refine_tls_group.beg_auth_seq_id     1 
_pdbx_refine_tls_group.beg_label_asym_id   ? 
_pdbx_refine_tls_group.beg_label_seq_id    ? 
_pdbx_refine_tls_group.end_auth_asym_id    A 
_pdbx_refine_tls_group.end_auth_seq_id     102 
_pdbx_refine_tls_group.end_label_asym_id   ? 
_pdbx_refine_tls_group.end_label_seq_id    ? 
_pdbx_refine_tls_group.selection           ? 
_pdbx_refine_tls_group.selection_details   ? 
# 
loop_
_software.name 
_software.classification 
_software.version 
_software.citation_id 
_software.pdbx_ordinal 
REFMAC    refinement       5.0 ? 1 
DENZO     'data reduction' .   ? 2 
SCALEPACK 'data scaling'   .   ? 3 
PHASER    phasing          .   ? 4 
# 
_pdbx_entry_details.entry_id                 2C9Q 
_pdbx_entry_details.compound_details         
;FACILITATES COPPER RESISTANCE BY SEQUESTRATION OF COPPER
 IN THE PERIPLASM ALONG WITH THE COPPER-BINDING PROTEIN COPA.
;
_pdbx_entry_details.source_details           ? 
_pdbx_entry_details.nonpolymer_details       ? 
_pdbx_entry_details.sequence_details         ? 
_pdbx_entry_details.has_ligand_of_interest   ? 
# 
_pdbx_validate_close_contact.id               1 
_pdbx_validate_close_contact.PDB_model_num    1 
_pdbx_validate_close_contact.auth_atom_id_1   OD2 
_pdbx_validate_close_contact.auth_asym_id_1   A 
_pdbx_validate_close_contact.auth_comp_id_1   ASP 
_pdbx_validate_close_contact.auth_seq_id_1    89 
_pdbx_validate_close_contact.PDB_ins_code_1   ? 
_pdbx_validate_close_contact.label_alt_id_1   ? 
_pdbx_validate_close_contact.auth_atom_id_2   O 
_pdbx_validate_close_contact.auth_asym_id_2   A 
_pdbx_validate_close_contact.auth_comp_id_2   HOH 
_pdbx_validate_close_contact.auth_seq_id_2    2075 
_pdbx_validate_close_contact.PDB_ins_code_2   ? 
_pdbx_validate_close_contact.label_alt_id_2   ? 
_pdbx_validate_close_contact.dist             2.14 
# 
_pdbx_validate_torsion.id              1 
_pdbx_validate_torsion.PDB_model_num   1 
_pdbx_validate_torsion.auth_comp_id    THR 
_pdbx_validate_torsion.auth_asym_id    A 
_pdbx_validate_torsion.auth_seq_id     90 
_pdbx_validate_torsion.PDB_ins_code    ? 
_pdbx_validate_torsion.label_alt_id    ? 
_pdbx_validate_torsion.phi             75.07 
_pdbx_validate_torsion.psi             -1.70 
# 
loop_
_chem_comp_atom.comp_id 
_chem_comp_atom.atom_id 
_chem_comp_atom.type_symbol 
_chem_comp_atom.pdbx_aromatic_flag 
_chem_comp_atom.pdbx_stereo_config 
_chem_comp_atom.pdbx_ordinal 
ALA N    N  N N 1   
ALA CA   C  N S 2   
ALA C    C  N N 3   
ALA O    O  N N 4   
ALA CB   C  N N 5   
ALA OXT  O  N N 6   
ALA H    H  N N 7   
ALA H2   H  N N 8   
ALA HA   H  N N 9   
ALA HB1  H  N N 10  
ALA HB2  H  N N 11  
ALA HB3  H  N N 12  
ALA HXT  H  N N 13  
ARG N    N  N N 14  
ARG CA   C  N S 15  
ARG C    C  N N 16  
ARG O    O  N N 17  
ARG CB   C  N N 18  
ARG CG   C  N N 19  
ARG CD   C  N N 20  
ARG NE   N  N N 21  
ARG CZ   C  N N 22  
ARG NH1  N  N N 23  
ARG NH2  N  N N 24  
ARG OXT  O  N N 25  
ARG H    H  N N 26  
ARG H2   H  N N 27  
ARG HA   H  N N 28  
ARG HB2  H  N N 29  
ARG HB3  H  N N 30  
ARG HG2  H  N N 31  
ARG HG3  H  N N 32  
ARG HD2  H  N N 33  
ARG HD3  H  N N 34  
ARG HE   H  N N 35  
ARG HH11 H  N N 36  
ARG HH12 H  N N 37  
ARG HH21 H  N N 38  
ARG HH22 H  N N 39  
ARG HXT  H  N N 40  
ASN N    N  N N 41  
ASN CA   C  N S 42  
ASN C    C  N N 43  
ASN O    O  N N 44  
ASN CB   C  N N 45  
ASN CG   C  N N 46  
ASN OD1  O  N N 47  
ASN ND2  N  N N 48  
ASN OXT  O  N N 49  
ASN H    H  N N 50  
ASN H2   H  N N 51  
ASN HA   H  N N 52  
ASN HB2  H  N N 53  
ASN HB3  H  N N 54  
ASN HD21 H  N N 55  
ASN HD22 H  N N 56  
ASN HXT  H  N N 57  
ASP N    N  N N 58  
ASP CA   C  N S 59  
ASP C    C  N N 60  
ASP O    O  N N 61  
ASP CB   C  N N 62  
ASP CG   C  N N 63  
ASP OD1  O  N N 64  
ASP OD2  O  N N 65  
ASP OXT  O  N N 66  
ASP H    H  N N 67  
ASP H2   H  N N 68  
ASP HA   H  N N 69  
ASP HB2  H  N N 70  
ASP HB3  H  N N 71  
ASP HD2  H  N N 72  
ASP HXT  H  N N 73  
CU  CU   CU N N 74  
GLN N    N  N N 75  
GLN CA   C  N S 76  
GLN C    C  N N 77  
GLN O    O  N N 78  
GLN CB   C  N N 79  
GLN CG   C  N N 80  
GLN CD   C  N N 81  
GLN OE1  O  N N 82  
GLN NE2  N  N N 83  
GLN OXT  O  N N 84  
GLN H    H  N N 85  
GLN H2   H  N N 86  
GLN HA   H  N N 87  
GLN HB2  H  N N 88  
GLN HB3  H  N N 89  
GLN HG2  H  N N 90  
GLN HG3  H  N N 91  
GLN HE21 H  N N 92  
GLN HE22 H  N N 93  
GLN HXT  H  N N 94  
GLU N    N  N N 95  
GLU CA   C  N S 96  
GLU C    C  N N 97  
GLU O    O  N N 98  
GLU CB   C  N N 99  
GLU CG   C  N N 100 
GLU CD   C  N N 101 
GLU OE1  O  N N 102 
GLU OE2  O  N N 103 
GLU OXT  O  N N 104 
GLU H    H  N N 105 
GLU H2   H  N N 106 
GLU HA   H  N N 107 
GLU HB2  H  N N 108 
GLU HB3  H  N N 109 
GLU HG2  H  N N 110 
GLU HG3  H  N N 111 
GLU HE2  H  N N 112 
GLU HXT  H  N N 113 
GLY N    N  N N 114 
GLY CA   C  N N 115 
GLY C    C  N N 116 
GLY O    O  N N 117 
GLY OXT  O  N N 118 
GLY H    H  N N 119 
GLY H2   H  N N 120 
GLY HA2  H  N N 121 
GLY HA3  H  N N 122 
GLY HXT  H  N N 123 
HIS N    N  N N 124 
HIS CA   C  N S 125 
HIS C    C  N N 126 
HIS O    O  N N 127 
HIS CB   C  N N 128 
HIS CG   C  Y N 129 
HIS ND1  N  Y N 130 
HIS CD2  C  Y N 131 
HIS CE1  C  Y N 132 
HIS NE2  N  Y N 133 
HIS OXT  O  N N 134 
HIS H    H  N N 135 
HIS H2   H  N N 136 
HIS HA   H  N N 137 
HIS HB2  H  N N 138 
HIS HB3  H  N N 139 
HIS HD1  H  N N 140 
HIS HD2  H  N N 141 
HIS HE1  H  N N 142 
HIS HE2  H  N N 143 
HIS HXT  H  N N 144 
HOH O    O  N N 145 
HOH H1   H  N N 146 
HOH H2   H  N N 147 
ILE N    N  N N 148 
ILE CA   C  N S 149 
ILE C    C  N N 150 
ILE O    O  N N 151 
ILE CB   C  N S 152 
ILE CG1  C  N N 153 
ILE CG2  C  N N 154 
ILE CD1  C  N N 155 
ILE OXT  O  N N 156 
ILE H    H  N N 157 
ILE H2   H  N N 158 
ILE HA   H  N N 159 
ILE HB   H  N N 160 
ILE HG12 H  N N 161 
ILE HG13 H  N N 162 
ILE HG21 H  N N 163 
ILE HG22 H  N N 164 
ILE HG23 H  N N 165 
ILE HD11 H  N N 166 
ILE HD12 H  N N 167 
ILE HD13 H  N N 168 
ILE HXT  H  N N 169 
LEU N    N  N N 170 
LEU CA   C  N S 171 
LEU C    C  N N 172 
LEU O    O  N N 173 
LEU CB   C  N N 174 
LEU CG   C  N N 175 
LEU CD1  C  N N 176 
LEU CD2  C  N N 177 
LEU OXT  O  N N 178 
LEU H    H  N N 179 
LEU H2   H  N N 180 
LEU HA   H  N N 181 
LEU HB2  H  N N 182 
LEU HB3  H  N N 183 
LEU HG   H  N N 184 
LEU HD11 H  N N 185 
LEU HD12 H  N N 186 
LEU HD13 H  N N 187 
LEU HD21 H  N N 188 
LEU HD22 H  N N 189 
LEU HD23 H  N N 190 
LEU HXT  H  N N 191 
LYS N    N  N N 192 
LYS CA   C  N S 193 
LYS C    C  N N 194 
LYS O    O  N N 195 
LYS CB   C  N N 196 
LYS CG   C  N N 197 
LYS CD   C  N N 198 
LYS CE   C  N N 199 
LYS NZ   N  N N 200 
LYS OXT  O  N N 201 
LYS H    H  N N 202 
LYS H2   H  N N 203 
LYS HA   H  N N 204 
LYS HB2  H  N N 205 
LYS HB3  H  N N 206 
LYS HG2  H  N N 207 
LYS HG3  H  N N 208 
LYS HD2  H  N N 209 
LYS HD3  H  N N 210 
LYS HE2  H  N N 211 
LYS HE3  H  N N 212 
LYS HZ1  H  N N 213 
LYS HZ2  H  N N 214 
LYS HZ3  H  N N 215 
LYS HXT  H  N N 216 
MET N    N  N N 217 
MET CA   C  N S 218 
MET C    C  N N 219 
MET O    O  N N 220 
MET CB   C  N N 221 
MET CG   C  N N 222 
MET SD   S  N N 223 
MET CE   C  N N 224 
MET OXT  O  N N 225 
MET H    H  N N 226 
MET H2   H  N N 227 
MET HA   H  N N 228 
MET HB2  H  N N 229 
MET HB3  H  N N 230 
MET HG2  H  N N 231 
MET HG3  H  N N 232 
MET HE1  H  N N 233 
MET HE2  H  N N 234 
MET HE3  H  N N 235 
MET HXT  H  N N 236 
PHE N    N  N N 237 
PHE CA   C  N S 238 
PHE C    C  N N 239 
PHE O    O  N N 240 
PHE CB   C  N N 241 
PHE CG   C  Y N 242 
PHE CD1  C  Y N 243 
PHE CD2  C  Y N 244 
PHE CE1  C  Y N 245 
PHE CE2  C  Y N 246 
PHE CZ   C  Y N 247 
PHE OXT  O  N N 248 
PHE H    H  N N 249 
PHE H2   H  N N 250 
PHE HA   H  N N 251 
PHE HB2  H  N N 252 
PHE HB3  H  N N 253 
PHE HD1  H  N N 254 
PHE HD2  H  N N 255 
PHE HE1  H  N N 256 
PHE HE2  H  N N 257 
PHE HZ   H  N N 258 
PHE HXT  H  N N 259 
PRO N    N  N N 260 
PRO CA   C  N S 261 
PRO C    C  N N 262 
PRO O    O  N N 263 
PRO CB   C  N N 264 
PRO CG   C  N N 265 
PRO CD   C  N N 266 
PRO OXT  O  N N 267 
PRO H    H  N N 268 
PRO HA   H  N N 269 
PRO HB2  H  N N 270 
PRO HB3  H  N N 271 
PRO HG2  H  N N 272 
PRO HG3  H  N N 273 
PRO HD2  H  N N 274 
PRO HD3  H  N N 275 
PRO HXT  H  N N 276 
SER N    N  N N 277 
SER CA   C  N S 278 
SER C    C  N N 279 
SER O    O  N N 280 
SER CB   C  N N 281 
SER OG   O  N N 282 
SER OXT  O  N N 283 
SER H    H  N N 284 
SER H2   H  N N 285 
SER HA   H  N N 286 
SER HB2  H  N N 287 
SER HB3  H  N N 288 
SER HG   H  N N 289 
SER HXT  H  N N 290 
THR N    N  N N 291 
THR CA   C  N S 292 
THR C    C  N N 293 
THR O    O  N N 294 
THR CB   C  N R 295 
THR OG1  O  N N 296 
THR CG2  C  N N 297 
THR OXT  O  N N 298 
THR H    H  N N 299 
THR H2   H  N N 300 
THR HA   H  N N 301 
THR HB   H  N N 302 
THR HG1  H  N N 303 
THR HG21 H  N N 304 
THR HG22 H  N N 305 
THR HG23 H  N N 306 
THR HXT  H  N N 307 
TRP N    N  N N 308 
TRP CA   C  N S 309 
TRP C    C  N N 310 
TRP O    O  N N 311 
TRP CB   C  N N 312 
TRP CG   C  Y N 313 
TRP CD1  C  Y N 314 
TRP CD2  C  Y N 315 
TRP NE1  N  Y N 316 
TRP CE2  C  Y N 317 
TRP CE3  C  Y N 318 
TRP CZ2  C  Y N 319 
TRP CZ3  C  Y N 320 
TRP CH2  C  Y N 321 
TRP OXT  O  N N 322 
TRP H    H  N N 323 
TRP H2   H  N N 324 
TRP HA   H  N N 325 
TRP HB2  H  N N 326 
TRP HB3  H  N N 327 
TRP HD1  H  N N 328 
TRP HE1  H  N N 329 
TRP HE3  H  N N 330 
TRP HZ2  H  N N 331 
TRP HZ3  H  N N 332 
TRP HH2  H  N N 333 
TRP HXT  H  N N 334 
TYR N    N  N N 335 
TYR CA   C  N S 336 
TYR C    C  N N 337 
TYR O    O  N N 338 
TYR CB   C  N N 339 
TYR CG   C  Y N 340 
TYR CD1  C  Y N 341 
TYR CD2  C  Y N 342 
TYR CE1  C  Y N 343 
TYR CE2  C  Y N 344 
TYR CZ   C  Y N 345 
TYR OH   O  N N 346 
TYR OXT  O  N N 347 
TYR H    H  N N 348 
TYR H2   H  N N 349 
TYR HA   H  N N 350 
TYR HB2  H  N N 351 
TYR HB3  H  N N 352 
TYR HD1  H  N N 353 
TYR HD2  H  N N 354 
TYR HE1  H  N N 355 
TYR HE2  H  N N 356 
TYR HH   H  N N 357 
TYR HXT  H  N N 358 
VAL N    N  N N 359 
VAL CA   C  N S 360 
VAL C    C  N N 361 
VAL O    O  N N 362 
VAL CB   C  N N 363 
VAL CG1  C  N N 364 
VAL CG2  C  N N 365 
VAL OXT  O  N N 366 
VAL H    H  N N 367 
VAL H2   H  N N 368 
VAL HA   H  N N 369 
VAL HB   H  N N 370 
VAL HG11 H  N N 371 
VAL HG12 H  N N 372 
VAL HG13 H  N N 373 
VAL HG21 H  N N 374 
VAL HG22 H  N N 375 
VAL HG23 H  N N 376 
VAL HXT  H  N N 377 
# 
loop_
_chem_comp_bond.comp_id 
_chem_comp_bond.atom_id_1 
_chem_comp_bond.atom_id_2 
_chem_comp_bond.value_order 
_chem_comp_bond.pdbx_aromatic_flag 
_chem_comp_bond.pdbx_stereo_config 
_chem_comp_bond.pdbx_ordinal 
ALA N   CA   sing N N 1   
ALA N   H    sing N N 2   
ALA N   H2   sing N N 3   
ALA CA  C    sing N N 4   
ALA CA  CB   sing N N 5   
ALA CA  HA   sing N N 6   
ALA C   O    doub N N 7   
ALA C   OXT  sing N N 8   
ALA CB  HB1  sing N N 9   
ALA CB  HB2  sing N N 10  
ALA CB  HB3  sing N N 11  
ALA OXT HXT  sing N N 12  
ARG N   CA   sing N N 13  
ARG N   H    sing N N 14  
ARG N   H2   sing N N 15  
ARG CA  C    sing N N 16  
ARG CA  CB   sing N N 17  
ARG CA  HA   sing N N 18  
ARG C   O    doub N N 19  
ARG C   OXT  sing N N 20  
ARG CB  CG   sing N N 21  
ARG CB  HB2  sing N N 22  
ARG CB  HB3  sing N N 23  
ARG CG  CD   sing N N 24  
ARG CG  HG2  sing N N 25  
ARG CG  HG3  sing N N 26  
ARG CD  NE   sing N N 27  
ARG CD  HD2  sing N N 28  
ARG CD  HD3  sing N N 29  
ARG NE  CZ   sing N N 30  
ARG NE  HE   sing N N 31  
ARG CZ  NH1  sing N N 32  
ARG CZ  NH2  doub N N 33  
ARG NH1 HH11 sing N N 34  
ARG NH1 HH12 sing N N 35  
ARG NH2 HH21 sing N N 36  
ARG NH2 HH22 sing N N 37  
ARG OXT HXT  sing N N 38  
ASN N   CA   sing N N 39  
ASN N   H    sing N N 40  
ASN N   H2   sing N N 41  
ASN CA  C    sing N N 42  
ASN CA  CB   sing N N 43  
ASN CA  HA   sing N N 44  
ASN C   O    doub N N 45  
ASN C   OXT  sing N N 46  
ASN CB  CG   sing N N 47  
ASN CB  HB2  sing N N 48  
ASN CB  HB3  sing N N 49  
ASN CG  OD1  doub N N 50  
ASN CG  ND2  sing N N 51  
ASN ND2 HD21 sing N N 52  
ASN ND2 HD22 sing N N 53  
ASN OXT HXT  sing N N 54  
ASP N   CA   sing N N 55  
ASP N   H    sing N N 56  
ASP N   H2   sing N N 57  
ASP CA  C    sing N N 58  
ASP CA  CB   sing N N 59  
ASP CA  HA   sing N N 60  
ASP C   O    doub N N 61  
ASP C   OXT  sing N N 62  
ASP CB  CG   sing N N 63  
ASP CB  HB2  sing N N 64  
ASP CB  HB3  sing N N 65  
ASP CG  OD1  doub N N 66  
ASP CG  OD2  sing N N 67  
ASP OD2 HD2  sing N N 68  
ASP OXT HXT  sing N N 69  
GLN N   CA   sing N N 70  
GLN N   H    sing N N 71  
GLN N   H2   sing N N 72  
GLN CA  C    sing N N 73  
GLN CA  CB   sing N N 74  
GLN CA  HA   sing N N 75  
GLN C   O    doub N N 76  
GLN C   OXT  sing N N 77  
GLN CB  CG   sing N N 78  
GLN CB  HB2  sing N N 79  
GLN CB  HB3  sing N N 80  
GLN CG  CD   sing N N 81  
GLN CG  HG2  sing N N 82  
GLN CG  HG3  sing N N 83  
GLN CD  OE1  doub N N 84  
GLN CD  NE2  sing N N 85  
GLN NE2 HE21 sing N N 86  
GLN NE2 HE22 sing N N 87  
GLN OXT HXT  sing N N 88  
GLU N   CA   sing N N 89  
GLU N   H    sing N N 90  
GLU N   H2   sing N N 91  
GLU CA  C    sing N N 92  
GLU CA  CB   sing N N 93  
GLU CA  HA   sing N N 94  
GLU C   O    doub N N 95  
GLU C   OXT  sing N N 96  
GLU CB  CG   sing N N 97  
GLU CB  HB2  sing N N 98  
GLU CB  HB3  sing N N 99  
GLU CG  CD   sing N N 100 
GLU CG  HG2  sing N N 101 
GLU CG  HG3  sing N N 102 
GLU CD  OE1  doub N N 103 
GLU CD  OE2  sing N N 104 
GLU OE2 HE2  sing N N 105 
GLU OXT HXT  sing N N 106 
GLY N   CA   sing N N 107 
GLY N   H    sing N N 108 
GLY N   H2   sing N N 109 
GLY CA  C    sing N N 110 
GLY CA  HA2  sing N N 111 
GLY CA  HA3  sing N N 112 
GLY C   O    doub N N 113 
GLY C   OXT  sing N N 114 
GLY OXT HXT  sing N N 115 
HIS N   CA   sing N N 116 
HIS N   H    sing N N 117 
HIS N   H2   sing N N 118 
HIS CA  C    sing N N 119 
HIS CA  CB   sing N N 120 
HIS CA  HA   sing N N 121 
HIS C   O    doub N N 122 
HIS C   OXT  sing N N 123 
HIS CB  CG   sing N N 124 
HIS CB  HB2  sing N N 125 
HIS CB  HB3  sing N N 126 
HIS CG  ND1  sing Y N 127 
HIS CG  CD2  doub Y N 128 
HIS ND1 CE1  doub Y N 129 
HIS ND1 HD1  sing N N 130 
HIS CD2 NE2  sing Y N 131 
HIS CD2 HD2  sing N N 132 
HIS CE1 NE2  sing Y N 133 
HIS CE1 HE1  sing N N 134 
HIS NE2 HE2  sing N N 135 
HIS OXT HXT  sing N N 136 
HOH O   H1   sing N N 137 
HOH O   H2   sing N N 138 
ILE N   CA   sing N N 139 
ILE N   H    sing N N 140 
ILE N   H2   sing N N 141 
ILE CA  C    sing N N 142 
ILE CA  CB   sing N N 143 
ILE CA  HA   sing N N 144 
ILE C   O    doub N N 145 
ILE C   OXT  sing N N 146 
ILE CB  CG1  sing N N 147 
ILE CB  CG2  sing N N 148 
ILE CB  HB   sing N N 149 
ILE CG1 CD1  sing N N 150 
ILE CG1 HG12 sing N N 151 
ILE CG1 HG13 sing N N 152 
ILE CG2 HG21 sing N N 153 
ILE CG2 HG22 sing N N 154 
ILE CG2 HG23 sing N N 155 
ILE CD1 HD11 sing N N 156 
ILE CD1 HD12 sing N N 157 
ILE CD1 HD13 sing N N 158 
ILE OXT HXT  sing N N 159 
LEU N   CA   sing N N 160 
LEU N   H    sing N N 161 
LEU N   H2   sing N N 162 
LEU CA  C    sing N N 163 
LEU CA  CB   sing N N 164 
LEU CA  HA   sing N N 165 
LEU C   O    doub N N 166 
LEU C   OXT  sing N N 167 
LEU CB  CG   sing N N 168 
LEU CB  HB2  sing N N 169 
LEU CB  HB3  sing N N 170 
LEU CG  CD1  sing N N 171 
LEU CG  CD2  sing N N 172 
LEU CG  HG   sing N N 173 
LEU CD1 HD11 sing N N 174 
LEU CD1 HD12 sing N N 175 
LEU CD1 HD13 sing N N 176 
LEU CD2 HD21 sing N N 177 
LEU CD2 HD22 sing N N 178 
LEU CD2 HD23 sing N N 179 
LEU OXT HXT  sing N N 180 
LYS N   CA   sing N N 181 
LYS N   H    sing N N 182 
LYS N   H2   sing N N 183 
LYS CA  C    sing N N 184 
LYS CA  CB   sing N N 185 
LYS CA  HA   sing N N 186 
LYS C   O    doub N N 187 
LYS C   OXT  sing N N 188 
LYS CB  CG   sing N N 189 
LYS CB  HB2  sing N N 190 
LYS CB  HB3  sing N N 191 
LYS CG  CD   sing N N 192 
LYS CG  HG2  sing N N 193 
LYS CG  HG3  sing N N 194 
LYS CD  CE   sing N N 195 
LYS CD  HD2  sing N N 196 
LYS CD  HD3  sing N N 197 
LYS CE  NZ   sing N N 198 
LYS CE  HE2  sing N N 199 
LYS CE  HE3  sing N N 200 
LYS NZ  HZ1  sing N N 201 
LYS NZ  HZ2  sing N N 202 
LYS NZ  HZ3  sing N N 203 
LYS OXT HXT  sing N N 204 
MET N   CA   sing N N 205 
MET N   H    sing N N 206 
MET N   H2   sing N N 207 
MET CA  C    sing N N 208 
MET CA  CB   sing N N 209 
MET CA  HA   sing N N 210 
MET C   O    doub N N 211 
MET C   OXT  sing N N 212 
MET CB  CG   sing N N 213 
MET CB  HB2  sing N N 214 
MET CB  HB3  sing N N 215 
MET CG  SD   sing N N 216 
MET CG  HG2  sing N N 217 
MET CG  HG3  sing N N 218 
MET SD  CE   sing N N 219 
MET CE  HE1  sing N N 220 
MET CE  HE2  sing N N 221 
MET CE  HE3  sing N N 222 
MET OXT HXT  sing N N 223 
PHE N   CA   sing N N 224 
PHE N   H    sing N N 225 
PHE N   H2   sing N N 226 
PHE CA  C    sing N N 227 
PHE CA  CB   sing N N 228 
PHE CA  HA   sing N N 229 
PHE C   O    doub N N 230 
PHE C   OXT  sing N N 231 
PHE CB  CG   sing N N 232 
PHE CB  HB2  sing N N 233 
PHE CB  HB3  sing N N 234 
PHE CG  CD1  doub Y N 235 
PHE CG  CD2  sing Y N 236 
PHE CD1 CE1  sing Y N 237 
PHE CD1 HD1  sing N N 238 
PHE CD2 CE2  doub Y N 239 
PHE CD2 HD2  sing N N 240 
PHE CE1 CZ   doub Y N 241 
PHE CE1 HE1  sing N N 242 
PHE CE2 CZ   sing Y N 243 
PHE CE2 HE2  sing N N 244 
PHE CZ  HZ   sing N N 245 
PHE OXT HXT  sing N N 246 
PRO N   CA   sing N N 247 
PRO N   CD   sing N N 248 
PRO N   H    sing N N 249 
PRO CA  C    sing N N 250 
PRO CA  CB   sing N N 251 
PRO CA  HA   sing N N 252 
PRO C   O    doub N N 253 
PRO C   OXT  sing N N 254 
PRO CB  CG   sing N N 255 
PRO CB  HB2  sing N N 256 
PRO CB  HB3  sing N N 257 
PRO CG  CD   sing N N 258 
PRO CG  HG2  sing N N 259 
PRO CG  HG3  sing N N 260 
PRO CD  HD2  sing N N 261 
PRO CD  HD3  sing N N 262 
PRO OXT HXT  sing N N 263 
SER N   CA   sing N N 264 
SER N   H    sing N N 265 
SER N   H2   sing N N 266 
SER CA  C    sing N N 267 
SER CA  CB   sing N N 268 
SER CA  HA   sing N N 269 
SER C   O    doub N N 270 
SER C   OXT  sing N N 271 
SER CB  OG   sing N N 272 
SER CB  HB2  sing N N 273 
SER CB  HB3  sing N N 274 
SER OG  HG   sing N N 275 
SER OXT HXT  sing N N 276 
THR N   CA   sing N N 277 
THR N   H    sing N N 278 
THR N   H2   sing N N 279 
THR CA  C    sing N N 280 
THR CA  CB   sing N N 281 
THR CA  HA   sing N N 282 
THR C   O    doub N N 283 
THR C   OXT  sing N N 284 
THR CB  OG1  sing N N 285 
THR CB  CG2  sing N N 286 
THR CB  HB   sing N N 287 
THR OG1 HG1  sing N N 288 
THR CG2 HG21 sing N N 289 
THR CG2 HG22 sing N N 290 
THR CG2 HG23 sing N N 291 
THR OXT HXT  sing N N 292 
TRP N   CA   sing N N 293 
TRP N   H    sing N N 294 
TRP N   H2   sing N N 295 
TRP CA  C    sing N N 296 
TRP CA  CB   sing N N 297 
TRP CA  HA   sing N N 298 
TRP C   O    doub N N 299 
TRP C   OXT  sing N N 300 
TRP CB  CG   sing N N 301 
TRP CB  HB2  sing N N 302 
TRP CB  HB3  sing N N 303 
TRP CG  CD1  doub Y N 304 
TRP CG  CD2  sing Y N 305 
TRP CD1 NE1  sing Y N 306 
TRP CD1 HD1  sing N N 307 
TRP CD2 CE2  doub Y N 308 
TRP CD2 CE3  sing Y N 309 
TRP NE1 CE2  sing Y N 310 
TRP NE1 HE1  sing N N 311 
TRP CE2 CZ2  sing Y N 312 
TRP CE3 CZ3  doub Y N 313 
TRP CE3 HE3  sing N N 314 
TRP CZ2 CH2  doub Y N 315 
TRP CZ2 HZ2  sing N N 316 
TRP CZ3 CH2  sing Y N 317 
TRP CZ3 HZ3  sing N N 318 
TRP CH2 HH2  sing N N 319 
TRP OXT HXT  sing N N 320 
TYR N   CA   sing N N 321 
TYR N   H    sing N N 322 
TYR N   H2   sing N N 323 
TYR CA  C    sing N N 324 
TYR CA  CB   sing N N 325 
TYR CA  HA   sing N N 326 
TYR C   O    doub N N 327 
TYR C   OXT  sing N N 328 
TYR CB  CG   sing N N 329 
TYR CB  HB2  sing N N 330 
TYR CB  HB3  sing N N 331 
TYR CG  CD1  doub Y N 332 
TYR CG  CD2  sing Y N 333 
TYR CD1 CE1  sing Y N 334 
TYR CD1 HD1  sing N N 335 
TYR CD2 CE2  doub Y N 336 
TYR CD2 HD2  sing N N 337 
TYR CE1 CZ   doub Y N 338 
TYR CE1 HE1  sing N N 339 
TYR CE2 CZ   sing Y N 340 
TYR CE2 HE2  sing N N 341 
TYR CZ  OH   sing N N 342 
TYR OH  HH   sing N N 343 
TYR OXT HXT  sing N N 344 
VAL N   CA   sing N N 345 
VAL N   H    sing N N 346 
VAL N   H2   sing N N 347 
VAL CA  C    sing N N 348 
VAL CA  CB   sing N N 349 
VAL CA  HA   sing N N 350 
VAL C   O    doub N N 351 
VAL C   OXT  sing N N 352 
VAL CB  CG1  sing N N 353 
VAL CB  CG2  sing N N 354 
VAL CB  HB   sing N N 355 
VAL CG1 HG11 sing N N 356 
VAL CG1 HG12 sing N N 357 
VAL CG1 HG13 sing N N 358 
VAL CG2 HG21 sing N N 359 
VAL CG2 HG22 sing N N 360 
VAL CG2 HG23 sing N N 361 
VAL OXT HXT  sing N N 362 
# 
loop_
_pdbx_entity_nonpoly.entity_id 
_pdbx_entity_nonpoly.name 
_pdbx_entity_nonpoly.comp_id 
2 'COPPER (II) ION' CU  
3 water             HOH 
# 
_pdbx_initial_refinement_model.id               1 
_pdbx_initial_refinement_model.entity_id_list   ? 
_pdbx_initial_refinement_model.type             'experimental model' 
_pdbx_initial_refinement_model.source_name      PDB 
_pdbx_initial_refinement_model.accession_code   2C9P 
_pdbx_initial_refinement_model.details          'PDB ENTRY 2C9P' 
# 
